data_1IQZ
# 
_entry.id   1IQZ 
# 
_audit_conform.dict_name       mmcif_pdbx.dic 
_audit_conform.dict_version    5.380 
_audit_conform.dict_location   http://mmcif.pdb.org/dictionaries/ascii/mmcif_pdbx.dic 
# 
loop_
_database_2.database_id 
_database_2.database_code 
_database_2.pdbx_database_accession 
_database_2.pdbx_DOI 
PDB   1IQZ         pdb_00001iqz 10.2210/pdb1iqz/pdb 
RCSB  RCSB005199   ?            ?                   
WWPDB D_1000005199 ?            ?                   
# 
_pdbx_database_PDB_obs_spr.id               SPRSDE 
_pdbx_database_PDB_obs_spr.date             2002-02-13 
_pdbx_database_PDB_obs_spr.pdb_id           1IQZ 
_pdbx_database_PDB_obs_spr.replace_pdb_id   2FXB 
_pdbx_database_PDB_obs_spr.details          ? 
# 
_pdbx_database_related.db_name        PDB 
_pdbx_database_related.db_id          1IR0 
_pdbx_database_related.details        '1IR0 contains OXIDIZED [4Fe-4S] FERREDOXIN (FORM II)' 
_pdbx_database_related.content_type   unspecified 
# 
_pdbx_database_status.status_code                     REL 
_pdbx_database_status.entry_id                        1IQZ 
_pdbx_database_status.recvd_initial_deposition_date   2001-08-30 
_pdbx_database_status.deposit_site                    PDBJ 
_pdbx_database_status.process_site                    PDBJ 
_pdbx_database_status.status_code_sf                  REL 
_pdbx_database_status.SG_entry                        . 
_pdbx_database_status.pdb_format_compatible           Y 
_pdbx_database_status.status_code_mr                  ? 
_pdbx_database_status.status_code_cs                  ? 
_pdbx_database_status.status_code_nmr_data            ? 
_pdbx_database_status.methods_development_category    ? 
# 
loop_
_audit_author.name 
_audit_author.pdbx_ordinal 
'Fukuyama, K.'  1 
'Okada, T.'     2 
'Kakuta, Y.'    3 
'Takahashi, Y.' 4 
# 
loop_
_citation.id 
_citation.title 
_citation.journal_abbrev 
_citation.journal_volume 
_citation.page_first 
_citation.page_last 
_citation.year 
_citation.journal_id_ASTM 
_citation.country 
_citation.journal_id_ISSN 
_citation.journal_id_CSD 
_citation.book_publisher 
_citation.pdbx_database_id_PubMed 
_citation.pdbx_database_id_DOI 
primary 
;Atomic resolution structures of oxidized [4Fe-4S] ferredoxin from Bacillus thermoproteolyticus in two crystal forms: systematic distortion of [4Fe-4S] cluster in the protein.
;
J.Mol.Biol. 315 1155 1166 2002 JMOBAK UK 0022-2836 0070 ? 11827483 10.1006/jmbi.2001.5292 
1       
;Structure of [4Fe-4S] ferredoxin from Bacillus thermoproteolyticus refined at 2.3 A resolution. Structural comparisons of bacterial ferredoxins.
;
J.Mol.Biol. 210 383  398  1989 JMOBAK UK 0022-2836 0070 ? ?        ?                      
2       
'Tertiary structure of Bacillus thermoproteolyticus [4Fe-4S] ferredoxin. Evolutionary implications for bacterial ferredoxins.' 
J.Mol.Biol. 199 183  193  1988 JMOBAK UK 0022-2836 0070 ? ?        ?                      
# 
loop_
_citation_author.citation_id 
_citation_author.name 
_citation_author.ordinal 
_citation_author.identifier_ORCID 
primary 'Fukuyama, K.'  1  ? 
primary 'Okada, T.'     2  ? 
primary 'Kakuta, Y.'    3  ? 
primary 'Takahashi, Y.' 4  ? 
1       'Fukuyama, K.'  5  ? 
1       'Matsubara, H.' 6  ? 
1       'Tsukihara, T.' 7  ? 
1       'Katsube, Y.'   8  ? 
2       'Fukuyama, K.'  9  ? 
2       'Nagahara, Y.'  10 ? 
2       'Tsukihara, T.' 11 ? 
2       'Katsube, Y.'   12 ? 
2       'Hase, T.'      13 ? 
2       'Matsubara, H.' 14 ? 
# 
_cell.entry_id           1IQZ 
_cell.length_a           69.700 
_cell.length_b           37.450 
_cell.length_c           32.560 
_cell.angle_alpha        90.00 
_cell.angle_beta         105.70 
_cell.angle_gamma        90.00 
_cell.Z_PDB              4 
_cell.pdbx_unique_axis   ? 
# 
_symmetry.entry_id                         1IQZ 
_symmetry.space_group_name_H-M             'C 1 2 1' 
_symmetry.pdbx_full_space_group_name_H-M   ? 
_symmetry.cell_setting                     ? 
_symmetry.Int_Tables_number                5 
# 
loop_
_entity.id 
_entity.type 
_entity.src_method 
_entity.pdbx_description 
_entity.formula_weight 
_entity.pdbx_number_of_molecules 
_entity.pdbx_ec 
_entity.pdbx_mutation 
_entity.pdbx_fragment 
_entity.details 
1 polymer     man Ferredoxin            8773.595 1   ? ? ? ? 
2 non-polymer syn 'SULFATE ION'         96.063   1   ? ? ? ? 
3 non-polymer syn 'IRON/SULFUR CLUSTER' 351.640  1   ? ? ? ? 
4 water       nat water                 18.015   166 ? ? ? ? 
# 
_entity_poly.entity_id                      1 
_entity_poly.type                           'polypeptide(L)' 
_entity_poly.nstd_linkage                   no 
_entity_poly.nstd_monomer                   no 
_entity_poly.pdbx_seq_one_letter_code       
;PKYTIVDKETCIACGACGAAAPDIYDYDEDGIAYVTLDDNQGIVEVPDILIDDMMDAFEGCPTDSIKVADEPFDGDPNKF
E
;
_entity_poly.pdbx_seq_one_letter_code_can   
;PKYTIVDKETCIACGACGAAAPDIYDYDEDGIAYVTLDDNQGIVEVPDILIDDMMDAFEGCPTDSIKVADEPFDGDPNKF
E
;
_entity_poly.pdbx_strand_id                 A 
_entity_poly.pdbx_target_identifier         ? 
# 
loop_
_entity_poly_seq.entity_id 
_entity_poly_seq.num 
_entity_poly_seq.mon_id 
_entity_poly_seq.hetero 
1 1  PRO n 
1 2  LYS n 
1 3  TYR n 
1 4  THR n 
1 5  ILE n 
1 6  VAL n 
1 7  ASP n 
1 8  LYS n 
1 9  GLU n 
1 10 THR n 
1 11 CYS n 
1 12 ILE n 
1 13 ALA n 
1 14 CYS n 
1 15 GLY n 
1 16 ALA n 
1 17 CYS n 
1 18 GLY n 
1 19 ALA n 
1 20 ALA n 
1 21 ALA n 
1 22 PRO n 
1 23 ASP n 
1 24 ILE n 
1 25 TYR n 
1 26 ASP n 
1 27 TYR n 
1 28 ASP n 
1 29 GLU n 
1 30 ASP n 
1 31 GLY n 
1 32 ILE n 
1 33 ALA n 
1 34 TYR n 
1 35 VAL n 
1 36 THR n 
1 37 LEU n 
1 38 ASP n 
1 39 ASP n 
1 40 ASN n 
1 41 GLN n 
1 42 GLY n 
1 43 ILE n 
1 44 VAL n 
1 45 GLU n 
1 46 VAL n 
1 47 PRO n 
1 48 ASP n 
1 49 ILE n 
1 50 LEU n 
1 51 ILE n 
1 52 ASP n 
1 53 ASP n 
1 54 MET n 
1 55 MET n 
1 56 ASP n 
1 57 ALA n 
1 58 PHE n 
1 59 GLU n 
1 60 GLY n 
1 61 CYS n 
1 62 PRO n 
1 63 THR n 
1 64 ASP n 
1 65 SER n 
1 66 ILE n 
1 67 LYS n 
1 68 VAL n 
1 69 ALA n 
1 70 ASP n 
1 71 GLU n 
1 72 PRO n 
1 73 PHE n 
1 74 ASP n 
1 75 GLY n 
1 76 ASP n 
1 77 PRO n 
1 78 ASN n 
1 79 LYS n 
1 80 PHE n 
1 81 GLU n 
# 
_entity_src_gen.entity_id                          1 
_entity_src_gen.pdbx_src_id                        1 
_entity_src_gen.pdbx_alt_source_flag               sample 
_entity_src_gen.pdbx_seq_type                      ? 
_entity_src_gen.pdbx_beg_seq_num                   ? 
_entity_src_gen.pdbx_end_seq_num                   ? 
_entity_src_gen.gene_src_common_name               ? 
_entity_src_gen.gene_src_genus                     Bacillus 
_entity_src_gen.pdbx_gene_src_gene                 ? 
_entity_src_gen.gene_src_species                   ? 
_entity_src_gen.gene_src_strain                    ? 
_entity_src_gen.gene_src_tissue                    ? 
_entity_src_gen.gene_src_tissue_fraction           ? 
_entity_src_gen.gene_src_details                   ? 
_entity_src_gen.pdbx_gene_src_fragment             ? 
_entity_src_gen.pdbx_gene_src_scientific_name      'Bacillus thermoproteolyticus' 
_entity_src_gen.pdbx_gene_src_ncbi_taxonomy_id     1427 
_entity_src_gen.pdbx_gene_src_variant              ? 
_entity_src_gen.pdbx_gene_src_cell_line            ? 
_entity_src_gen.pdbx_gene_src_atcc                 ? 
_entity_src_gen.pdbx_gene_src_organ                ? 
_entity_src_gen.pdbx_gene_src_organelle            ? 
_entity_src_gen.pdbx_gene_src_cell                 ? 
_entity_src_gen.pdbx_gene_src_cellular_location    ? 
_entity_src_gen.host_org_common_name               ? 
_entity_src_gen.pdbx_host_org_scientific_name      'Escherichia coli' 
_entity_src_gen.pdbx_host_org_ncbi_taxonomy_id     562 
_entity_src_gen.host_org_genus                     Escherichia 
_entity_src_gen.pdbx_host_org_gene                 ? 
_entity_src_gen.pdbx_host_org_organ                ? 
_entity_src_gen.host_org_species                   ? 
_entity_src_gen.pdbx_host_org_tissue               ? 
_entity_src_gen.pdbx_host_org_tissue_fraction      ? 
_entity_src_gen.pdbx_host_org_strain               ? 
_entity_src_gen.pdbx_host_org_variant              ? 
_entity_src_gen.pdbx_host_org_cell_line            ? 
_entity_src_gen.pdbx_host_org_atcc                 ? 
_entity_src_gen.pdbx_host_org_culture_collection   ? 
_entity_src_gen.pdbx_host_org_cell                 ? 
_entity_src_gen.pdbx_host_org_organelle            ? 
_entity_src_gen.pdbx_host_org_cellular_location    ? 
_entity_src_gen.pdbx_host_org_vector_type          PLASMID 
_entity_src_gen.pdbx_host_org_vector               ? 
_entity_src_gen.host_org_details                   ? 
_entity_src_gen.expression_system_id               ? 
_entity_src_gen.plasmid_name                       'pET21a(+)' 
_entity_src_gen.plasmid_details                    ? 
_entity_src_gen.pdbx_description                   ? 
# 
_struct_ref.id                         1 
_struct_ref.db_name                    UNP 
_struct_ref.db_code                    FER_BACTH 
_struct_ref.entity_id                  1 
_struct_ref.pdbx_seq_one_letter_code   
;PKYTIVDKETCIACGACGAAAPDIYDYDEDGIAYVTLDDNQGIVEVPDILIDDMMDAFEGCPTDSIKVADEPFDGDPNKF
E
;
_struct_ref.pdbx_align_begin           1 
_struct_ref.pdbx_db_accession          P10245 
_struct_ref.pdbx_db_isoform            ? 
# 
_struct_ref_seq.align_id                      1 
_struct_ref_seq.ref_id                        1 
_struct_ref_seq.pdbx_PDB_id_code              1IQZ 
_struct_ref_seq.pdbx_strand_id                A 
_struct_ref_seq.seq_align_beg                 1 
_struct_ref_seq.pdbx_seq_align_beg_ins_code   ? 
_struct_ref_seq.seq_align_end                 81 
_struct_ref_seq.pdbx_seq_align_end_ins_code   ? 
_struct_ref_seq.pdbx_db_accession             P10245 
_struct_ref_seq.db_align_beg                  1 
_struct_ref_seq.pdbx_db_align_beg_ins_code    ? 
_struct_ref_seq.db_align_end                  81 
_struct_ref_seq.pdbx_db_align_end_ins_code    ? 
_struct_ref_seq.pdbx_auth_seq_align_beg       1 
_struct_ref_seq.pdbx_auth_seq_align_end       81 
# 
loop_
_chem_comp.id 
_chem_comp.type 
_chem_comp.mon_nstd_flag 
_chem_comp.name 
_chem_comp.pdbx_synonyms 
_chem_comp.formula 
_chem_comp.formula_weight 
ALA 'L-peptide linking' y ALANINE               ? 'C3 H7 N O2'     89.093  
ASN 'L-peptide linking' y ASPARAGINE            ? 'C4 H8 N2 O3'    132.118 
ASP 'L-peptide linking' y 'ASPARTIC ACID'       ? 'C4 H7 N O4'     133.103 
CYS 'L-peptide linking' y CYSTEINE              ? 'C3 H7 N O2 S'   121.158 
GLN 'L-peptide linking' y GLUTAMINE             ? 'C5 H10 N2 O3'   146.144 
GLU 'L-peptide linking' y 'GLUTAMIC ACID'       ? 'C5 H9 N O4'     147.129 
GLY 'peptide linking'   y GLYCINE               ? 'C2 H5 N O2'     75.067  
HOH non-polymer         . WATER                 ? 'H2 O'           18.015  
ILE 'L-peptide linking' y ISOLEUCINE            ? 'C6 H13 N O2'    131.173 
LEU 'L-peptide linking' y LEUCINE               ? 'C6 H13 N O2'    131.173 
LYS 'L-peptide linking' y LYSINE                ? 'C6 H15 N2 O2 1' 147.195 
MET 'L-peptide linking' y METHIONINE            ? 'C5 H11 N O2 S'  149.211 
PHE 'L-peptide linking' y PHENYLALANINE         ? 'C9 H11 N O2'    165.189 
PRO 'L-peptide linking' y PROLINE               ? 'C5 H9 N O2'     115.130 
SER 'L-peptide linking' y SERINE                ? 'C3 H7 N O3'     105.093 
SF4 non-polymer         . 'IRON/SULFUR CLUSTER' ? 'Fe4 S4'         351.640 
SO4 non-polymer         . 'SULFATE ION'         ? 'O4 S -2'        96.063  
THR 'L-peptide linking' y THREONINE             ? 'C4 H9 N O3'     119.119 
TYR 'L-peptide linking' y TYROSINE              ? 'C9 H11 N O3'    181.189 
VAL 'L-peptide linking' y VALINE                ? 'C5 H11 N O2'    117.146 
# 
_exptl.entry_id          1IQZ 
_exptl.method            'X-RAY DIFFRACTION' 
_exptl.crystals_number   1 
# 
_exptl_crystal.id                    1 
_exptl_crystal.density_meas          ? 
_exptl_crystal.density_Matthews      2.24 
_exptl_crystal.density_percent_sol   44.7 
_exptl_crystal.description           ? 
# 
_exptl_crystal_grow.crystal_id      1 
_exptl_crystal_grow.method          MICRODIALYSIS 
_exptl_crystal_grow.temp            277.0 
_exptl_crystal_grow.temp_details    ? 
_exptl_crystal_grow.pH              6.5 
_exptl_crystal_grow.pdbx_details    'ammonium sulfate, MES, pH 6.5, MICRODIALYSIS, temperature 277.0K' 
_exptl_crystal_grow.pdbx_pH_range   . 
# 
_diffrn.id                     1 
_diffrn.ambient_temp           100.0 
_diffrn.ambient_temp_details   ? 
_diffrn.crystal_id             1 
# 
_diffrn_detector.diffrn_id              1 
_diffrn_detector.detector               CCD 
_diffrn_detector.type                   'ADSC QUANTUM 4' 
_diffrn_detector.pdbx_collection_date   2000-06-06 
_diffrn_detector.details                'BENT CYLINDER' 
# 
_diffrn_radiation.diffrn_id                        1 
_diffrn_radiation.wavelength_id                    1 
_diffrn_radiation.pdbx_monochromatic_or_laue_m_l   M 
_diffrn_radiation.monochromator                    'FIXED-EXIT DOUBLE CRYSTAL' 
_diffrn_radiation.pdbx_diffrn_protocol             'SINGLE WAVELENGTH' 
_diffrn_radiation.pdbx_scattering_type             x-ray 
# 
_diffrn_radiation_wavelength.id           1 
_diffrn_radiation_wavelength.wavelength   0.70 
_diffrn_radiation_wavelength.wt           1.0 
# 
_diffrn_source.diffrn_id                   1 
_diffrn_source.source                      SYNCHROTRON 
_diffrn_source.type                        'SPRING-8 BEAMLINE BL40B2' 
_diffrn_source.pdbx_synchrotron_site       SPring-8 
_diffrn_source.pdbx_synchrotron_beamline   BL40B2 
_diffrn_source.pdbx_wavelength             0.70 
_diffrn_source.pdbx_wavelength_list        0.70 
# 
_reflns.entry_id                     1IQZ 
_reflns.observed_criterion_sigma_I   0.0 
_reflns.observed_criterion_sigma_F   0.0 
_reflns.d_resolution_low             13.5 
_reflns.d_resolution_high            0.92 
_reflns.number_obs                   54415 
_reflns.number_all                   54415 
_reflns.percent_possible_obs         99.5 
_reflns.pdbx_Rmerge_I_obs            0.0740000 
_reflns.pdbx_Rsym_value              ? 
_reflns.pdbx_netI_over_sigmaI        6.5 
_reflns.B_iso_Wilson_estimate        ? 
_reflns.pdbx_redundancy              4.9 
_reflns.R_free_details               ? 
_reflns.limit_h_max                  ? 
_reflns.limit_h_min                  ? 
_reflns.limit_k_max                  ? 
_reflns.limit_k_min                  ? 
_reflns.limit_l_max                  ? 
_reflns.limit_l_min                  ? 
_reflns.observed_criterion_F_max     ? 
_reflns.observed_criterion_F_min     ? 
_reflns.pdbx_diffrn_id               1 
_reflns.pdbx_ordinal                 1 
# 
_reflns_shell.d_res_high             0.92 
_reflns_shell.d_res_low              0.96 
_reflns_shell.percent_possible_all   99.5 
_reflns_shell.Rmerge_I_obs           0.2190000 
_reflns_shell.pdbx_Rsym_value        ? 
_reflns_shell.meanI_over_sigI_obs    2.7 
_reflns_shell.pdbx_redundancy        3.6 
_reflns_shell.percent_possible_obs   ? 
_reflns_shell.number_unique_all      ? 
_reflns_shell.pdbx_diffrn_id         ? 
_reflns_shell.pdbx_ordinal           1 
# 
_refine.entry_id                                 1IQZ 
_refine.ls_number_reflns_obs                     53741 
_refine.ls_number_reflns_all                     53741 
_refine.pdbx_ls_sigma_I                          ? 
_refine.pdbx_ls_sigma_F                          0.0 
_refine.pdbx_data_cutoff_high_absF               ? 
_refine.pdbx_data_cutoff_low_absF                ? 
_refine.ls_d_res_low                             7.00 
_refine.ls_d_res_high                            0.92 
_refine.ls_percent_reflns_obs                    99.5 
_refine.ls_R_factor_obs                          0.0972000 
_refine.ls_R_factor_all                          0.0972000 
_refine.ls_R_factor_R_work                       0.0966000 
_refine.ls_R_factor_R_free                       0.1130000 
_refine.ls_R_factor_R_free_error                 ? 
_refine.ls_R_factor_R_free_error_details         ? 
_refine.ls_percent_reflns_R_free                 10.5 
_refine.ls_number_reflns_R_free                  5111 
_refine.ls_number_parameters                     7323 
_refine.ls_number_restraints                     8708 
_refine.occupancy_min                            ? 
_refine.occupancy_max                            ? 
_refine.B_iso_mean                               ? 
_refine.aniso_B[1][1]                            ? 
_refine.aniso_B[2][2]                            ? 
_refine.aniso_B[3][3]                            ? 
_refine.aniso_B[1][2]                            ? 
_refine.aniso_B[1][3]                            ? 
_refine.aniso_B[2][3]                            ? 
_refine.solvent_model_details                    ? 
_refine.solvent_model_param_ksol                 ? 
_refine.solvent_model_param_bsol                 ? 
_refine.pdbx_ls_cross_valid_method               'FREE R' 
_refine.details                                  ? 
_refine.pdbx_starting_model                      2FXB 
_refine.pdbx_method_to_determine_struct          'FOURIER SYNTHESIS' 
_refine.pdbx_isotropic_thermal_model             ? 
_refine.pdbx_stereochemistry_target_values       'ENGH AND HUBER' 
_refine.pdbx_stereochem_target_val_spec_case     ? 
_refine.pdbx_R_Free_selection_details            RANDOM 
_refine.pdbx_overall_ESU_R_Free                  ? 
_refine.overall_SU_B                             ? 
_refine.ls_redundancy_reflns_obs                 ? 
_refine.B_iso_min                                ? 
_refine.B_iso_max                                ? 
_refine.correlation_coeff_Fo_to_Fc               ? 
_refine.overall_SU_R_Cruickshank_DPI             ? 
_refine.overall_SU_R_free                        ? 
_refine.overall_SU_ML                            ? 
_refine.pdbx_overall_ESU_R                       ? 
_refine.pdbx_data_cutoff_high_rms_absF           ? 
_refine.correlation_coeff_Fo_to_Fc_free          ? 
_refine.pdbx_solvent_vdw_probe_radii             ? 
_refine.pdbx_solvent_ion_probe_radii             ? 
_refine.pdbx_solvent_shrinkage_radii             ? 
_refine.pdbx_refine_id                           'X-RAY DIFFRACTION' 
_refine.pdbx_diffrn_id                           1 
_refine.pdbx_TLS_residual_ADP_flag               ? 
_refine.pdbx_overall_phase_error                 ? 
_refine.pdbx_overall_SU_R_free_Cruickshank_DPI   ? 
_refine.pdbx_overall_SU_R_Blow_DPI               ? 
_refine.pdbx_overall_SU_R_free_Blow_DPI          ? 
# 
_refine_analyze.entry_id                        1IQZ 
_refine_analyze.Luzzati_coordinate_error_obs    ? 
_refine_analyze.Luzzati_sigma_a_obs             ? 
_refine_analyze.Luzzati_d_res_low_obs           ? 
_refine_analyze.Luzzati_coordinate_error_free   ? 
_refine_analyze.Luzzati_sigma_a_free            ? 
_refine_analyze.Luzzati_d_res_low_free          ? 
_refine_analyze.number_disordered_residues      6 
_refine_analyze.occupancy_sum_hydrogen          486.00 
_refine_analyze.occupancy_sum_non_hydrogen      766.00 
_refine_analyze.pdbx_Luzzati_d_res_high_obs     ? 
_refine_analyze.pdbx_refine_id                  'X-RAY DIFFRACTION' 
# 
_refine_hist.pdbx_refine_id                   'X-RAY DIFFRACTION' 
_refine_hist.cycle_id                         LAST 
_refine_hist.pdbx_number_atoms_protein        634 
_refine_hist.pdbx_number_atoms_nucleic_acid   0 
_refine_hist.pdbx_number_atoms_ligand         13 
_refine_hist.number_atoms_solvent             166 
_refine_hist.number_atoms_total               813 
_refine_hist.d_res_high                       0.92 
_refine_hist.d_res_low                        7.00 
# 
loop_
_refine_ls_restr.type 
_refine_ls_restr.dev_ideal 
_refine_ls_restr.dev_ideal_target 
_refine_ls_restr.weight 
_refine_ls_restr.number 
_refine_ls_restr.pdbx_refine_id 
_refine_ls_restr.pdbx_restraint_function 
s_bond_d               0.017 ? ? ? 'X-RAY DIFFRACTION' ? 
s_angle_d              0.028 ? ? ? 'X-RAY DIFFRACTION' ? 
s_similar_dist         0.000 ? ? ? 'X-RAY DIFFRACTION' ? 
s_from_restr_planes    0.028 ? ? ? 'X-RAY DIFFRACTION' ? 
s_zero_chiral_vol      0.098 ? ? ? 'X-RAY DIFFRACTION' ? 
s_non_zero_chiral_vol  0.109 ? ? ? 'X-RAY DIFFRACTION' ? 
s_anti_bump_dis_restr  0.036 ? ? ? 'X-RAY DIFFRACTION' ? 
s_rigid_bond_adp_cmpnt 0.006 ? ? ? 'X-RAY DIFFRACTION' ? 
s_similar_adp_cmpnt    0.038 ? ? ? 'X-RAY DIFFRACTION' ? 
s_approx_iso_adps      0.090 ? ? ? 'X-RAY DIFFRACTION' ? 
# 
_pdbx_refine.entry_id                                    1IQZ 
_pdbx_refine.R_factor_all_no_cutoff                      0.0976000 
_pdbx_refine.R_factor_obs_no_cutoff                      0.0966000 
_pdbx_refine.free_R_factor_no_cutoff                     0.1103000 
_pdbx_refine.free_R_val_test_set_size_perc_no_cutoff     9.5 
_pdbx_refine.free_R_val_test_set_ct_no_cutoff            5111 
_pdbx_refine.R_factor_all_4sig_cutoff                    0.0937000 
_pdbx_refine.R_factor_obs_4sig_cutoff                    0.0941000 
_pdbx_refine.free_R_factor_4sig_cutoff                   0.1065000 
_pdbx_refine.free_R_val_test_set_size_perc_4sig_cutoff   9.5 
_pdbx_refine.free_R_val_test_set_ct_4sig_cutoff          4804 
_pdbx_refine.number_reflns_obs_4sig_cutoff               45677 
_pdbx_refine.number_reflns_obs_no_cutoff                 ? 
_pdbx_refine.pdbx_refine_id                              'X-RAY DIFFRACTION' 
_pdbx_refine.free_R_error_no_cutoff                      ? 
# 
_struct.entry_id                  1IQZ 
_struct.title                     'OXIDIZED [4Fe-4S] FERREDOXIN FROM BACILLUS THERMOPROTEOLYTICUS (FORM I)' 
_struct.pdbx_model_details        ? 
_struct.pdbx_CASP_flag            ? 
_struct.pdbx_model_type_details   ? 
# 
_struct_keywords.entry_id        1IQZ 
_struct_keywords.pdbx_keywords   'ELECTRON TRANSPORT' 
_struct_keywords.text            
'FERREDOXIN, IRON-SULFER PROTEIN, ULTLAHIGH RESOLUTION ANALYSIS, GEOMETRY OF [4FE-4S] CLUSTER, ELECTRON TRANSPORT' 
# 
loop_
_struct_asym.id 
_struct_asym.pdbx_blank_PDB_chainid_flag 
_struct_asym.pdbx_modified 
_struct_asym.entity_id 
_struct_asym.details 
A N N 1 ? 
B N N 2 ? 
C N N 3 ? 
D N N 4 ? 
# 
loop_
_struct_conf.conf_type_id 
_struct_conf.id 
_struct_conf.pdbx_PDB_helix_id 
_struct_conf.beg_label_comp_id 
_struct_conf.beg_label_asym_id 
_struct_conf.beg_label_seq_id 
_struct_conf.pdbx_beg_PDB_ins_code 
_struct_conf.end_label_comp_id 
_struct_conf.end_label_asym_id 
_struct_conf.end_label_seq_id 
_struct_conf.pdbx_end_PDB_ins_code 
_struct_conf.beg_auth_comp_id 
_struct_conf.beg_auth_asym_id 
_struct_conf.beg_auth_seq_id 
_struct_conf.end_auth_comp_id 
_struct_conf.end_auth_asym_id 
_struct_conf.end_auth_seq_id 
_struct_conf.pdbx_PDB_helix_class 
_struct_conf.details 
_struct_conf.pdbx_PDB_helix_length 
HELX_P HELX_P1 1 GLY A 15 ? ALA A 21 ? GLY A 15 ALA A 21 1 ? 7  
HELX_P HELX_P2 2 PRO A 47 ? ILE A 49 ? PRO A 47 ILE A 49 5 ? 3  
HELX_P HELX_P3 3 LEU A 50 ? CYS A 61 ? LEU A 50 CYS A 61 1 ? 12 
# 
_struct_conf_type.id          HELX_P 
_struct_conf_type.criteria    ? 
_struct_conf_type.reference   ? 
# 
loop_
_struct_conn.id 
_struct_conn.conn_type_id 
_struct_conn.pdbx_leaving_atom_flag 
_struct_conn.pdbx_PDB_id 
_struct_conn.ptnr1_label_asym_id 
_struct_conn.ptnr1_label_comp_id 
_struct_conn.ptnr1_label_seq_id 
_struct_conn.ptnr1_label_atom_id 
_struct_conn.pdbx_ptnr1_label_alt_id 
_struct_conn.pdbx_ptnr1_PDB_ins_code 
_struct_conn.pdbx_ptnr1_standard_comp_id 
_struct_conn.ptnr1_symmetry 
_struct_conn.ptnr2_label_asym_id 
_struct_conn.ptnr2_label_comp_id 
_struct_conn.ptnr2_label_seq_id 
_struct_conn.ptnr2_label_atom_id 
_struct_conn.pdbx_ptnr2_label_alt_id 
_struct_conn.pdbx_ptnr2_PDB_ins_code 
_struct_conn.ptnr1_auth_asym_id 
_struct_conn.ptnr1_auth_comp_id 
_struct_conn.ptnr1_auth_seq_id 
_struct_conn.ptnr2_auth_asym_id 
_struct_conn.ptnr2_auth_comp_id 
_struct_conn.ptnr2_auth_seq_id 
_struct_conn.ptnr2_symmetry 
_struct_conn.pdbx_ptnr3_label_atom_id 
_struct_conn.pdbx_ptnr3_label_seq_id 
_struct_conn.pdbx_ptnr3_label_comp_id 
_struct_conn.pdbx_ptnr3_label_asym_id 
_struct_conn.pdbx_ptnr3_label_alt_id 
_struct_conn.pdbx_ptnr3_PDB_ins_code 
_struct_conn.details 
_struct_conn.pdbx_dist_value 
_struct_conn.pdbx_value_order 
_struct_conn.pdbx_role 
metalc1 metalc ? ? A CYS 11 SG ? ? ? 1_555 C SF4 . FE4 ? ? A CYS 11 A SF4 82 1_555 ? ? ? ? ? ? ? 2.299 ? ? 
metalc2 metalc ? ? A CYS 14 SG ? ? ? 1_555 C SF4 . FE2 ? ? A CYS 14 A SF4 82 1_555 ? ? ? ? ? ? ? 2.273 ? ? 
metalc3 metalc ? ? A CYS 17 SG ? ? ? 1_555 C SF4 . FE3 ? ? A CYS 17 A SF4 82 1_555 ? ? ? ? ? ? ? 2.273 ? ? 
metalc4 metalc ? ? A CYS 61 SG ? ? ? 1_555 C SF4 . FE1 ? ? A CYS 61 A SF4 82 1_555 ? ? ? ? ? ? ? 2.267 ? ? 
# 
_struct_conn_type.id          metalc 
_struct_conn_type.criteria    ? 
_struct_conn_type.reference   ? 
# 
loop_
_struct_sheet.id 
_struct_sheet.type 
_struct_sheet.number_strands 
_struct_sheet.details 
A ? 2 ? 
B ? 2 ? 
# 
loop_
_struct_sheet_order.sheet_id 
_struct_sheet_order.range_id_1 
_struct_sheet_order.range_id_2 
_struct_sheet_order.offset 
_struct_sheet_order.sense 
A 1 2 ? anti-parallel 
B 1 2 ? anti-parallel 
# 
loop_
_struct_sheet_range.sheet_id 
_struct_sheet_range.id 
_struct_sheet_range.beg_label_comp_id 
_struct_sheet_range.beg_label_asym_id 
_struct_sheet_range.beg_label_seq_id 
_struct_sheet_range.pdbx_beg_PDB_ins_code 
_struct_sheet_range.end_label_comp_id 
_struct_sheet_range.end_label_asym_id 
_struct_sheet_range.end_label_seq_id 
_struct_sheet_range.pdbx_end_PDB_ins_code 
_struct_sheet_range.beg_auth_comp_id 
_struct_sheet_range.beg_auth_asym_id 
_struct_sheet_range.beg_auth_seq_id 
_struct_sheet_range.end_auth_comp_id 
_struct_sheet_range.end_auth_asym_id 
_struct_sheet_range.end_auth_seq_id 
A 1 TYR A 3  ? VAL A 6  ? TYR A 3  VAL A 6  
A 2 ILE A 66 ? ALA A 69 ? ILE A 66 ALA A 69 
B 1 TYR A 25 ? TYR A 27 ? TYR A 25 TYR A 27 
B 2 ALA A 33 ? VAL A 35 ? ALA A 33 VAL A 35 
# 
loop_
_pdbx_struct_sheet_hbond.sheet_id 
_pdbx_struct_sheet_hbond.range_id_1 
_pdbx_struct_sheet_hbond.range_id_2 
_pdbx_struct_sheet_hbond.range_1_label_atom_id 
_pdbx_struct_sheet_hbond.range_1_label_comp_id 
_pdbx_struct_sheet_hbond.range_1_label_asym_id 
_pdbx_struct_sheet_hbond.range_1_label_seq_id 
_pdbx_struct_sheet_hbond.range_1_PDB_ins_code 
_pdbx_struct_sheet_hbond.range_1_auth_atom_id 
_pdbx_struct_sheet_hbond.range_1_auth_comp_id 
_pdbx_struct_sheet_hbond.range_1_auth_asym_id 
_pdbx_struct_sheet_hbond.range_1_auth_seq_id 
_pdbx_struct_sheet_hbond.range_2_label_atom_id 
_pdbx_struct_sheet_hbond.range_2_label_comp_id 
_pdbx_struct_sheet_hbond.range_2_label_asym_id 
_pdbx_struct_sheet_hbond.range_2_label_seq_id 
_pdbx_struct_sheet_hbond.range_2_PDB_ins_code 
_pdbx_struct_sheet_hbond.range_2_auth_atom_id 
_pdbx_struct_sheet_hbond.range_2_auth_comp_id 
_pdbx_struct_sheet_hbond.range_2_auth_asym_id 
_pdbx_struct_sheet_hbond.range_2_auth_seq_id 
A 1 2 N ILE A 5  ? N ILE A 5  O LYS A 67 ? O LYS A 67 
B 1 2 N ASP A 26 ? N ASP A 26 O TYR A 34 ? O TYR A 34 
# 
loop_
_struct_site.id 
_struct_site.pdbx_evidence_code 
_struct_site.pdbx_auth_asym_id 
_struct_site.pdbx_auth_comp_id 
_struct_site.pdbx_auth_seq_id 
_struct_site.pdbx_auth_ins_code 
_struct_site.pdbx_num_residues 
_struct_site.details 
AC1 Software A SO4 83 ? 4 'BINDING SITE FOR RESIDUE SO4 A 83' 
AC2 Software A SF4 82 ? 7 'BINDING SITE FOR RESIDUE SF4 A 82' 
# 
loop_
_struct_site_gen.id 
_struct_site_gen.site_id 
_struct_site_gen.pdbx_num_res 
_struct_site_gen.label_comp_id 
_struct_site_gen.label_asym_id 
_struct_site_gen.label_seq_id 
_struct_site_gen.pdbx_auth_ins_code 
_struct_site_gen.auth_comp_id 
_struct_site_gen.auth_asym_id 
_struct_site_gen.auth_seq_id 
_struct_site_gen.label_atom_id 
_struct_site_gen.label_alt_id 
_struct_site_gen.symmetry 
_struct_site_gen.details 
1  AC1 4 PRO A 1  ? PRO A 1   . ? 4_654 ? 
2  AC1 4 GLU A 45 ? GLU A 45  . ? 4_654 ? 
3  AC1 4 HOH D .  ? HOH A 119 . ? 1_555 ? 
4  AC1 4 HOH D .  ? HOH A 136 . ? 1_555 ? 
5  AC2 7 CYS A 11 ? CYS A 11  . ? 1_555 ? 
6  AC2 7 ILE A 12 ? ILE A 12  . ? 1_555 ? 
7  AC2 7 CYS A 14 ? CYS A 14  . ? 1_555 ? 
8  AC2 7 GLY A 15 ? GLY A 15  . ? 1_555 ? 
9  AC2 7 CYS A 17 ? CYS A 17  . ? 1_555 ? 
10 AC2 7 CYS A 61 ? CYS A 61  . ? 1_555 ? 
11 AC2 7 THR A 63 ? THR A 63  . ? 1_555 ? 
# 
_atom_sites.entry_id                    1IQZ 
_atom_sites.fract_transf_matrix[1][1]   -0.00520052 
_atom_sites.fract_transf_matrix[1][2]   -0.00942941 
_atom_sites.fract_transf_matrix[1][3]   0.01030253 
_atom_sites.fract_transf_matrix[2][1]   0.02151907 
_atom_sites.fract_transf_matrix[2][2]   0.00464295 
_atom_sites.fract_transf_matrix[2][3]   0.01511189 
_atom_sites.fract_transf_matrix[3][1]   -0.01770215 
_atom_sites.fract_transf_matrix[3][2]   0.01771352 
_atom_sites.fract_transf_matrix[3][3]   0.01976528 
_atom_sites.fract_transf_vector[1]      0.651642 
_atom_sites.fract_transf_vector[2]      0.557559 
_atom_sites.fract_transf_vector[3]      -0.239657 
# 
loop_
_atom_type.symbol 
C  
FE 
N  
O  
S  
# 
loop_
_atom_site.group_PDB 
_atom_site.id 
_atom_site.type_symbol 
_atom_site.label_atom_id 
_atom_site.label_alt_id 
_atom_site.label_comp_id 
_atom_site.label_asym_id 
_atom_site.label_entity_id 
_atom_site.label_seq_id 
_atom_site.pdbx_PDB_ins_code 
_atom_site.Cartn_x 
_atom_site.Cartn_y 
_atom_site.Cartn_z 
_atom_site.occupancy 
_atom_site.B_iso_or_equiv 
_atom_site.pdbx_formal_charge 
_atom_site.auth_seq_id 
_atom_site.auth_comp_id 
_atom_site.auth_asym_id 
_atom_site.auth_atom_id 
_atom_site.pdbx_PDB_model_num 
ATOM   1   N  N   . PRO A 1 1  ? -10.557 -7.232  -9.204  1.00 15.70 ? 1   PRO A N   1 
ATOM   2   C  CA  . PRO A 1 1  ? -9.155  -6.879  -9.018  1.00 11.87 ? 1   PRO A CA  1 
ATOM   3   C  C   . PRO A 1 1  ? -9.015  -6.207  -7.685  1.00 8.54  ? 1   PRO A C   1 
ATOM   4   O  O   . PRO A 1 1  ? -9.933  -5.857  -6.975  1.00 11.90 ? 1   PRO A O   1 
ATOM   5   C  CB  . PRO A 1 1  ? -8.871  -5.952  -10.188 1.00 19.26 ? 1   PRO A CB  1 
ATOM   6   C  CG  . PRO A 1 1  ? -10.198 -5.416  -10.627 1.00 35.81 ? 1   PRO A CG  1 
ATOM   7   C  CD  . PRO A 1 1  ? -11.270 -6.353  -10.132 1.00 31.05 ? 1   PRO A CD  1 
ATOM   8   N  N   . LYS A 1 2  ? -7.710  -6.002  -7.362  1.00 7.77  ? 2   LYS A N   1 
ATOM   9   C  CA  . LYS A 1 2  ? -7.327  -5.278  -6.177  1.00 5.83  ? 2   LYS A CA  1 
ATOM   10  C  C   . LYS A 1 2  ? -6.284  -4.233  -6.491  1.00 4.84  ? 2   LYS A C   1 
ATOM   11  O  O   . LYS A 1 2  ? -5.426  -4.399  -7.338  1.00 6.59  ? 2   LYS A O   1 
ATOM   12  C  CB  . LYS A 1 2  ? -6.719  -6.213  -5.100  1.00 8.08  ? 2   LYS A CB  1 
ATOM   13  C  CG  . LYS A 1 2  ? -7.706  -7.327  -4.586  1.00 8.90  ? 2   LYS A CG  1 
ATOM   14  C  CD  . LYS A 1 2  ? -8.820  -6.737  -3.687  1.00 10.14 ? 2   LYS A CD  1 
ATOM   15  C  CE  . LYS A 1 2  ? -9.826  -7.869  -3.435  1.00 14.43 ? 2   LYS A CE  1 
ATOM   16  N  NZ  . LYS A 1 2  ? -10.900 -7.390  -2.554  1.00 13.65 ? 2   LYS A NZ  1 
ATOM   17  N  N   . TYR A 1 3  ? -6.418  -3.086  -5.801  1.00 4.41  ? 3   TYR A N   1 
ATOM   18  C  CA  . TYR A 1 3  ? -5.524  -1.946  -5.876  1.00 4.13  ? 3   TYR A CA  1 
ATOM   19  C  C   . TYR A 1 3  ? -5.117  -1.593  -4.442  1.00 3.92  ? 3   TYR A C   1 
ATOM   20  O  O   . TYR A 1 3  ? -5.879  -1.807  -3.509  1.00 4.39  ? 3   TYR A O   1 
ATOM   21  C  CB  . TYR A 1 3  ? -6.210  -0.739  -6.530  1.00 4.82  ? 3   TYR A CB  1 
ATOM   22  C  CG  . TYR A 1 3  ? -6.725  -1.054  -7.912  1.00 5.15  ? 3   TYR A CG  1 
ATOM   23  C  CD1 . TYR A 1 3  ? -7.992  -1.627  -8.092  1.00 5.54  ? 3   TYR A CD1 1 
ATOM   24  C  CD2 . TYR A 1 3  ? -5.952  -0.852  -9.049  1.00 6.13  ? 3   TYR A CD2 1 
ATOM   25  C  CE1 . TYR A 1 3  ? -8.486  -1.974  -9.331  1.00 6.84  ? 3   TYR A CE1 1 
ATOM   26  C  CE2 . TYR A 1 3  ? -6.439  -1.188  -10.311 1.00 7.31  ? 3   TYR A CE2 1 
ATOM   27  C  CZ  . TYR A 1 3  ? -7.689  -1.717  -10.444 1.00 7.56  ? 3   TYR A CZ  1 
ATOM   28  O  OH  . TYR A 1 3  ? -8.196  -2.053  -11.692 1.00 11.32 ? 3   TYR A OH  1 
ATOM   29  N  N   . THR A 1 4  ? -3.921  -1.006  -4.299  1.00 3.90  ? 4   THR A N   1 
ATOM   30  C  CA  . THR A 1 4  ? -3.461  -0.639  -2.964  1.00 3.82  ? 4   THR A CA  1 
ATOM   31  C  C   . THR A 1 4  ? -2.638  0.654   -3.083  1.00 3.74  ? 4   THR A C   1 
ATOM   32  O  O   . THR A 1 4  ? -2.109  0.978   -4.150  1.00 4.39  ? 4   THR A O   1 
ATOM   33  C  CB  . THR A 1 4  ? -2.660  -1.816  -2.344  1.00 4.11  ? 4   THR A CB  1 
ATOM   34  O  OG1 . THR A 1 4  ? -2.337  -1.538  -0.954  1.00 4.16  ? 4   THR A OG1 1 
ATOM   35  C  CG2 . THR A 1 4  ? -1.381  -2.162  -3.055  1.00 4.42  ? 4   THR A CG2 1 
ATOM   36  N  N   . ILE A 1 5  ? -2.538  1.358   -1.950  1.00 3.83  ? 5   ILE A N   1 
ATOM   37  C  CA  . ILE A 1 5  ? -1.903  2.691   -1.882  1.00 3.98  ? 5   ILE A CA  1 
ATOM   38  C  C   . ILE A 1 5  ? -1.591  2.947   -0.412  1.00 4.02  ? 5   ILE A C   1 
ATOM   39  O  O   . ILE A 1 5  ? -2.286  2.423   0.479   1.00 4.69  ? 5   ILE A O   1 
ATOM   40  C  CB  . ILE A 1 5  ? -2.865  3.756   -2.483  1.00 4.33  ? 5   ILE A CB  1 
ATOM   41  C  CG1 . ILE A 1 5  ? -2.173  5.123   -2.695  1.00 4.95  ? 5   ILE A CG1 1 
ATOM   42  C  CG2 . ILE A 1 5  ? -4.143  3.864   -1.669  1.00 5.05  ? 5   ILE A CG2 1 
ATOM   43  C  CD1 . ILE A 1 5  ? -3.002  6.064   -3.566  1.00 5.62  ? 5   ILE A CD1 1 
ATOM   44  N  N   . VAL A 1 6  ? -0.580  3.779   -0.153  1.00 4.18  ? 6   VAL A N   1 
ATOM   45  C  CA  . VAL A 1 6  ? -0.257  4.228   1.221   1.00 4.47  ? 6   VAL A CA  1 
ATOM   46  C  C   . VAL A 1 6  ? -0.754  5.650   1.415   1.00 4.70  ? 6   VAL A C   1 
ATOM   47  O  O   . VAL A 1 6  ? -0.428  6.559   0.620   1.00 5.46  ? 6   VAL A O   1 
ATOM   48  C  CB  . VAL A 1 6  ? 1.248   4.148   1.486   1.00 4.67  ? 6   VAL A CB  1 
ATOM   49  C  CG1 . VAL A 1 6  ? 1.541   4.683   2.889   1.00 6.17  ? 6   VAL A CG1 1 
ATOM   50  C  CG2 . VAL A 1 6  ? 1.779   2.731   1.338   1.00 4.90  ? 6   VAL A CG2 1 
ATOM   51  N  N   . ASP A 1 7  ? -1.468  5.900   2.513   1.00 4.87  ? 7   ASP A N   1 
ATOM   52  C  CA  . ASP A 1 7  ? -1.730  7.254   2.991   1.00 5.21  ? 7   ASP A CA  1 
ATOM   53  C  C   . ASP A 1 7  ? -0.494  7.755   3.698   1.00 5.39  ? 7   ASP A C   1 
ATOM   54  O  O   . ASP A 1 7  ? -0.223  7.439   4.839   1.00 6.03  ? 7   ASP A O   1 
ATOM   55  C  CB  . ASP A 1 7  ? -2.942  7.252   3.932   1.00 5.97  ? 7   ASP A CB  1 
ATOM   56  C  CG  . ASP A 1 7  ? -3.380  8.642   4.354   1.00 6.40  ? 7   ASP A CG  1 
ATOM   57  O  OD1 . ASP A 1 7  ? -4.518  8.738   4.900   1.00 7.56  ? 7   ASP A OD1 1 
ATOM   58  O  OD2 . ASP A 1 7  ? -2.595  9.619   4.157   1.00 7.96  ? 7   ASP A OD2 1 
ATOM   59  N  N   . LYS A 1 8  ? 0.327   8.535   2.956   1.00 6.33  ? 8   LYS A N   1 
ATOM   60  C  CA  . LYS A 1 8  ? 1.596   9.017   3.488   1.00 7.17  ? 8   LYS A CA  1 
ATOM   61  C  C   . LYS A 1 8  ? 1.390   9.969   4.636   1.00 7.84  ? 8   LYS A C   1 
ATOM   62  O  O   . LYS A 1 8  ? 2.345   10.200  5.391   1.00 11.27 ? 8   LYS A O   1 
ATOM   63  C  CB  . LYS A 1 8  ? 2.428   9.653   2.355   1.00 8.41  ? 8   LYS A CB  1 
ATOM   64  C  CG  . LYS A 1 8  ? 2.829   8.652   1.274   1.00 8.77  ? 8   LYS A CG  1 
ATOM   65  C  CD  . LYS A 1 8  ? 3.775   9.272   0.280   1.00 13.95 ? 8   LYS A CD  1 
ATOM   66  C  CE  . LYS A 1 8  ? 4.199   8.420   -0.890  1.00 15.99 ? 8   LYS A CE  1 
ATOM   67  N  NZ  . LYS A 1 8  ? 4.511   9.193   -2.144  1.00 25.99 ? 8   LYS A NZ  1 
ATOM   68  N  N   . GLU A 1 9  ? 0.214   10.568  4.805   1.00 7.51  ? 9   GLU A N   1 
ATOM   69  C  CA  . GLU A 1 9  ? -0.046  11.475  5.878   1.00 8.93  ? 9   GLU A CA  1 
ATOM   70  C  C   . GLU A 1 9  ? -0.142  10.786  7.235   1.00 8.99  ? 9   GLU A C   1 
ATOM   71  O  O   . GLU A 1 9  ? -0.008  11.457  8.276   1.00 14.23 ? 9   GLU A O   1 
ATOM   72  C  CB  . GLU A 1 9  ? -1.280  12.353  5.636   1.00 10.54 ? 9   GLU A CB  1 
ATOM   73  C  CG  . GLU A 1 9  ? -1.143  13.230  4.444   1.00 13.61 ? 9   GLU A CG  1 
ATOM   74  C  CD  . GLU A 1 9  ? -0.040  14.271  4.512   1.00 22.14 ? 9   GLU A CD  1 
ATOM   75  O  OE1 . GLU A 1 9  ? 0.285   14.659  5.622   1.00 33.30 ? 9   GLU A OE1 1 
ATOM   76  O  OE2 . GLU A 1 9  ? 0.334   14.649  3.396   1.00 35.33 ? 9   GLU A OE2 1 
ATOM   77  N  N   . THR A 1 10 ? -0.484  9.505   7.276   1.00 6.90  ? 10  THR A N   1 
ATOM   78  C  CA  . THR A 1 10 ? -0.618  8.774   8.534   1.00 7.07  ? 10  THR A CA  1 
ATOM   79  C  C   . THR A 1 10 ? 0.463   7.736   8.778   1.00 6.39  ? 10  THR A C   1 
ATOM   80  O  O   . THR A 1 10 ? 0.589   7.214   9.893   1.00 7.72  ? 10  THR A O   1 
ATOM   81  C  CB  . THR A 1 10 ? -2.010  8.127   8.681   1.00 6.93  ? 10  THR A CB  1 
ATOM   82  O  OG1 . THR A 1 10 ? -2.139  7.146   7.656   1.00 6.99  ? 10  THR A OG1 1 
ATOM   83  C  CG2 . THR A 1 10 ? -3.092  9.174   8.561   1.00 8.88  ? 10  THR A CG2 1 
ATOM   84  N  N   . CYS A 1 11 ? 1.240   7.374   7.762   1.00 6.15  ? 11  CYS A N   1 
ATOM   85  C  CA  . CYS A 1 11 ? 2.299   6.386   7.946   1.00 5.48  ? 11  CYS A CA  1 
ATOM   86  C  C   . CYS A 1 11 ? 3.289   6.865   9.012   1.00 5.76  ? 11  CYS A C   1 
ATOM   87  O  O   . CYS A 1 11 ? 3.729   8.000   8.991   1.00 8.00  ? 11  CYS A O   1 
ATOM   88  C  CB  . CYS A 1 11 ? 3.010   6.201   6.595   1.00 5.56  ? 11  CYS A CB  1 
ATOM   89  S  SG  . CYS A 1 11 ? 4.468   5.109   6.632   1.00 5.30  ? 11  CYS A SG  1 
ATOM   90  N  N   . ILE A 1 12 ? 3.675   5.928   9.882   1.00 5.45  ? 12  ILE A N   1 
ATOM   91  C  CA  . ILE A 1 12 ? 4.611   6.163   10.960  1.00 6.11  ? 12  ILE A CA  1 
ATOM   92  C  C   . ILE A 1 12 ? 5.971   5.518   10.725  1.00 6.49  ? 12  ILE A C   1 
ATOM   93  O  O   . ILE A 1 12 ? 6.812   5.481   11.627  1.00 7.43  ? 12  ILE A O   1 
ATOM   94  C  CB  . ILE A 1 12 ? 4.026   5.778   12.344  1.00 6.66  ? 12  ILE A CB  1 
ATOM   95  C  CG1 . ILE A 1 12 ? 3.586   4.318   12.399  1.00 6.50  ? 12  ILE A CG1 1 
ATOM   96  C  CG2 . ILE A 1 12 ? 2.922   6.774   12.721  1.00 7.30  ? 12  ILE A CG2 1 
ATOM   97  C  CD1 . ILE A 1 12 ? 3.372   3.753   13.775  1.00 8.70  ? 12  ILE A CD1 1 
ATOM   98  N  N   . ALA A 1 13 ? 6.260   5.060   9.507   1.00 6.29  ? 13  ALA A N   1 
ATOM   99  C  CA  . ALA A 1 13 ? 7.609   4.684   9.088   1.00 6.98  ? 13  ALA A CA  1 
ATOM   100 C  C   . ALA A 1 13 ? 8.143   3.541   9.971   1.00 6.67  ? 13  ALA A C   1 
ATOM   101 O  O   . ALA A 1 13 ? 9.257   3.602   10.497  1.00 9.37  ? 13  ALA A O   1 
ATOM   102 C  CB  . ALA A 1 13 ? 8.574   5.840   9.002   1.00 8.08  ? 13  ALA A CB  1 
ATOM   103 N  N   . CYS A 1 14 ? 7.360   2.484   10.102  1.00 7.26  ? 14  CYS A N   1 
ATOM   104 C  CA  . CYS A 1 14 ? 7.637   1.359   11.002  1.00 7.13  ? 14  CYS A CA  1 
ATOM   105 C  C   . CYS A 1 14 ? 8.348   0.149   10.350  1.00 6.81  ? 14  CYS A C   1 
ATOM   106 O  O   . CYS A 1 14 ? 8.765   -0.744  11.051  1.00 8.13  ? 14  CYS A O   1 
ATOM   107 C  CB  . CYS A 1 14 ? 6.351   0.879   11.653  1.00 7.05  ? 14  CYS A CB  1 
ATOM   108 S  SG  . CYS A 1 14 ? 5.302   -0.182  10.601  1.00 5.70  ? 14  CYS A SG  1 
ATOM   109 N  N   . GLY A 1 15 ? 8.458   0.171   9.014   1.00 7.13  ? 15  GLY A N   1 
ATOM   110 C  CA  . GLY A 1 15 ? 9.155   -0.893  8.315   1.00 7.96  ? 15  GLY A CA  1 
ATOM   111 C  C   . GLY A 1 15 ? 8.432   -2.247  8.199   1.00 7.13  ? 15  GLY A C   1 
ATOM   112 O  O   . GLY A 1 15 ? 8.993   -3.220  7.697   1.00 9.73  ? 15  GLY A O   1 
ATOM   113 N  N   . ALA A 1 16 ? 7.147   -2.353  8.577   1.00 6.02  ? 16  ALA A N   1 
ATOM   114 C  CA  . ALA A 1 16 ? 6.506   -3.650  8.595   1.00 6.07  ? 16  ALA A CA  1 
ATOM   115 C  C   . ALA A 1 16 ? 5.986   -4.113  7.227   1.00 5.33  ? 16  ALA A C   1 
ATOM   116 O  O   . ALA A 1 16 ? 6.002   -5.291  6.920   1.00 6.37  ? 16  ALA A O   1 
ATOM   117 C  CB  . ALA A 1 16 ? 5.357   -3.684  9.599   1.00 7.26  ? 16  ALA A CB  1 
ATOM   118 N  N   . CYS A 1 17 ? 5.512   -3.167  6.412   1.00 5.07  ? 17  CYS A N   1 
ATOM   119 C  CA  . CYS A 1 17 ? 4.832   -3.536  5.163   1.00 4.60  ? 17  CYS A CA  1 
ATOM   120 C  C   . CYS A 1 17 ? 5.796   -4.040  4.109   1.00 4.74  ? 17  CYS A C   1 
ATOM   121 O  O   . CYS A 1 17 ? 5.451   -4.955  3.351   1.00 5.42  ? 17  CYS A O   1 
ATOM   122 C  CB  . CYS A 1 17 ? 3.964   -2.375  4.630   1.00 4.51  ? 17  CYS A CB  1 
ATOM   123 S  SG  . CYS A 1 17 ? 4.861   -0.792  4.479   1.00 4.62  ? 17  CYS A SG  1 
ATOM   124 N  N   . GLY A 1 18 ? 6.990   -3.447  4.012   1.00 5.25  ? 18  GLY A N   1 
ATOM   125 C  CA  . GLY A 1 18 ? 7.986   -3.951  3.061   1.00 5.93  ? 18  GLY A CA  1 
ATOM   126 C  C   . GLY A 1 18 ? 8.490   -5.347  3.448   1.00 6.14  ? 18  GLY A C   1 
ATOM   127 O  O   . GLY A 1 18 ? 8.929   -6.106  2.619   1.00 8.29  ? 18  GLY A O   1 
ATOM   128 N  N   . ALA A 1 19 ? 8.418   -5.691  4.751   1.00 5.45  ? 19  ALA A N   1 
ATOM   129 C  CA  . ALA A 1 19 ? 8.765   -7.035  5.200   1.00 5.95  ? 19  ALA A CA  1 
ATOM   130 C  C   . ALA A 1 19 ? 7.684   -8.032  4.822   1.00 6.01  ? 19  ALA A C   1 
ATOM   131 O  O   . ALA A 1 19 ? 7.952   -9.174  4.449   1.00 6.84  ? 19  ALA A O   1 
ATOM   132 C  CB  . ALA A 1 19 ? 9.044   -7.063  6.692   1.00 7.07  ? 19  ALA A CB  1 
ATOM   133 N  N   . ALA A 1 20 ? 6.408   -7.639  4.973   1.00 5.34  ? 20  ALA A N   1 
ATOM   134 C  CA  . ALA A 1 20 ? 5.268   -8.488  4.658   1.00 6.00  ? 20  ALA A CA  1 
ATOM   135 C  C   . ALA A 1 20 ? 5.083   -8.701  3.159   1.00 5.80  ? 20  ALA A C   1 
ATOM   136 O  O   . ALA A 1 20 ? 4.617   -9.754  2.720   1.00 6.69  ? 20  ALA A O   1 
ATOM   137 C  CB  . ALA A 1 20 ? 4.008   -7.877  5.260   1.00 6.96  ? 20  ALA A CB  1 
ATOM   138 N  N   . ALA A 1 21 ? 5.412   -7.643  2.379   1.00 5.49  ? 21  ALA A N   1 
ATOM   139 C  CA  . ALA A 1 21 ? 5.096   -7.635  0.961   1.00 5.31  ? 21  ALA A CA  1 
ATOM   140 C  C   . ALA A 1 21 ? 6.155   -6.819  0.211   1.00 5.17  ? 21  ALA A C   1 
ATOM   141 O  O   . ALA A 1 21 ? 5.899   -5.727  -0.308  1.00 5.19  ? 21  ALA A O   1 
ATOM   142 C  CB  . ALA A 1 21 ? 3.692   -7.079  0.730   1.00 5.43  ? 21  ALA A CB  1 
ATOM   143 N  N   . PRO A 1 22 ? 7.391   -7.355  0.146   1.00 5.90  ? 22  PRO A N   1 
ATOM   144 C  CA  . PRO A 1 22 ? 8.493   -6.590  -0.425  1.00 6.82  ? 22  PRO A CA  1 
ATOM   145 C  C   . PRO A 1 22 ? 8.318   -6.226  -1.902  1.00 6.34  ? 22  PRO A C   1 
ATOM   146 O  O   . PRO A 1 22 ? 8.958   -5.313  -2.391  1.00 7.59  ? 22  PRO A O   1 
ATOM   147 C  CB  . PRO A 1 22 ? 9.725   -7.464  -0.201  1.00 9.03  ? 22  PRO A CB  1 
ATOM   148 C  CG  . PRO A 1 22 ? 9.189   -8.822  -0.021  1.00 9.81  ? 22  PRO A CG  1 
ATOM   149 C  CD  . PRO A 1 22 ? 7.831   -8.653  0.691   1.00 7.24  ? 22  PRO A CD  1 
ATOM   150 N  N   . ASP A 1 23 ? 7.491   -6.979  -2.624  1.00 6.00  ? 23  ASP A N   1 
ATOM   151 C  CA  . ASP A 1 23 ? 7.249   -6.702  -4.038  1.00 6.21  ? 23  ASP A CA  1 
ATOM   152 C  C   . ASP A 1 23 ? 6.186   -5.641  -4.271  1.00 6.01  ? 23  ASP A C   1 
ATOM   153 O  O   . ASP A 1 23 ? 5.923   -5.295  -5.432  1.00 7.34  ? 23  ASP A O   1 
ATOM   154 C  CB  . ASP A 1 23 ? 6.886   -8.022  -4.762  1.00 8.14  ? 23  ASP A CB  1 
ATOM   155 C  CG  . ASP A 1 23 ? 7.973   -9.042  -4.584  1.00 11.32 ? 23  ASP A CG  1 
ATOM   156 O  OD1 . ASP A 1 23 ? 7.746   -10.032 -3.862  1.00 12.36 ? 23  ASP A OD1 1 
ATOM   157 O  OD2 . ASP A 1 23 ? 9.108   -8.817  -5.041  1.00 15.04 ? 23  ASP A OD2 1 
ATOM   158 N  N   . ILE A 1 24 ? 5.583   -5.119  -3.191  1.00 5.31  ? 24  ILE A N   1 
ATOM   159 C  CA  . ILE A 1 24 ? 4.529   -4.143  -3.275  1.00 4.75  ? 24  ILE A CA  1 
ATOM   160 C  C   . ILE A 1 24 ? 4.890   -2.806  -2.624  1.00 4.78  ? 24  ILE A C   1 
ATOM   161 O  O   . ILE A 1 24 ? 4.551   -1.743  -3.170  1.00 5.20  ? 24  ILE A O   1 
ATOM   162 C  CB  . ILE A 1 24 ? 3.198   -4.670  -2.669  1.00 4.67  ? 24  ILE A CB  1 
ATOM   163 C  CG1 . ILE A 1 24 ? 2.797   -6.015  -3.299  1.00 5.76  ? 24  ILE A CG1 1 
ATOM   164 C  CG2 . ILE A 1 24 ? 2.104   -3.623  -2.800  1.00 4.96  ? 24  ILE A CG2 1 
ATOM   165 C  CD1 . ILE A 1 24 ? 1.501   -6.586  -2.719  1.00 5.96  ? 24  ILE A CD1 1 
ATOM   166 N  N   . TYR A 1 25 ? 5.515   -2.854  -1.409  1.00 4.81  ? 25  TYR A N   1 
ATOM   167 C  CA  . TYR A 1 25 ? 5.774   -1.639  -0.661  1.00 5.05  ? 25  TYR A CA  1 
ATOM   168 C  C   . TYR A 1 25 ? 7.278   -1.422  -0.464  1.00 5.46  ? 25  TYR A C   1 
ATOM   169 O  O   . TYR A 1 25 ? 7.986   -2.382  -0.152  1.00 6.84  ? 25  TYR A O   1 
ATOM   170 C  CB  . TYR A 1 25 ? 5.099   -1.661  0.766   1.00 4.87  ? 25  TYR A CB  1 
ATOM   171 C  CG  . TYR A 1 25 ? 3.617   -2.000  0.683   1.00 4.27  ? 25  TYR A CG  1 
ATOM   172 C  CD1 . TYR A 1 25 ? 3.206   -3.334  0.770   1.00 4.67  ? 25  TYR A CD1 1 
ATOM   173 C  CD2 . TYR A 1 25 ? 2.656   -1.049  0.440   1.00 4.71  ? 25  TYR A CD2 1 
ATOM   174 C  CE1 . TYR A 1 25 ? 1.888   -3.691  0.655   1.00 4.12  ? 25  TYR A CE1 1 
ATOM   175 C  CE2 . TYR A 1 25 ? 1.310   -1.390  0.302   1.00 4.12  ? 25  TYR A CE2 1 
ATOM   176 C  CZ  . TYR A 1 25 ? 0.927   -2.705  0.388   1.00 3.99  ? 25  TYR A CZ  1 
ATOM   177 O  OH  . TYR A 1 25 ? -0.356  -3.138  0.220   1.00 4.45  ? 25  TYR A OH  1 
ATOM   178 N  N   . ASP A 1 26 ? 7.707   -0.182  -0.601  1.00 5.54  ? 26  ASP A N   1 
ATOM   179 C  CA  . ASP A 1 26 ? 9.068   0.225   -0.210  1.00 6.14  ? 26  ASP A CA  1 
ATOM   180 C  C   . ASP A 1 26 ? 8.934   1.591   0.439   1.00 5.65  ? 26  ASP A C   1 
ATOM   181 O  O   . ASP A 1 26 ? 7.841   1.993   0.821   1.00 6.71  ? 26  ASP A O   1 
ATOM   182 C  CB  . ASP A 1 26 ? 10.032  0.141   -1.402  1.00 7.89  ? 26  ASP A CB  1 
ATOM   183 C  CG  A ASP A 1 26 ? 11.511  -0.006  -1.128  0.54 9.05  ? 26  ASP A CG  1 
ATOM   184 C  CG  B ASP A 1 26 ? 11.474  0.050   -0.843  0.46 9.38  ? 26  ASP A CG  1 
ATOM   185 O  OD1 A ASP A 1 26 ? 11.984  0.274   -0.028  0.54 11.03 ? 26  ASP A OD1 1 
ATOM   186 O  OD1 B ASP A 1 26 ? 11.938  -1.009  -0.379  0.46 12.75 ? 26  ASP A OD1 1 
ATOM   187 O  OD2 A ASP A 1 26 ? 12.165  -0.378  -2.111  0.54 15.59 ? 26  ASP A OD2 1 
ATOM   188 O  OD2 B ASP A 1 26 ? 12.192  1.081   -0.856  0.46 10.83 ? 26  ASP A OD2 1 
ATOM   189 N  N   . TYR A 1 27 ? 10.079  2.317   0.604   1.00 7.31  ? 27  TYR A N   1 
ATOM   190 C  CA  . TYR A 1 27 ? 10.072  3.495   1.416   1.00 7.29  ? 27  TYR A CA  1 
ATOM   191 C  C   . TYR A 1 27 ? 10.864  4.634   0.768   1.00 7.39  ? 27  TYR A C   1 
ATOM   192 O  O   . TYR A 1 27 ? 11.818  4.387   0.045   1.00 9.48  ? 27  TYR A O   1 
ATOM   193 C  CB  . TYR A 1 27 ? 10.741  3.226   2.781   1.00 9.00  ? 27  TYR A CB  1 
ATOM   194 C  CG  . TYR A 1 27 ? 10.246  1.957   3.423   1.00 7.01  ? 27  TYR A CG  1 
ATOM   195 C  CD1 . TYR A 1 27 ? 10.924  0.784   3.280   1.00 10.07 ? 27  TYR A CD1 1 
ATOM   196 C  CD2 . TYR A 1 27 ? 9.044   1.906   4.114   1.00 7.17  ? 27  TYR A CD2 1 
ATOM   197 C  CE1 . TYR A 1 27 ? 10.527  -0.411  3.776   1.00 9.61  ? 27  TYR A CE1 1 
ATOM   198 C  CE2 . TYR A 1 27 ? 8.628   0.648   4.673   1.00 7.56  ? 27  TYR A CE2 1 
ATOM   199 C  CZ  . TYR A 1 27 ? 9.403   -0.477  4.505   1.00 7.43  ? 27  TYR A CZ  1 
ATOM   200 O  OH  . TYR A 1 27 ? 8.940   -1.659  5.108   1.00 8.78  ? 27  TYR A OH  1 
ATOM   201 N  N   . ASP A 1 28 ? 10.436  5.875   1.060   1.00 8.16  ? 28  ASP A N   1 
ATOM   202 C  CA  . ASP A 1 28 ? 11.261  7.017   0.692   1.00 11.23 ? 28  ASP A CA  1 
ATOM   203 C  C   . ASP A 1 28 ? 12.422  7.179   1.668   1.00 12.95 ? 28  ASP A C   1 
ATOM   204 O  O   . ASP A 1 28 ? 12.595  6.379   2.581   1.00 13.61 ? 28  ASP A O   1 
ATOM   205 C  CB  A ASP A 1 28 ? 10.301  8.163   0.416   0.58 15.98 ? 28  ASP A CB  1 
ATOM   206 C  CB  B ASP A 1 28 ? 10.408  8.271   0.727   0.42 13.24 ? 28  ASP A CB  1 
ATOM   207 C  CG  A ASP A 1 28 ? 9.571   8.703   1.629   0.58 13.24 ? 28  ASP A CG  1 
ATOM   208 C  CG  B ASP A 1 28 ? 10.132  8.960   2.028   0.42 9.11  ? 28  ASP A CG  1 
ATOM   209 O  OD1 A ASP A 1 28 ? 8.506   9.310   1.432   0.58 16.84 ? 28  ASP A OD1 1 
ATOM   210 O  OD1 B ASP A 1 28 ? 9.527   10.038  1.993   0.42 11.94 ? 28  ASP A OD1 1 
ATOM   211 O  OD2 A ASP A 1 28 ? 10.102  8.529   2.732   0.58 14.18 ? 28  ASP A OD2 1 
ATOM   212 O  OD2 B ASP A 1 28 ? 10.498  8.505   3.109   0.42 9.68  ? 28  ASP A OD2 1 
ATOM   213 N  N   . GLU A 1 29 ? 13.253  8.211   1.512   1.00 18.17 ? 29  GLU A N   1 
ATOM   214 C  CA  . GLU A 1 29 ? 14.463  8.375   2.304   1.00 21.86 ? 29  GLU A CA  1 
ATOM   215 C  C   . GLU A 1 29 ? 14.111  8.601   3.770   1.00 24.85 ? 29  GLU A C   1 
ATOM   216 O  O   . GLU A 1 29 ? 15.068  8.438   4.555   1.00 29.36 ? 29  GLU A O   1 
ATOM   217 C  CB  . GLU A 1 29 ? 15.311  9.520   1.772   1.00 35.82 ? 29  GLU A CB  1 
ATOM   218 C  CG  . GLU A 1 29 ? 14.740  10.909  1.979   1.00 44.63 ? 29  GLU A CG  1 
ATOM   219 C  CD  . GLU A 1 29 ? 15.746  11.998  1.649   1.00 54.36 ? 29  GLU A CD  1 
ATOM   220 O  OE1 . GLU A 1 29 ? 16.720  12.283  2.395   1.00 66.86 ? 29  GLU A OE1 1 
ATOM   221 O  OE2 . GLU A 1 29 ? 15.535  12.590  0.560   1.00 60.58 ? 29  GLU A OE2 1 
ATOM   222 N  N   . ASP A 1 30 ? 12.922  9.024   4.122   1.00 22.58 ? 30  ASP A N   1 
ATOM   223 C  CA  . ASP A 1 30 ? 12.484  9.254   5.498   1.00 22.07 ? 30  ASP A CA  1 
ATOM   224 C  C   . ASP A 1 30 ? 11.730  8.057   6.084   1.00 17.03 ? 30  ASP A C   1 
ATOM   225 O  O   . ASP A 1 30 ? 11.256  8.131   7.209   1.00 19.85 ? 30  ASP A O   1 
ATOM   226 C  CB  . ASP A 1 30 ? 11.649  10.527  5.550   1.00 26.19 ? 30  ASP A CB  1 
ATOM   227 C  CG  . ASP A 1 30 ? 12.457  11.780  5.240   1.00 29.13 ? 30  ASP A CG  1 
ATOM   228 O  OD1 . ASP A 1 30 ? 13.634  11.862  5.643   1.00 38.70 ? 30  ASP A OD1 1 
ATOM   229 O  OD2 . ASP A 1 30 ? 11.806  12.607  4.583   1.00 43.50 ? 30  ASP A OD2 1 
ATOM   230 N  N   . GLY A 1 31 ? 11.685  6.967   5.325   1.00 12.80 ? 31  GLY A N   1 
ATOM   231 C  CA  . GLY A 1 31 ? 11.036  5.757   5.800   1.00 11.83 ? 31  GLY A CA  1 
ATOM   232 C  C   . GLY A 1 31 ? 9.529   5.669   5.603   1.00 7.48  ? 31  GLY A C   1 
ATOM   233 O  O   . GLY A 1 31 ? 8.883   4.737   6.035   1.00 8.48  ? 31  GLY A O   1 
ATOM   234 N  N   . ILE A 1 32 ? 8.975   6.711   4.902   1.00 8.27  ? 32  ILE A N   1 
ATOM   235 C  CA  . ILE A 1 32 ? 7.547   6.708   4.649   1.00 6.79  ? 32  ILE A CA  1 
ATOM   236 C  C   . ILE A 1 32 ? 7.271   5.732   3.498   1.00 5.93  ? 32  ILE A C   1 
ATOM   237 O  O   . ILE A 1 32 ? 7.915   5.784   2.447   1.00 7.10  ? 32  ILE A O   1 
ATOM   238 C  CB  . ILE A 1 32 ? 7.010   8.126   4.313   1.00 8.90  ? 32  ILE A CB  1 
ATOM   239 C  CG1 . ILE A 1 32 ? 7.244   9.115   5.441   1.00 11.11 ? 32  ILE A CG1 1 
ATOM   240 C  CG2 . ILE A 1 32 ? 5.535   8.024   3.923   1.00 10.17 ? 32  ILE A CG2 1 
ATOM   241 C  CD1 . ILE A 1 32 ? 6.425   8.842   6.679   1.00 14.95 ? 32  ILE A CD1 1 
ATOM   242 N  N   . ALA A 1 33 ? 6.330   4.804   3.693   1.00 5.68  ? 33  ALA A N   1 
ATOM   243 C  CA  . ALA A 1 33 ? 6.044   3.786   2.708   1.00 5.27  ? 33  ALA A CA  1 
ATOM   244 C  C   . ALA A 1 33 ? 5.302   4.323   1.508   1.00 5.40  ? 33  ALA A C   1 
ATOM   245 O  O   . ALA A 1 33 ? 4.596   5.353   1.556   1.00 5.94  ? 33  ALA A O   1 
ATOM   246 C  CB  . ALA A 1 33 ? 5.244   2.637   3.371   1.00 5.86  ? 33  ALA A CB  1 
ATOM   247 N  N   . TYR A 1 34 ? 5.438   3.568   0.403   1.00 5.27  ? 34  TYR A N   1 
ATOM   248 C  CA  . TYR A 1 34 ? 4.716   3.817   -0.795  1.00 5.14  ? 34  TYR A CA  1 
ATOM   249 C  C   . TYR A 1 34 ? 4.619   2.541   -1.612  1.00 4.94  ? 34  TYR A C   1 
ATOM   250 O  O   . TYR A 1 34 ? 5.430   1.615   -1.429  1.00 5.39  ? 34  TYR A O   1 
ATOM   251 C  CB  . TYR A 1 34 ? 5.374   4.955   -1.618  1.00 6.04  ? 34  TYR A CB  1 
ATOM   252 C  CG  . TYR A 1 34 ? 6.625   4.571   -2.365  1.00 6.31  ? 34  TYR A CG  1 
ATOM   253 C  CD1 . TYR A 1 34 ? 7.842   4.461   -1.707  1.00 7.14  ? 34  TYR A CD1 1 
ATOM   254 C  CD2 . TYR A 1 34 ? 6.571   4.277   -3.716  1.00 6.76  ? 34  TYR A CD2 1 
ATOM   255 C  CE1 . TYR A 1 34 ? 9.011   4.082   -2.385  1.00 8.44  ? 34  TYR A CE1 1 
ATOM   256 C  CE2 . TYR A 1 34 ? 7.734   3.885   -4.404  1.00 8.26  ? 34  TYR A CE2 1 
ATOM   257 C  CZ  . TYR A 1 34 ? 8.925   3.813   -3.755  1.00 8.61  ? 34  TYR A CZ  1 
ATOM   258 O  OH  . TYR A 1 34 ? 10.073  3.426   -4.409  1.00 10.82 ? 34  TYR A OH  1 
ATOM   259 N  N   . VAL A 1 35 ? 3.653   2.509   -2.526  1.00 4.37  ? 35  VAL A N   1 
ATOM   260 C  CA  . VAL A 1 35 ? 3.463   1.314   -3.368  1.00 4.34  ? 35  VAL A CA  1 
ATOM   261 C  C   . VAL A 1 35 ? 4.325   1.454   -4.625  1.00 4.52  ? 35  VAL A C   1 
ATOM   262 O  O   . VAL A 1 35 ? 4.182   2.344   -5.467  1.00 5.06  ? 35  VAL A O   1 
ATOM   263 C  CB  . VAL A 1 35 ? 1.973   1.162   -3.723  1.00 4.42  ? 35  VAL A CB  1 
ATOM   264 C  CG1 . VAL A 1 35 ? 1.780   0.031   -4.743  1.00 4.93  ? 35  VAL A CG1 1 
ATOM   265 C  CG2 . VAL A 1 35 ? 1.188   0.843   -2.456  1.00 4.67  ? 35  VAL A CG2 1 
ATOM   266 N  N   . THR A 1 36 ? 5.252   0.480   -4.785  1.00 5.10  ? 36  THR A N   1 
ATOM   267 C  CA  . THR A 1 36 ? 6.180   0.487   -5.902  1.00 5.71  ? 36  THR A CA  1 
ATOM   268 C  C   . THR A 1 36 ? 5.573   0.059   -7.204  1.00 5.42  ? 36  THR A C   1 
ATOM   269 O  O   . THR A 1 36 ? 6.102   0.304   -8.290  1.00 6.31  ? 36  THR A O   1 
ATOM   270 C  CB  . THR A 1 36 ? 7.395   -0.362  -5.583  1.00 6.87  ? 36  THR A CB  1 
ATOM   271 O  OG1 . THR A 1 36 ? 6.993   -1.707  -5.240  1.00 7.84  ? 36  THR A OG1 1 
ATOM   272 C  CG2 . THR A 1 36 ? 8.220   0.171   -4.422  1.00 8.27  ? 36  THR A CG2 1 
ATOM   273 N  N   . LEU A 1 37 ? 4.396   -0.642  -7.165  1.00 4.91  ? 37  LEU A N   1 
ATOM   274 C  CA  . LEU A 1 37 ? 3.749   -1.080  -8.383  1.00 5.18  ? 37  LEU A CA  1 
ATOM   275 C  C   . LEU A 1 37 ? 3.414   0.060   -9.326  1.00 4.71  ? 37  LEU A C   1 
ATOM   276 O  O   . LEU A 1 37 ? 3.341   -0.125  -10.535 1.00 5.25  ? 37  LEU A O   1 
ATOM   277 C  CB  . LEU A 1 37 ? 2.428   -1.816  -8.049  1.00 5.33  ? 37  LEU A CB  1 
ATOM   278 C  CG  . LEU A 1 37 ? 2.532   -3.133  -7.287  1.00 6.55  ? 37  LEU A CG  1 
ATOM   279 C  CD1 . LEU A 1 37 ? 1.118   -3.545  -6.818  1.00 7.52  ? 37  LEU A CD1 1 
ATOM   280 C  CD2 . LEU A 1 37 ? 3.187   -4.197  -8.121  1.00 9.22  ? 37  LEU A CD2 1 
ATOM   281 N  N   . ASP A 1 38 ? 3.163   1.264   -8.750  1.00 4.96  ? 38  ASP A N   1 
ATOM   282 C  CA  . ASP A 1 38 ? 2.537   2.372   -9.506  1.00 4.80  ? 38  ASP A CA  1 
ATOM   283 C  C   . ASP A 1 38 ? 2.874   3.720   -8.887  1.00 4.80  ? 38  ASP A C   1 
ATOM   284 O  O   . ASP A 1 38 ? 2.106   4.673   -9.078  1.00 5.30  ? 38  ASP A O   1 
ATOM   285 C  CB  . ASP A 1 38 ? 1.046   2.124   -9.644  1.00 5.03  ? 38  ASP A CB  1 
ATOM   286 C  CG  . ASP A 1 38 ? 0.368   1.933   -8.282  1.00 4.73  ? 38  ASP A CG  1 
ATOM   287 O  OD1 . ASP A 1 38 ? -0.841  1.497   -8.287  1.00 5.09  ? 38  ASP A OD1 1 
ATOM   288 O  OD2 . ASP A 1 38 ? 1.002   2.265   -7.261  1.00 5.44  ? 38  ASP A OD2 1 
ATOM   289 N  N   . ASP A 1 39 ? 3.985   3.817   -8.197  1.00 5.18  ? 39  ASP A N   1 
ATOM   290 C  CA  . ASP A 1 39 ? 4.406   5.104   -7.605  1.00 5.69  ? 39  ASP A CA  1 
ATOM   291 C  C   . ASP A 1 39 ? 3.298   5.695   -6.712  1.00 5.22  ? 39  ASP A C   1 
ATOM   292 O  O   . ASP A 1 39 ? 3.077   6.911   -6.715  1.00 5.86  ? 39  ASP A O   1 
ATOM   293 C  CB  . ASP A 1 39 ? 4.865   6.110   -8.660  1.00 6.43  ? 39  ASP A CB  1 
ATOM   294 C  CG  . ASP A 1 39 ? 5.802   7.188   -8.095  1.00 9.14  ? 39  ASP A CG  1 
ATOM   295 O  OD1 . ASP A 1 39 ? 5.907   8.224   -8.780  1.00 10.77 ? 39  ASP A OD1 1 
ATOM   296 O  OD2 . ASP A 1 39 ? 6.370   7.019   -7.017  1.00 11.87 ? 39  ASP A OD2 1 
ATOM   297 N  N   . ASN A 1 40 ? 2.648   4.826   -5.946  1.00 4.65  ? 40  ASN A N   1 
ATOM   298 C  CA  . ASN A 1 40 ? 1.676   5.259   -4.968  1.00 4.92  ? 40  ASN A CA  1 
ATOM   299 C  C   . ASN A 1 40 ? 0.474   5.953   -5.580  1.00 4.94  ? 40  ASN A C   1 
ATOM   300 O  O   . ASN A 1 40 ? -0.163  6.782   -4.929  1.00 6.45  ? 40  ASN A O   1 
ATOM   301 C  CB  . ASN A 1 40 ? 2.262   6.118   -3.817  1.00 5.41  ? 40  ASN A CB  1 
ATOM   302 C  CG  . ASN A 1 40 ? 1.595   5.775   -2.492  1.00 5.20  ? 40  ASN A CG  1 
ATOM   303 O  OD1 . ASN A 1 40 ? 1.496   4.610   -2.136  1.00 4.54  ? 40  ASN A OD1 1 
ATOM   304 N  ND2 . ASN A 1 40 ? 1.106   6.796   -1.799  1.00 7.42  ? 40  ASN A ND2 1 
ATOM   305 N  N   . GLN A 1 41 ? 0.080   5.576   -6.810  1.00 4.84  ? 41  GLN A N   1 
ATOM   306 C  CA  . GLN A 1 41 ? -1.083  6.152   -7.451  1.00 5.14  ? 41  GLN A CA  1 
ATOM   307 C  C   . GLN A 1 41 ? -2.358  5.265   -7.320  1.00 5.17  ? 41  GLN A C   1 
ATOM   308 O  O   . GLN A 1 41 ? -3.437  5.724   -7.670  1.00 6.03  ? 41  GLN A O   1 
ATOM   309 C  CB  . GLN A 1 41 ? -0.806  6.454   -8.915  1.00 6.11  ? 41  GLN A CB  1 
ATOM   310 C  CG  . GLN A 1 41 ? 0.305   7.505   -9.118  1.00 7.74  ? 41  GLN A CG  1 
ATOM   311 C  CD  . GLN A 1 41 ? 0.100   8.747   -8.310  1.00 11.77 ? 41  GLN A CD  1 
ATOM   312 O  OE1 . GLN A 1 41 ? -0.917  9.410   -8.402  1.00 16.19 ? 41  GLN A OE1 1 
ATOM   313 N  NE2 . GLN A 1 41 ? 1.056   9.011   -7.392  1.00 15.41 ? 41  GLN A NE2 1 
ATOM   314 N  N   . GLY A 1 42 ? -2.198  4.016   -6.885  1.00 4.66  ? 42  GLY A N   1 
ATOM   315 C  CA  . GLY A 1 42 ? -3.365  3.145   -6.736  1.00 5.24  ? 42  GLY A CA  1 
ATOM   316 C  C   . GLY A 1 42 ? -4.068  2.842   -8.055  1.00 4.87  ? 42  GLY A C   1 
ATOM   317 O  O   . GLY A 1 42 ? -5.304  2.791   -8.089  1.00 6.14  ? 42  GLY A O   1 
ATOM   318 N  N   . ILE A 1 43 ? -3.268  2.621   -9.111  1.00 4.71  ? 43  ILE A N   1 
ATOM   319 C  CA  . ILE A 1 43 ? -3.803  2.392   -10.451 1.00 4.98  ? 43  ILE A CA  1 
ATOM   320 C  C   . ILE A 1 43 ? -3.386  1.079   -11.098 1.00 5.28  ? 43  ILE A C   1 
ATOM   321 O  O   . ILE A 1 43 ? -3.999  0.705   -12.103 1.00 6.89  ? 43  ILE A O   1 
ATOM   322 C  CB  . ILE A 1 43 ? -3.497  3.588   -11.428 1.00 5.77  ? 43  ILE A CB  1 
ATOM   323 C  CG1 . ILE A 1 43 ? -1.986  3.735   -11.598 1.00 5.76  ? 43  ILE A CG1 1 
ATOM   324 C  CG2 . ILE A 1 43 ? -4.181  4.828   -10.935 1.00 6.21  ? 43  ILE A CG2 1 
ATOM   325 C  CD1 . ILE A 1 43 ? -1.572  4.794   -12.621 1.00 8.15  ? 43  ILE A CD1 1 
ATOM   326 N  N   . VAL A 1 44 ? -2.364  0.383   -10.581 1.00 4.86  ? 44  VAL A N   1 
ATOM   327 C  CA  . VAL A 1 44 ? -1.947  -0.908  -11.156 1.00 5.04  ? 44  VAL A CA  1 
ATOM   328 C  C   . VAL A 1 44 ? -2.589  -2.025  -10.321 1.00 4.99  ? 44  VAL A C   1 
ATOM   329 O  O   . VAL A 1 44 ? -2.485  -2.092  -9.120  1.00 5.89  ? 44  VAL A O   1 
ATOM   330 C  CB  . VAL A 1 44 ? -0.430  -1.064  -11.183 1.00 5.24  ? 44  VAL A CB  1 
ATOM   331 C  CG1 . VAL A 1 44 ? 0.044   -2.500  -11.415 1.00 6.51  ? 44  VAL A CG1 1 
ATOM   332 C  CG2 . VAL A 1 44 ? 0.146   -0.114  -12.297 1.00 6.36  ? 44  VAL A CG2 1 
ATOM   333 N  N   . GLU A 1 45 ? -3.256  -2.931  -11.036 1.00 5.51  ? 45  GLU A N   1 
ATOM   334 C  CA  . GLU A 1 45 ? -3.887  -4.099  -10.357 1.00 6.49  ? 45  GLU A CA  1 
ATOM   335 C  C   . GLU A 1 45 ? -2.803  -4.953  -9.734  1.00 6.03  ? 45  GLU A C   1 
ATOM   336 O  O   . GLU A 1 45 ? -1.775  -5.295  -10.352 1.00 7.76  ? 45  GLU A O   1 
ATOM   337 C  CB  A GLU A 1 45 ? -4.635  -4.873  -11.435 0.48 9.73  ? 45  GLU A CB  1 
ATOM   338 C  CB  B GLU A 1 45 ? -4.749  -4.935  -11.303 0.52 10.36 ? 45  GLU A CB  1 
ATOM   339 C  CG  A GLU A 1 45 ? -5.474  -5.921  -10.813 0.48 12.35 ? 45  GLU A CG  1 
ATOM   340 C  CG  B GLU A 1 45 ? -5.715  -4.200  -12.219 0.52 11.61 ? 45  GLU A CG  1 
ATOM   341 C  CD  A GLU A 1 45 ? -6.116  -7.028  -11.604 0.48 21.31 ? 45  GLU A CD  1 
ATOM   342 C  CD  B GLU A 1 45 ? -6.398  -5.033  -13.295 0.52 16.39 ? 45  GLU A CD  1 
ATOM   343 O  OE1 A GLU A 1 45 ? -6.030  -7.076  -12.850 0.48 29.86 ? 45  GLU A OE1 1 
ATOM   344 O  OE1 B GLU A 1 45 ? -6.446  -6.269  -13.171 0.52 25.07 ? 45  GLU A OE1 1 
ATOM   345 O  OE2 A GLU A 1 45 ? -6.750  -7.904  -10.953 0.48 18.30 ? 45  GLU A OE2 1 
ATOM   346 O  OE2 B GLU A 1 45 ? -6.898  -4.472  -14.279 0.52 22.93 ? 45  GLU A OE2 1 
ATOM   347 N  N   . VAL A 1 46 ? -2.989  -5.327  -8.463  1.00 5.42  ? 46  VAL A N   1 
ATOM   348 C  CA  . VAL A 1 46 ? -2.021  -6.159  -7.796  1.00 5.26  ? 46  VAL A CA  1 
ATOM   349 C  C   . VAL A 1 46 ? -2.006  -7.552  -8.411  1.00 5.20  ? 46  VAL A C   1 
ATOM   350 O  O   . VAL A 1 46 ? -3.085  -8.167  -8.557  1.00 6.20  ? 46  VAL A O   1 
ATOM   351 C  CB  . VAL A 1 46 ? -2.344  -6.228  -6.285  1.00 5.82  ? 46  VAL A CB  1 
ATOM   352 C  CG1 . VAL A 1 46 ? -1.393  -7.198  -5.581  1.00 6.23  ? 46  VAL A CG1 1 
ATOM   353 C  CG2 . VAL A 1 46 ? -2.294  -4.841  -5.675  1.00 7.53  ? 46  VAL A CG2 1 
ATOM   354 N  N   . PRO A 1 47 ? -0.873  -8.089  -8.828  1.00 5.27  ? 47  PRO A N   1 
ATOM   355 C  CA  . PRO A 1 47 ? -0.836  -9.455  -9.379  1.00 6.10  ? 47  PRO A CA  1 
ATOM   356 C  C   . PRO A 1 47 ? -1.512  -10.433 -8.432  1.00 5.42  ? 47  PRO A C   1 
ATOM   357 O  O   . PRO A 1 47 ? -1.310  -10.389 -7.214  1.00 5.47  ? 47  PRO A O   1 
ATOM   358 C  CB  . PRO A 1 47 ? 0.650   -9.703  -9.560  1.00 6.92  ? 47  PRO A CB  1 
ATOM   359 C  CG  . PRO A 1 47 ? 1.240   -8.342  -9.831  1.00 7.67  ? 47  PRO A CG  1 
ATOM   360 C  CD  . PRO A 1 47 ? 0.463   -7.427  -8.908  1.00 6.32  ? 47  PRO A CD  1 
ATOM   361 N  N   . ASP A 1 48 ? -2.276  -11.388 -9.000  1.00 6.09  ? 48  ASP A N   1 
ATOM   362 C  CA  . ASP A 1 48 ? -2.981  -12.372 -8.162  1.00 5.76  ? 48  ASP A CA  1 
ATOM   363 C  C   . ASP A 1 48 ? -2.059  -13.044 -7.157  1.00 5.24  ? 48  ASP A C   1 
ATOM   364 O  O   . ASP A 1 48 ? -2.456  -13.269 -5.997  1.00 5.66  ? 48  ASP A O   1 
ATOM   365 C  CB  . ASP A 1 48 ? -3.653  -13.436 -9.050  1.00 6.85  ? 48  ASP A CB  1 
ATOM   366 C  CG  . ASP A 1 48 ? -4.869  -12.942 -9.839  1.00 7.73  ? 48  ASP A CG  1 
ATOM   367 O  OD1 . ASP A 1 48 ? -5.312  -13.729 -10.716 1.00 8.19  ? 48  ASP A OD1 1 
ATOM   368 O  OD2 . ASP A 1 48 ? -5.392  -11.858 -9.562  1.00 11.66 ? 48  ASP A OD2 1 
ATOM   369 N  N   . ILE A 1 49 ? -0.843  -13.420 -7.593  1.00 5.69  ? 49  ILE A N   1 
ATOM   370 C  CA  . ILE A 1 49 ? 0.065   -14.162 -6.756  1.00 6.41  ? 49  ILE A CA  1 
ATOM   371 C  C   . ILE A 1 49 ? 0.559   -13.315 -5.554  1.00 5.54  ? 49  ILE A C   1 
ATOM   372 O  O   . ILE A 1 49 ? 1.108   -13.928 -4.594  1.00 6.97  ? 49  ILE A O   1 
ATOM   373 C  CB  . ILE A 1 49 ? 1.245   -14.725 -7.612  1.00 7.73  ? 49  ILE A CB  1 
ATOM   374 C  CG1 . ILE A 1 49 ? 1.892   -15.954 -7.035  1.00 8.90  ? 49  ILE A CG1 1 
ATOM   375 C  CG2 . ILE A 1 49 ? 2.309   -13.650 -7.863  1.00 9.37  ? 49  ILE A CG2 1 
ATOM   376 C  CD1 . ILE A 1 49 ? 0.987   -17.151 -7.153  1.00 11.52 ? 49  ILE A CD1 1 
ATOM   377 N  N   . LEU A 1 50 ? 0.385   -12.005 -5.606  1.00 5.10  ? 50  LEU A N   1 
ATOM   378 C  CA  . LEU A 1 50 ? 0.811   -11.091 -4.529  1.00 5.19  ? 50  LEU A CA  1 
ATOM   379 C  C   . LEU A 1 50 ? -0.325  -10.646 -3.604  1.00 5.21  ? 50  LEU A C   1 
ATOM   380 O  O   . LEU A 1 50 ? -0.070  -9.907  -2.646  1.00 5.40  ? 50  LEU A O   1 
ATOM   381 C  CB  . LEU A 1 50 ? 1.501   -9.868  -5.145  1.00 5.79  ? 50  LEU A CB  1 
ATOM   382 C  CG  . LEU A 1 50 ? 2.882   -10.132 -5.785  1.00 6.95  ? 50  LEU A CG  1 
ATOM   383 C  CD1 . LEU A 1 50 ? 3.432   -8.863  -6.373  1.00 7.76  ? 50  LEU A CD1 1 
ATOM   384 C  CD2 . LEU A 1 50 ? 3.849   -10.713 -4.770  1.00 11.65 ? 50  LEU A CD2 1 
ATOM   385 N  N   . ILE A 1 51 ? -1.556  -11.074 -3.865  1.00 5.02  ? 51  ILE A N   1 
ATOM   386 C  CA  . ILE A 1 51 ? -2.686  -10.600 -3.062  1.00 5.07  ? 51  ILE A CA  1 
ATOM   387 C  C   . ILE A 1 51 ? -2.553  -11.022 -1.615  1.00 5.44  ? 51  ILE A C   1 
ATOM   388 O  O   . ILE A 1 51 ? -2.874  -10.240 -0.701  1.00 5.29  ? 51  ILE A O   1 
ATOM   389 C  CB  . ILE A 1 51 ? -4.019  -11.048 -3.685  1.00 6.20  ? 51  ILE A CB  1 
ATOM   390 C  CG1 . ILE A 1 51 ? -4.246  -10.304 -5.021  1.00 7.67  ? 51  ILE A CG1 1 
ATOM   391 C  CG2 . ILE A 1 51 ? -5.179  -10.873 -2.724  1.00 7.31  ? 51  ILE A CG2 1 
ATOM   392 C  CD1 . ILE A 1 51 ? -4.449  -8.884  -4.926  1.00 15.13 ? 51  ILE A CD1 1 
ATOM   393 N  N   . ASP A 1 52 ? -2.097  -12.263 -1.338  1.00 5.62  ? 52  ASP A N   1 
ATOM   394 C  CA  . ASP A 1 52 ? -2.006  -12.683 0.048   1.00 6.09  ? 52  ASP A CA  1 
ATOM   395 C  C   . ASP A 1 52 ? -0.973  -11.817 0.800   1.00 5.54  ? 52  ASP A C   1 
ATOM   396 O  O   . ASP A 1 52 ? -1.225  -11.415 1.947   1.00 6.16  ? 52  ASP A O   1 
ATOM   397 C  CB  A ASP A 1 52 ? -1.726  -14.176 0.154   0.29 7.51  ? 52  ASP A CB  1 
ATOM   398 C  CB  B ASP A 1 52 ? -1.579  -14.153 0.102   0.71 7.50  ? 52  ASP A CB  1 
ATOM   399 C  CG  A ASP A 1 52 ? -2.179  -14.698 1.511   0.29 6.48  ? 52  ASP A CG  1 
ATOM   400 C  CG  B ASP A 1 52 ? -2.632  -15.186 -0.223  0.71 9.02  ? 52  ASP A CG  1 
ATOM   401 O  OD1 A ASP A 1 52 ? -1.268  -15.167 2.208   0.29 8.61  ? 52  ASP A OD1 1 
ATOM   402 O  OD1 B ASP A 1 52 ? -2.260  -16.364 -0.407  0.71 11.99 ? 52  ASP A OD1 1 
ATOM   403 O  OD2 A ASP A 1 52 ? -3.381  -14.624 1.812   0.29 9.27  ? 52  ASP A OD2 1 
ATOM   404 O  OD2 B ASP A 1 52 ? -3.804  -14.786 -0.367  0.71 10.51 ? 52  ASP A OD2 1 
ATOM   405 N  N   . ASP A 1 53 ? 0.179   -11.503 0.173   1.00 5.49  ? 53  ASP A N   1 
ATOM   406 C  CA  . ASP A 1 53 ? 1.162   -10.609 0.790   1.00 5.39  ? 53  ASP A CA  1 
ATOM   407 C  C   . ASP A 1 53 ? 0.560   -9.215  1.017   1.00 4.73  ? 53  ASP A C   1 
ATOM   408 O  O   . ASP A 1 53 ? 0.773   -8.594  2.075   1.00 5.12  ? 53  ASP A O   1 
ATOM   409 C  CB  . ASP A 1 53 ? 2.398   -10.484 -0.069  1.00 5.91  ? 53  ASP A CB  1 
ATOM   410 C  CG  . ASP A 1 53 ? 3.379   -11.630 0.000   1.00 6.87  ? 53  ASP A CG  1 
ATOM   411 O  OD1 . ASP A 1 53 ? 4.444   -11.500 -0.701  1.00 7.85  ? 53  ASP A OD1 1 
ATOM   412 O  OD2 . ASP A 1 53 ? 3.177   -12.601 0.735   1.00 8.78  ? 53  ASP A OD2 1 
ATOM   413 N  N   . MET A 1 54 ? -0.183  -8.695  0.020   1.00 4.71  ? 54  MET A N   1 
ATOM   414 C  CA  . MET A 1 54 ? -0.851  -7.420  0.180   1.00 4.25  ? 54  MET A CA  1 
ATOM   415 C  C   . MET A 1 54 ? -1.748  -7.417  1.419   1.00 4.33  ? 54  MET A C   1 
ATOM   416 O  O   . MET A 1 54 ? -1.738  -6.469  2.212   1.00 4.51  ? 54  MET A O   1 
ATOM   417 C  CB  . MET A 1 54 ? -1.696  -7.132  -1.074  1.00 4.60  ? 54  MET A CB  1 
ATOM   418 C  CG  . MET A 1 54 ? -2.445  -5.803  -1.008  1.00 5.07  ? 54  MET A CG  1 
ATOM   419 S  SD  . MET A 1 54 ? -3.708  -5.655  -2.296  1.00 5.79  ? 54  MET A SD  1 
ATOM   420 C  CE  . MET A 1 54 ? -4.937  -6.781  -1.657  1.00 6.81  ? 54  MET A CE  1 
ATOM   421 N  N   . MET A 1 55 ? -2.561  -8.483  1.585   1.00 4.94  ? 55  MET A N   1 
ATOM   422 C  CA  . MET A 1 55 ? -3.459  -8.520  2.732   1.00 5.07  ? 55  MET A CA  1 
ATOM   423 C  C   . MET A 1 55 ? -2.710  -8.645  4.029   1.00 4.89  ? 55  MET A C   1 
ATOM   424 O  O   . MET A 1 55 ? -3.133  -8.065  5.055   1.00 5.60  ? 55  MET A O   1 
ATOM   425 C  CB  . MET A 1 55 ? -4.508  -9.663  2.575   1.00 6.16  ? 55  MET A CB  1 
ATOM   426 C  CG  . MET A 1 55 ? -5.490  -9.402  1.427   1.00 6.86  ? 55  MET A CG  1 
ATOM   427 S  SD  . MET A 1 55 ? -6.408  -7.850  1.551   1.00 8.22  ? 55  MET A SD  1 
ATOM   428 C  CE  . MET A 1 55 ? -7.475  -8.172  2.927   1.00 9.82  ? 55  MET A CE  1 
ATOM   429 N  N   . ASP A 1 56 ? -1.586  -9.356  4.071   1.00 5.29  ? 56  ASP A N   1 
ATOM   430 C  CA  . ASP A 1 56 ? -0.740  -9.378  5.274   1.00 5.51  ? 56  ASP A CA  1 
ATOM   431 C  C   . ASP A 1 56 ? -0.307  -7.960  5.633   1.00 4.90  ? 56  ASP A C   1 
ATOM   432 O  O   . ASP A 1 56 ? -0.356  -7.559  6.795   1.00 5.59  ? 56  ASP A O   1 
ATOM   433 C  CB  . ASP A 1 56 ? 0.462   -10.284 5.069   1.00 6.16  ? 56  ASP A CB  1 
ATOM   434 C  CG  . ASP A 1 56 ? 0.242   -11.754 5.025   1.00 7.71  ? 56  ASP A CG  1 
ATOM   435 O  OD1 . ASP A 1 56 ? 1.170   -12.505 4.632   1.00 8.35  ? 56  ASP A OD1 1 
ATOM   436 O  OD2 . ASP A 1 56 ? -0.893  -12.194 5.441   1.00 9.22  ? 56  ASP A OD2 1 
ATOM   437 N  N   . ALA A 1 57 ? 0.204   -7.215  4.652   1.00 4.37  ? 57  ALA A N   1 
ATOM   438 C  CA  . ALA A 1 57 ? 0.699   -5.863  4.922   1.00 4.37  ? 57  ALA A CA  1 
ATOM   439 C  C   . ALA A 1 57 ? -0.461  -4.934  5.369   1.00 4.04  ? 57  ALA A C   1 
ATOM   440 O  O   . ALA A 1 57 ? -0.310  -4.161  6.314   1.00 4.62  ? 57  ALA A O   1 
ATOM   441 C  CB  . ALA A 1 57 ? 1.362   -5.278  3.673   1.00 5.02  ? 57  ALA A CB  1 
ATOM   442 N  N   . PHE A 1 58 ? -1.576  -5.031  4.666   1.00 4.16  ? 58  PHE A N   1 
ATOM   443 C  CA  . PHE A 1 58 ? -2.762  -4.208  4.940   1.00 4.04  ? 58  PHE A CA  1 
ATOM   444 C  C   . PHE A 1 58 ? -3.272  -4.486  6.355   1.00 4.39  ? 58  PHE A C   1 
ATOM   445 O  O   . PHE A 1 58 ? -3.543  -3.530  7.117   1.00 4.90  ? 58  PHE A O   1 
ATOM   446 C  CB  . PHE A 1 58 ? -3.803  -4.547  3.855   1.00 4.53  ? 58  PHE A CB  1 
ATOM   447 C  CG  . PHE A 1 58 ? -5.197  -4.032  4.219   1.00 4.72  ? 58  PHE A CG  1 
ATOM   448 C  CD1 . PHE A 1 58 ? -5.496  -2.697  4.220   1.00 4.98  ? 58  PHE A CD1 1 
ATOM   449 C  CD2 . PHE A 1 58 ? -6.181  -4.961  4.536   1.00 6.91  ? 58  PHE A CD2 1 
ATOM   450 C  CE1 . PHE A 1 58 ? -6.766  -2.260  4.548   1.00 5.81  ? 58  PHE A CE1 1 
ATOM   451 C  CE2 . PHE A 1 58 ? -7.450  -4.489  4.901   1.00 7.65  ? 58  PHE A CE2 1 
ATOM   452 C  CZ  . PHE A 1 58 ? -7.745  -3.150  4.942   1.00 7.00  ? 58  PHE A CZ  1 
ATOM   453 N  N   . GLU A 1 59 ? -3.430  -5.751  6.717   1.00 4.58  ? 59  GLU A N   1 
ATOM   454 C  CA  . GLU A 1 59 ? -3.958  -6.100  8.033   1.00 5.45  ? 59  GLU A CA  1 
ATOM   455 C  C   . GLU A 1 59 ? -2.984  -5.773  9.145   1.00 5.24  ? 59  GLU A C   1 
ATOM   456 O  O   . GLU A 1 59 ? -3.405  -5.456  10.277  1.00 7.58  ? 59  GLU A O   1 
ATOM   457 C  CB  . GLU A 1 59 ? -4.355  -7.607  8.056   1.00 6.46  ? 59  GLU A CB  1 
ATOM   458 C  CG  . GLU A 1 59 ? -5.557  -7.875  7.179   1.00 7.38  ? 59  GLU A CG  1 
ATOM   459 C  CD  . GLU A 1 59 ? -5.887  -9.303  6.945   1.00 9.89  ? 59  GLU A CD  1 
ATOM   460 O  OE1 . GLU A 1 59 ? -6.942  -9.568  6.299   1.00 15.53 ? 59  GLU A OE1 1 
ATOM   461 O  OE2 . GLU A 1 59 ? -5.153  -10.195 7.430   1.00 11.26 ? 59  GLU A OE2 1 
ATOM   462 N  N   . GLY A 1 60 ? -1.690  -5.838  8.850   1.00 4.81  ? 60  GLY A N   1 
ATOM   463 C  CA  . GLY A 1 60 ? -0.653  -5.600  9.843   1.00 6.20  ? 60  GLY A CA  1 
ATOM   464 C  C   . GLY A 1 60 ? -0.364  -4.151  10.122  1.00 6.29  ? 60  GLY A C   1 
ATOM   465 O  O   . GLY A 1 60 ? 0.185   -3.830  11.184  1.00 9.80  ? 60  GLY A O   1 
ATOM   466 N  N   . CYS A 1 61 ? -0.673  -3.225  9.238   1.00 4.77  ? 61  CYS A N   1 
ATOM   467 C  CA  . CYS A 1 61 ? -0.189  -1.856  9.363   1.00 4.41  ? 61  CYS A CA  1 
ATOM   468 C  C   . CYS A 1 61 ? -0.763  -1.231  10.658  1.00 4.52  ? 61  CYS A C   1 
ATOM   469 O  O   . CYS A 1 61 ? -1.988  -1.196  10.826  1.00 4.98  ? 61  CYS A O   1 
ATOM   470 C  CB  . CYS A 1 61 ? -0.661  -1.058  8.160   1.00 4.34  ? 61  CYS A CB  1 
ATOM   471 S  SG  . CYS A 1 61 ? -0.264  0.747   8.373   1.00 4.93  ? 61  CYS A SG  1 
ATOM   472 N  N   . PRO A 1 62 ? 0.066   -0.732  11.555  1.00 4.61  ? 62  PRO A N   1 
ATOM   473 C  CA  . PRO A 1 62 ? -0.462  -0.319  12.858  1.00 4.74  ? 62  PRO A CA  1 
ATOM   474 C  C   . PRO A 1 62 ? -1.433  0.861   12.772  1.00 4.75  ? 62  PRO A C   1 
ATOM   475 O  O   . PRO A 1 62 ? -2.328  0.967   13.612  1.00 5.42  ? 62  PRO A O   1 
ATOM   476 C  CB  . PRO A 1 62 ? 0.810   0.070   13.658  1.00 5.58  ? 62  PRO A CB  1 
ATOM   477 C  CG  . PRO A 1 62 ? 1.860   0.326   12.593  1.00 5.06  ? 62  PRO A CG  1 
ATOM   478 C  CD  . PRO A 1 62 ? 1.546   -0.693  11.521  1.00 5.07  ? 62  PRO A CD  1 
ATOM   479 N  N   . THR A 1 63 ? -1.219  1.771   11.801  1.00 4.80  ? 63  THR A N   1 
ATOM   480 C  CA  . THR A 1 63 ? -1.991  3.000   11.700  1.00 5.13  ? 63  THR A CA  1 
ATOM   481 C  C   . THR A 1 63 ? -3.016  2.979   10.573  1.00 5.11  ? 63  THR A C   1 
ATOM   482 O  O   . THR A 1 63 ? -3.561  4.011   10.230  1.00 6.12  ? 63  THR A O   1 
ATOM   483 C  CB  . THR A 1 63 ? -1.000  4.181   11.548  1.00 6.14  ? 63  THR A CB  1 
ATOM   484 O  OG1 . THR A 1 63 ? -0.054  3.852   10.561  1.00 7.44  ? 63  THR A OG1 1 
ATOM   485 C  CG2 . THR A 1 63 ? -0.298  4.425   12.864  1.00 7.34  ? 63  THR A CG2 1 
ATOM   486 N  N   . ASP A 1 64 ? -3.280  1.782   10.005  1.00 4.74  ? 64  ASP A N   1 
ATOM   487 C  CA  . ASP A 1 64 ? -4.297  1.660   8.960   1.00 4.95  ? 64  ASP A CA  1 
ATOM   488 C  C   . ASP A 1 64 ? -3.999  2.590   7.775   1.00 5.08  ? 64  ASP A C   1 
ATOM   489 O  O   . ASP A 1 64 ? -4.907  3.021   7.055   1.00 6.21  ? 64  ASP A O   1 
ATOM   490 C  CB  . ASP A 1 64 ? -5.713  1.885   9.495   1.00 6.04  ? 64  ASP A CB  1 
ATOM   491 C  CG  . ASP A 1 64 ? -6.052  0.844   10.575  1.00 6.39  ? 64  ASP A CG  1 
ATOM   492 O  OD1 . ASP A 1 64 ? -6.412  1.279   11.693  1.00 10.93 ? 64  ASP A OD1 1 
ATOM   493 O  OD2 . ASP A 1 64 ? -5.911  -0.350  10.360  1.00 11.80 ? 64  ASP A OD2 1 
ATOM   494 N  N   . SER A 1 65 ? -2.714  2.811   7.509   1.00 4.47  ? 65  SER A N   1 
ATOM   495 C  CA  . SER A 1 65 ? -2.281  3.702   6.444   1.00 4.78  ? 65  SER A CA  1 
ATOM   496 C  C   . SER A 1 65 ? -2.331  3.046   5.064   1.00 4.45  ? 65  SER A C   1 
ATOM   497 O  O   . SER A 1 65 ? -2.466  3.751   4.040   1.00 5.69  ? 65  SER A O   1 
ATOM   498 C  CB  . SER A 1 65 ? -0.857  4.201   6.683   1.00 4.75  ? 65  SER A CB  1 
ATOM   499 O  OG  . SER A 1 65 ? -0.708  4.840   7.950   1.00 6.18  ? 65  SER A OG  1 
ATOM   500 N  N   . ILE A 1 66 ? -2.199  1.730   4.999   1.00 4.01  ? 66  ILE A N   1 
ATOM   501 C  CA  . ILE A 1 66 ? -2.356  1.017   3.734   1.00 3.91  ? 66  ILE A CA  1 
ATOM   502 C  C   . ILE A 1 66 ? -3.842  0.836   3.464   1.00 3.99  ? 66  ILE A C   1 
ATOM   503 O  O   . ILE A 1 66 ? -4.606  0.405   4.334   1.00 4.68  ? 66  ILE A O   1 
ATOM   504 C  CB  . ILE A 1 66 ? -1.616  -0.335  3.770   1.00 3.70  ? 66  ILE A CB  1 
ATOM   505 C  CG1 . ILE A 1 66 ? -0.130  -0.060  3.851   1.00 5.21  ? 66  ILE A CG1 1 
ATOM   506 C  CG2 . ILE A 1 66 ? -1.968  -1.169  2.538   1.00 4.51  ? 66  ILE A CG2 1 
ATOM   507 C  CD1 . ILE A 1 66 ? 0.743   -1.283  4.072   1.00 5.58  ? 66  ILE A CD1 1 
ATOM   508 N  N   . LYS A 1 67 ? -4.237  1.197   2.241   1.00 3.90  ? 67  LYS A N   1 
ATOM   509 C  CA  . LYS A 1 67 ? -5.583  1.035   1.776   1.00 3.91  ? 67  LYS A CA  1 
ATOM   510 C  C   . LYS A 1 67 ? -5.622  -0.025  0.686   1.00 3.95  ? 67  LYS A C   1 
ATOM   511 O  O   . LYS A 1 67 ? -4.654  -0.202  -0.062  1.00 4.26  ? 67  LYS A O   1 
ATOM   512 C  CB  . LYS A 1 67 ? -6.151  2.363   1.196   1.00 5.15  ? 67  LYS A CB  1 
ATOM   513 C  CG  . LYS A 1 67 ? -5.795  3.584   2.052   1.00 6.18  ? 67  LYS A CG  1 
ATOM   514 C  CD  . LYS A 1 67 ? -6.380  3.480   3.445   1.00 7.56  ? 67  LYS A CD  1 
ATOM   515 C  CE  . LYS A 1 67 ? -6.169  4.811   4.208   1.00 7.67  ? 67  LYS A CE  1 
ATOM   516 N  NZ  . LYS A 1 67 ? -6.760  4.659   5.587   1.00 8.43  ? 67  LYS A NZ  1 
ATOM   517 N  N   . VAL A 1 68 ? -6.761  -0.735  0.607   1.00 3.91  ? 68  VAL A N   1 
ATOM   518 C  CA  . VAL A 1 68 ? -7.042  -1.750  -0.422  1.00 3.90  ? 68  VAL A CA  1 
ATOM   519 C  C   . VAL A 1 68 ? -8.454  -1.483  -0.935  1.00 3.94  ? 68  VAL A C   1 
ATOM   520 O  O   . VAL A 1 68 ? -9.360  -1.164  -0.166  1.00 4.67  ? 68  VAL A O   1 
ATOM   521 C  CB  . VAL A 1 68 ? -6.914  -3.179  0.151   1.00 5.04  ? 68  VAL A CB  1 
ATOM   522 C  CG1 . VAL A 1 68 ? -7.560  -4.228  -0.705  1.00 8.56  ? 68  VAL A CG1 1 
ATOM   523 C  CG2 . VAL A 1 68 ? -5.474  -3.457  0.535   1.00 5.64  ? 68  VAL A CG2 1 
ATOM   524 N  N   . ALA A 1 69 ? -8.638  -1.659  -2.250  1.00 4.10  ? 69  ALA A N   1 
ATOM   525 C  CA  . ALA A 1 69 ? -9.945  -1.487  -2.833  1.00 4.13  ? 69  ALA A CA  1 
ATOM   526 C  C   . ALA A 1 69 ? -10.030 -2.319  -4.102  1.00 4.54  ? 69  ALA A C   1 
ATOM   527 O  O   . ALA A 1 69 ? -9.030  -2.782  -4.664  1.00 5.34  ? 69  ALA A O   1 
ATOM   528 C  CB  . ALA A 1 69 ? -10.225 0.002   -3.179  1.00 4.58  ? 69  ALA A CB  1 
ATOM   529 N  N   . ASP A 1 70 ? -11.254 -2.462  -4.607  1.00 4.77  ? 70  ASP A N   1 
ATOM   530 C  CA  . ASP A 1 70 ? -11.537 -3.223  -5.838  1.00 5.39  ? 70  ASP A CA  1 
ATOM   531 C  C   . ASP A 1 70 ? -11.622 -2.303  -7.057  1.00 6.02  ? 70  ASP A C   1 
ATOM   532 O  O   . ASP A 1 70 ? -11.868 -2.798  -8.181  1.00 8.24  ? 70  ASP A O   1 
ATOM   533 C  CB  . ASP A 1 70 ? -12.787 -4.051  -5.719  1.00 6.78  ? 70  ASP A CB  1 
ATOM   534 C  CG  . ASP A 1 70 ? -12.656 -5.233  -4.758  1.00 7.57  ? 70  ASP A CG  1 
ATOM   535 O  OD1 . ASP A 1 70 ? -12.045 -5.138  -3.733  1.00 10.09 ? 70  ASP A OD1 1 
ATOM   536 O  OD2 . ASP A 1 70 ? -13.279 -6.316  -5.073  1.00 10.18 ? 70  ASP A OD2 1 
ATOM   537 N  N   . GLU A 1 71 ? -11.429 -1.001  -6.914  1.00 5.95  ? 71  GLU A N   1 
ATOM   538 C  CA  . GLU A 1 71 ? -11.375 -0.010  -7.977  1.00 6.36  ? 71  GLU A CA  1 
ATOM   539 C  C   . GLU A 1 71 ? -10.172 0.873   -7.707  1.00 5.70  ? 71  GLU A C   1 
ATOM   540 O  O   . GLU A 1 71 ? -9.711  1.001   -6.578  1.00 5.75  ? 71  GLU A O   1 
ATOM   541 C  CB  . GLU A 1 71 ? -12.657 0.821   -7.981  1.00 9.05  ? 71  GLU A CB  1 
ATOM   542 C  CG  . GLU A 1 71 ? -13.915 0.108   -8.380  1.00 12.79 ? 71  GLU A CG  1 
ATOM   543 C  CD  . GLU A 1 71 ? -13.982 -0.472  -9.769  1.00 21.86 ? 71  GLU A CD  1 
ATOM   544 O  OE1 . GLU A 1 71 ? -14.786 -1.380  -10.098 1.00 21.56 ? 71  GLU A OE1 1 
ATOM   545 O  OE2 . GLU A 1 71 ? -13.219 -0.022  -10.635 1.00 30.91 ? 71  GLU A OE2 1 
ATOM   546 N  N   . PRO A 1 72 ? -9.639  1.521   -8.775  1.00 6.10  ? 72  PRO A N   1 
ATOM   547 C  CA  . PRO A 1 72 ? -8.442  2.356   -8.568  1.00 5.42  ? 72  PRO A CA  1 
ATOM   548 C  C   . PRO A 1 72 ? -8.733  3.560   -7.681  1.00 5.85  ? 72  PRO A C   1 
ATOM   549 O  O   . PRO A 1 72 ? -9.817  4.092   -7.598  1.00 7.15  ? 72  PRO A O   1 
ATOM   550 C  CB  A PRO A 1 72 ? -8.016  2.760   -9.995  0.42 7.44  ? 72  PRO A CB  1 
ATOM   551 C  CB  B PRO A 1 72 ? -8.087  2.830   -10.003 0.58 8.06  ? 72  PRO A CB  1 
ATOM   552 C  CG  A PRO A 1 72 ? -9.238  2.609   -10.817 0.42 7.39  ? 72  PRO A CG  1 
ATOM   553 C  CG  B PRO A 1 72 ? -8.728  1.830   -10.884 0.58 7.02  ? 72  PRO A CG  1 
ATOM   554 C  CD  A PRO A 1 72 ? -10.060 1.506   -10.177 0.42 8.94  ? 72  PRO A CD  1 
ATOM   555 C  CD  B PRO A 1 72 ? -9.983  1.356   -10.184 0.58 6.56  ? 72  PRO A CD  1 
ATOM   556 N  N   . PHE A 1 73 ? -7.635  4.023   -7.062  1.00 5.51  ? 73  PHE A N   1 
ATOM   557 C  CA  . PHE A 1 73 ? -7.647  5.203   -6.221  1.00 5.22  ? 73  PHE A CA  1 
ATOM   558 C  C   . PHE A 1 73 ? -7.363  6.507   -6.996  1.00 6.15  ? 73  PHE A C   1 
ATOM   559 O  O   . PHE A 1 73 ? -7.664  7.606   -6.498  1.00 6.78  ? 73  PHE A O   1 
ATOM   560 C  CB  . PHE A 1 73 ? -6.603  5.110   -5.087  1.00 5.17  ? 73  PHE A CB  1 
ATOM   561 C  CG  . PHE A 1 73 ? -6.884  3.991   -4.057  1.00 4.63  ? 73  PHE A CG  1 
ATOM   562 C  CD1 . PHE A 1 73 ? -6.511  2.695   -4.315  1.00 4.99  ? 73  PHE A CD1 1 
ATOM   563 C  CD2 . PHE A 1 73 ? -7.509  4.324   -2.869  1.00 4.83  ? 73  PHE A CD2 1 
ATOM   564 C  CE1 . PHE A 1 73 ? -6.784  1.695   -3.381  1.00 4.81  ? 73  PHE A CE1 1 
ATOM   565 C  CE2 . PHE A 1 73 ? -7.768  3.330   -1.933  1.00 5.05  ? 73  PHE A CE2 1 
ATOM   566 C  CZ  . PHE A 1 73 ? -7.405  2.021   -2.173  1.00 4.77  ? 73  PHE A CZ  1 
ATOM   567 N  N   . ASP A 1 74 ? -6.756  6.371   -8.169  1.00 6.74  ? 74  ASP A N   1 
ATOM   568 C  CA  . ASP A 1 74 ? -6.400  7.560   -9.021  1.00 7.92  ? 74  ASP A CA  1 
ATOM   569 C  C   . ASP A 1 74 ? -5.745  8.657   -8.195  1.00 7.95  ? 74  ASP A C   1 
ATOM   570 O  O   . ASP A 1 74 ? -6.070  9.836   -8.273  1.00 9.36  ? 74  ASP A O   1 
ATOM   571 C  CB  . ASP A 1 74 ? -7.602  8.040   -9.777  1.00 9.92  ? 74  ASP A CB  1 
ATOM   572 C  CG  . ASP A 1 74 ? -8.163  7.015   -10.710 1.00 11.55 ? 74  ASP A CG  1 
ATOM   573 O  OD1 . ASP A 1 74 ? -9.321  7.106   -11.167 1.00 25.69 ? 74  ASP A OD1 1 
ATOM   574 O  OD2 . ASP A 1 74 ? -7.462  6.038   -11.065 1.00 12.15 ? 74  ASP A OD2 1 
ATOM   575 N  N   . GLY A 1 75 ? -4.735  8.232   -7.411  1.00 7.38  ? 75  GLY A N   1 
ATOM   576 C  CA  . GLY A 1 75 ? -3.897  9.143   -6.686  1.00 8.12  ? 75  GLY A CA  1 
ATOM   577 C  C   . GLY A 1 75 ? -4.335  9.523   -5.284  1.00 7.76  ? 75  GLY A C   1 
ATOM   578 O  O   . GLY A 1 75 ? -3.539  10.126  -4.572  1.00 10.81 ? 75  GLY A O   1 
ATOM   579 N  N   . ASP A 1 76 ? -5.572  9.219   -4.906  1.00 6.43  ? 76  ASP A N   1 
ATOM   580 C  CA  . ASP A 1 76 ? -6.142  9.709   -3.649  1.00 6.30  ? 76  ASP A CA  1 
ATOM   581 C  C   . ASP A 1 76 ? -6.282  8.545   -2.662  1.00 5.74  ? 76  ASP A C   1 
ATOM   582 O  O   . ASP A 1 76 ? -7.200  7.714   -2.819  1.00 5.54  ? 76  ASP A O   1 
ATOM   583 C  CB  . ASP A 1 76 ? -7.511  10.324  -3.920  1.00 7.63  ? 76  ASP A CB  1 
ATOM   584 C  CG  . ASP A 1 76 ? -8.174  10.847  -2.660  1.00 7.95  ? 76  ASP A CG  1 
ATOM   585 O  OD1 . ASP A 1 76 ? -9.351  11.313  -2.770  1.00 11.32 ? 76  ASP A OD1 1 
ATOM   586 O  OD2 . ASP A 1 76 ? -7.560  10.783  -1.566  1.00 8.52  ? 76  ASP A OD2 1 
ATOM   587 N  N   . PRO A 1 77 ? -5.414  8.444   -1.677  1.00 5.87  ? 77  PRO A N   1 
ATOM   588 C  CA  . PRO A 1 77 ? -5.508  7.311   -0.708  1.00 5.84  ? 77  PRO A CA  1 
ATOM   589 C  C   . PRO A 1 77 ? -6.821  7.312   0.067   1.00 5.61  ? 77  PRO A C   1 
ATOM   590 O  O   . PRO A 1 77 ? -7.155  6.277   0.654   1.00 6.76  ? 77  PRO A O   1 
ATOM   591 C  CB  A PRO A 1 77 ? -4.327  7.629   0.201   0.33 6.88  ? 77  PRO A CB  1 
ATOM   592 C  CB  B PRO A 1 77 ? -4.293  7.472   0.189   0.67 7.09  ? 77  PRO A CB  1 
ATOM   593 C  CG  A PRO A 1 77 ? -3.346  8.405   -0.595  0.33 6.98  ? 77  PRO A CG  1 
ATOM   594 C  CG  B PRO A 1 77 ? -4.101  8.952   0.194   0.67 6.91  ? 77  PRO A CG  1 
ATOM   595 C  CD  A PRO A 1 77 ? -4.239  9.310   -1.429  0.33 8.38  ? 77  PRO A CD  1 
ATOM   596 C  CD  B PRO A 1 77 ? -4.352  9.391   -1.243  0.67 7.98  ? 77  PRO A CD  1 
ATOM   597 N  N   . ASN A 1 78 ? -7.493  8.474   0.131   1.00 5.78  ? 78  ASN A N   1 
ATOM   598 C  CA  . ASN A 1 78 ? -8.730  8.595   0.897   1.00 6.10  ? 78  ASN A CA  1 
ATOM   599 C  C   . ASN A 1 78 ? -9.974  8.601   0.033   1.00 6.20  ? 78  ASN A C   1 
ATOM   600 O  O   . ASN A 1 78 ? -11.075 8.951   0.504   1.00 7.25  ? 78  ASN A O   1 
ATOM   601 C  CB  . ASN A 1 78 ? -8.651  9.875   1.760   1.00 7.07  ? 78  ASN A CB  1 
ATOM   602 C  CG  . ASN A 1 78 ? -7.337  9.916   2.528   1.00 7.45  ? 78  ASN A CG  1 
ATOM   603 O  OD1 . ASN A 1 78 ? -6.516  10.810  2.276   1.00 9.44  ? 78  ASN A OD1 1 
ATOM   604 N  ND2 . ASN A 1 78 ? -7.139  8.985   3.422   1.00 7.32  ? 78  ASN A ND2 1 
ATOM   605 N  N   . LYS A 1 79 ? -9.850  8.129   -1.211  1.00 5.79  ? 79  LYS A N   1 
ATOM   606 C  CA  . LYS A 1 79 ? -10.978 8.114   -2.128  1.00 6.20  ? 79  LYS A CA  1 
ATOM   607 C  C   . LYS A 1 79 ? -12.225 7.465   -1.563  1.00 5.97  ? 79  LYS A C   1 
ATOM   608 O  O   . LYS A 1 79 ? -13.344 7.954   -1.809  1.00 8.25  ? 79  LYS A O   1 
ATOM   609 C  CB  . LYS A 1 79 ? -10.569 7.360   -3.420  1.00 6.66  ? 79  LYS A CB  1 
ATOM   610 C  CG  . LYS A 1 79 ? -11.725 7.221   -4.397  1.00 8.17  ? 79  LYS A CG  1 
ATOM   611 C  CD  . LYS A 1 79 ? -11.299 6.629   -5.726  1.00 10.81 ? 79  LYS A CD  1 
ATOM   612 C  CE  . LYS A 1 79 ? -12.457 6.237   -6.600  1.00 13.06 ? 79  LYS A CE  1 
ATOM   613 N  NZ  . LYS A 1 79 ? -12.028 5.805   -7.940  1.00 18.10 ? 79  LYS A NZ  1 
ATOM   614 N  N   . PHE A 1 80 ? -12.083 6.338   -0.868  1.00 6.16  ? 80  PHE A N   1 
ATOM   615 C  CA  . PHE A 1 80 ? -13.237 5.509   -0.465  1.00 6.27  ? 80  PHE A CA  1 
ATOM   616 C  C   . PHE A 1 80 ? -13.718 5.807   0.949   1.00 7.41  ? 80  PHE A C   1 
ATOM   617 O  O   . PHE A 1 80 ? -14.519 5.049   1.489   1.00 9.83  ? 80  PHE A O   1 
ATOM   618 C  CB  . PHE A 1 80 ? -12.898 3.999   -0.687  1.00 5.79  ? 80  PHE A CB  1 
ATOM   619 C  CG  . PHE A 1 80 ? -12.573 3.677   -2.092  1.00 6.84  ? 80  PHE A CG  1 
ATOM   620 C  CD1 . PHE A 1 80 ? -11.270 3.552   -2.499  1.00 6.55  ? 80  PHE A CD1 1 
ATOM   621 C  CD2 . PHE A 1 80 ? -13.597 3.481   -3.054  1.00 7.47  ? 80  PHE A CD2 1 
ATOM   622 C  CE1 . PHE A 1 80 ? -10.927 3.305   -3.762  1.00 7.75  ? 80  PHE A CE1 1 
ATOM   623 C  CE2 . PHE A 1 80 ? -13.166 3.185   -4.328  1.00 9.28  ? 80  PHE A CE2 1 
ATOM   624 C  CZ  . PHE A 1 80 ? -11.877 3.110   -4.691  1.00 8.31  ? 80  PHE A CZ  1 
ATOM   625 N  N   . GLU A 1 81 ? -13.227 6.902   1.538   1.00 7.85  ? 81  GLU A N   1 
ATOM   626 C  CA  . GLU A 1 81 ? -13.749 7.354   2.779   1.00 8.97  ? 81  GLU A CA  1 
ATOM   627 C  C   . GLU A 1 81 ? -14.895 8.355   2.693   1.00 10.09 ? 81  GLU A C   1 
ATOM   628 O  O   . GLU A 1 81 ? -15.522 8.616   3.731   1.00 10.54 ? 81  GLU A O   1 
ATOM   629 C  CB  . GLU A 1 81 ? -12.620 8.168   3.527   1.00 10.51 ? 81  GLU A CB  1 
ATOM   630 C  CG  . GLU A 1 81 ? -11.542 7.231   3.860   1.00 10.17 ? 81  GLU A CG  1 
ATOM   631 C  CD  . GLU A 1 81 ? -10.294 7.947   4.436   1.00 11.74 ? 81  GLU A CD  1 
ATOM   632 O  OE1 . GLU A 1 81 ? -9.258  7.310   4.486   1.00 12.01 ? 81  GLU A OE1 1 
ATOM   633 O  OE2 . GLU A 1 81 ? -10.391 9.145   4.817   1.00 14.03 ? 81  GLU A OE2 1 
ATOM   634 O  OXT . GLU A 1 81 ? -15.062 8.951   1.575   1.00 16.08 ? 81  GLU A OXT 1 
HETATM 635 S  S   . SO4 B 2 .  ? 4.322   -16.105 3.450   0.50 12.93 ? 83  SO4 A S   1 
HETATM 636 O  O1  . SO4 B 2 .  ? 4.762   -14.677 3.461   0.50 24.05 ? 83  SO4 A O1  1 
HETATM 637 O  O2  . SO4 B 2 .  ? 2.888   -16.279 3.243   0.50 15.11 ? 83  SO4 A O2  1 
HETATM 638 O  O3  . SO4 B 2 .  ? 4.977   -16.730 2.259   0.50 19.25 ? 83  SO4 A O3  1 
HETATM 639 O  O4  . SO4 B 2 .  ? 4.894   -16.767 4.639   0.50 22.06 ? 83  SO4 A O4  1 
HETATM 640 FE FE1 . SF4 C 3 .  ? 1.883   1.117   7.746   1.00 4.20  ? 82  SF4 A FE1 1 
HETATM 641 FE FE2 . SF4 C 3 .  ? 4.354   0.917   8.853   1.00 4.70  ? 82  SF4 A FE2 1 
HETATM 642 FE FE3 . SF4 C 3 .  ? 4.012   0.470   6.168   1.00 4.26  ? 82  SF4 A FE3 1 
HETATM 643 FE FE4 . SF4 C 3 .  ? 3.771   2.985   7.167   1.00 4.55  ? 82  SF4 A FE4 1 
HETATM 644 S  S1  . SF4 C 3 .  ? 5.675   1.718   7.173   1.00 5.01  ? 82  SF4 A S1  1 
HETATM 645 S  S2  . SF4 C 3 .  ? 2.341   1.990   5.692   1.00 4.41  ? 82  SF4 A S2  1 
HETATM 646 S  S3  . SF4 C 3 .  ? 2.849   2.606   9.210   1.00 4.75  ? 82  SF4 A S3  1 
HETATM 647 S  S4  . SF4 C 3 .  ? 3.150   -0.789  7.850   1.00 4.47  ? 82  SF4 A S4  1 
HETATM 648 O  O   . HOH D 4 .  ? -0.415  2.881   -5.097  1.00 4.55  ? 101 HOH A O   1 
HETATM 649 O  O   . HOH D 4 .  ? -3.939  -0.748  6.767   1.00 6.92  ? 102 HOH A O   1 
HETATM 650 O  O   . HOH D 4 .  ? 2.284   -4.166  7.437   1.00 6.98  ? 103 HOH A O   1 
HETATM 651 O  O   . HOH D 4 .  ? -9.097  0.516   2.064   1.00 6.62  ? 104 HOH A O   1 
HETATM 652 O  O   . HOH D 4 .  ? 1.164   -13.222 -1.879  1.00 8.06  ? 105 HOH A O   1 
HETATM 653 O  O   . HOH D 4 .  ? 3.891   -2.527  -11.876 1.00 8.25  ? 106 HOH A O   1 
HETATM 654 O  O   . HOH D 4 .  ? -2.114  -14.389 -3.420  1.00 10.12 ? 107 HOH A O   1 
HETATM 655 O  O   . HOH D 4 .  ? -9.765  5.297   0.494   1.00 6.49  ? 108 HOH A O   1 
HETATM 656 O  O   . HOH D 4 .  ? -0.445  10.224  0.634   1.00 11.90 ? 109 HOH A O   1 
HETATM 657 O  O   . HOH D 4 .  ? -12.873 3.245   2.905   1.00 10.54 ? 110 HOH A O   1 
HETATM 658 O  O   . HOH D 4 .  ? -6.260  1.852   -13.268 1.00 11.32 ? 111 HOH A O   1 
HETATM 659 O  O   . HOH D 4 .  ? 5.820   -9.362  -1.934  1.00 8.52  ? 112 HOH A O   1 
HETATM 660 O  O   . HOH D 4 .  ? -4.172  -2.567  9.829   1.00 9.80  ? 113 HOH A O   1 
HETATM 661 O  O   . HOH D 4 .  ? -6.861  0.955   6.021   1.00 9.45  ? 114 HOH A O   1 
HETATM 662 O  O   . HOH D 4 .  ? -10.228 3.162   2.197   1.00 8.55  ? 115 HOH A O   1 
HETATM 663 O  O   . HOH D 4 .  ? 7.996   3.651   13.510  1.00 10.14 ? 116 HOH A O   1 
HETATM 664 O  O   . HOH D 4 .  ? -5.799  -7.727  -8.785  1.00 12.16 ? 117 HOH A O   1 
HETATM 665 O  O   . HOH D 4 .  ? 6.806   7.767   -11.355 1.00 9.36  ? 118 HOH A O   1 
HETATM 666 O  O   . HOH D 4 .  ? 1.373   -14.050 2.289   1.00 11.53 ? 119 HOH A O   1 
HETATM 667 O  O   . HOH D 4 .  ? -9.389  4.560   4.573   1.00 13.18 ? 120 HOH A O   1 
HETATM 668 O  O   . HOH D 4 .  ? -3.736  -15.330 -12.122 1.00 14.93 ? 121 HOH A O   1 
HETATM 669 O  O   . HOH D 4 .  ? -4.640  -0.739  13.325  1.00 10.40 ? 122 HOH A O   1 
HETATM 670 O  O   . HOH D 4 .  ? -7.328  -11.661 4.667   0.50 21.44 ? 123 HOH A O   1 
HETATM 671 O  O   . HOH D 4 .  ? -0.733  -9.298  8.914   1.00 11.48 ? 124 HOH A O   1 
HETATM 672 O  O   . HOH D 4 .  ? 0.007   -5.656  -12.417 1.00 13.16 ? 125 HOH A O   1 
HETATM 673 O  O   . HOH D 4 .  ? 9.032   -3.302  -4.302  1.00 12.87 ? 126 HOH A O   1 
HETATM 674 O  O   . HOH D 4 .  ? 9.685   2.515   7.458   1.00 10.57 ? 127 HOH A O   1 
HETATM 675 O  O   . HOH D 4 .  ? -6.792  -1.486  7.904   1.00 12.34 ? 128 HOH A O   1 
HETATM 676 O  O   . HOH D 4 .  ? -4.093  11.704  3.198   1.00 14.22 ? 129 HOH A O   1 
HETATM 677 O  O   . HOH D 4 .  ? -16.402 1.553   -5.862  1.00 15.48 ? 130 HOH A O   1 
HETATM 678 O  O   . HOH D 4 .  ? -7.460  3.704   12.016  1.00 12.83 ? 131 HOH A O   1 
HETATM 679 O  O   . HOH D 4 .  ? 7.452   8.092   12.794  1.00 14.44 ? 132 HOH A O   1 
HETATM 680 O  O   . HOH D 4 .  ? -10.831 11.010  -4.865  1.00 16.73 ? 133 HOH A O   1 
HETATM 681 O  O   . HOH D 4 .  ? -3.361  -2.706  -13.861 1.00 20.73 ? 134 HOH A O   1 
HETATM 682 O  O   . HOH D 4 .  ? 5.305   -13.478 -2.381  1.00 16.67 ? 135 HOH A O   1 
HETATM 683 O  O   . HOH D 4 .  ? 3.939   -12.090 4.209   1.00 11.30 ? 136 HOH A O   1 
HETATM 684 O  O   . HOH D 4 .  ? 10.530  -10.077 3.491   1.00 22.24 ? 137 HOH A O   1 
HETATM 685 O  O   . HOH D 4 .  ? -9.435  9.728   -6.957  1.00 15.81 ? 138 HOH A O   1 
HETATM 686 O  O   . HOH D 4 .  ? 3.113   10.509  7.959   1.00 17.45 ? 139 HOH A O   1 
HETATM 687 O  O   . HOH D 4 .  ? 10.947  -3.464  5.270   1.00 16.46 ? 140 HOH A O   1 
HETATM 688 O  O   . HOH D 4 .  ? -8.383  2.909   7.657   1.00 14.03 ? 141 HOH A O   1 
HETATM 689 O  O   . HOH D 4 .  ? -14.501 -7.591  -3.009  1.00 11.84 ? 142 HOH A O   1 
HETATM 690 O  O   . HOH D 4 .  ? 6.734   -12.211 0.659   1.00 20.70 ? 143 HOH A O   1 
HETATM 691 O  O   . HOH D 4 .  ? 5.606   -7.456  8.659   1.00 21.20 ? 144 HOH A O   1 
HETATM 692 O  O   . HOH D 4 .  ? -13.501 14.817  1.410   0.50 25.21 ? 145 HOH A O   1 
HETATM 693 O  O   . HOH D 4 .  ? 11.386  -1.973  -4.325  1.00 26.82 ? 146 HOH A O   1 
HETATM 694 O  O   . HOH D 4 .  ? 11.300  -7.165  -3.760  0.50 15.76 ? 147 HOH A O   1 
HETATM 695 O  O   . HOH D 4 .  ? -0.090  8.607   12.141  1.00 22.10 ? 148 HOH A O   1 
HETATM 696 O  O   . HOH D 4 .  ? -4.693  -14.944 -2.570  1.00 21.72 ? 149 HOH A O   1 
HETATM 697 O  O   . HOH D 4 .  ? -7.171  4.428   -13.198 1.00 14.29 ? 150 HOH A O   1 
HETATM 698 O  O   . HOH D 4 .  ? 7.941   10.124  -8.518  1.00 17.25 ? 151 HOH A O   1 
HETATM 699 O  O   . HOH D 4 .  ? -0.866  9.385   -4.259  1.00 15.68 ? 152 HOH A O   1 
HETATM 700 O  O   . HOH D 4 .  ? -3.703  -11.849 5.688   1.00 19.39 ? 153 HOH A O   1 
HETATM 701 O  O   . HOH D 4 .  ? -5.504  10.896  6.209   1.00 21.95 ? 154 HOH A O   1 
HETATM 702 O  O   . HOH D 4 .  ? -3.272  -6.402  12.940  1.00 25.89 ? 155 HOH A O   1 
HETATM 703 O  O   . HOH D 4 .  ? -11.471 11.596  3.761   1.00 22.79 ? 156 HOH A O   1 
HETATM 704 O  O   . HOH D 4 .  ? 9.456   9.599   8.602   1.00 25.12 ? 157 HOH A O   1 
HETATM 705 O  O   . HOH D 4 .  ? -15.716 7.084   -3.020  1.00 23.04 ? 158 HOH A O   1 
HETATM 706 O  O   . HOH D 4 .  ? 12.328  2.817   -3.112  0.50 22.32 ? 159 HOH A O   1 
HETATM 707 O  O   . HOH D 4 .  ? -7.516  -2.386  11.410  0.50 20.30 ? 160 HOH A O   1 
HETATM 708 O  O   . HOH D 4 .  ? 0.602   9.737   -2.127  1.00 18.72 ? 161 HOH A O   1 
HETATM 709 O  O   . HOH D 4 .  ? 10.490  -3.486  -0.345  1.00 21.50 ? 162 HOH A O   1 
HETATM 710 O  O   . HOH D 4 .  ? 9.911   2.087   -6.984  1.00 24.09 ? 163 HOH A O   1 
HETATM 711 O  O   . HOH D 4 .  ? -17.371 5.513   1.575   1.00 11.65 ? 164 HOH A O   1 
HETATM 712 O  O   . HOH D 4 .  ? 7.146   7.498   0.231   1.00 14.42 ? 165 HOH A O   1 
HETATM 713 O  O   . HOH D 4 .  ? 5.499   7.478   -4.088  1.00 19.88 ? 166 HOH A O   1 
HETATM 714 O  O   . HOH D 4 .  ? 3.777   -14.734 -4.111  1.00 20.45 ? 167 HOH A O   1 
HETATM 715 O  O   . HOH D 4 .  ? 2.497   10.150  -3.638  0.50 24.10 ? 168 HOH A O   1 
HETATM 716 O  O   . HOH D 4 .  ? -7.606  7.099   6.607   1.00 15.59 ? 169 HOH A O   1 
HETATM 717 O  O   . HOH D 4 .  ? -2.136  -17.106 -3.020  0.50 19.34 ? 170 HOH A O   1 
HETATM 718 O  O   . HOH D 4 .  ? -2.824  -12.962 3.550   0.50 17.90 ? 171 HOH A O   1 
HETATM 719 O  O   . HOH D 4 .  ? 2.838   -5.091  -12.038 1.00 11.35 ? 172 HOH A O   1 
HETATM 720 O  O   . HOH D 4 .  ? 5.587   -15.600 -6.153  1.00 33.19 ? 173 HOH A O   1 
HETATM 721 O  O   . HOH D 4 .  ? -1.588  -0.816  -15.715 0.50 27.32 ? 174 HOH A O   1 
HETATM 722 O  O   . HOH D 4 .  ? 7.721   2.521   -8.516  0.50 20.98 ? 175 HOH A O   1 
HETATM 723 O  O   . HOH D 4 .  ? -7.884  4.886   9.529   1.00 14.36 ? 176 HOH A O   1 
HETATM 724 O  O   . HOH D 4 .  ? -9.288  0.462   4.789   1.00 7.13  ? 177 HOH A O   1 
HETATM 725 O  O   . HOH D 4 .  ? -10.863 12.158  -0.692  1.00 14.58 ? 178 HOH A O   1 
HETATM 726 O  O   . HOH D 4 .  ? -13.329 10.773  0.198   1.00 24.07 ? 179 HOH A O   1 
HETATM 727 O  O   . HOH D 4 .  ? -9.804  -7.203  -0.012  1.00 15.98 ? 180 HOH A O   1 
HETATM 728 O  O   . HOH D 4 .  ? 9.507   7.522   14.591  1.00 18.05 ? 181 HOH A O   1 
HETATM 729 O  O   . HOH D 4 .  ? 5.343   9.753   13.188  1.00 14.60 ? 182 HOH A O   1 
HETATM 730 O  O   . HOH D 4 .  ? 10.524  2.401   13.417  1.00 20.17 ? 183 HOH A O   1 
HETATM 731 O  O   . HOH D 4 .  ? 11.207  -3.171  13.848  1.00 23.29 ? 184 HOH A O   1 
HETATM 732 O  O   . HOH D 4 .  ? 8.995   -1.585  13.594  1.00 15.62 ? 185 HOH A O   1 
HETATM 733 O  O   . HOH D 4 .  ? 11.912  3.813   9.085   1.00 24.18 ? 186 HOH A O   1 
HETATM 734 O  O   . HOH D 4 .  ? 11.969  1.062   6.643   1.00 19.27 ? 187 HOH A O   1 
HETATM 735 O  O   . HOH D 4 .  ? -7.119  -10.114 -8.774  1.00 24.59 ? 188 HOH A O   1 
HETATM 736 O  O   . HOH D 4 .  ? -2.500  -0.542  -6.823  1.00 6.48  ? 189 HOH A O   1 
HETATM 737 O  O   . HOH D 4 .  ? 4.457   12.082  4.945   0.50 17.08 ? 190 HOH A O   1 
HETATM 738 O  O   . HOH D 4 .  ? -17.709 13.581  1.635   0.50 10.68 ? 191 HOH A O   1 
HETATM 739 O  O   . HOH D 4 .  ? -2.558  12.156  0.726   1.00 28.11 ? 192 HOH A O   1 
HETATM 740 O  O   . HOH D 4 .  ? -6.571  12.774  0.144   1.00 22.78 ? 193 HOH A O   1 
HETATM 741 O  O   . HOH D 4 .  ? -9.881  13.434  1.525   1.00 25.38 ? 194 HOH A O   1 
HETATM 742 O  O   . HOH D 4 .  ? 9.090   -12.486 -0.557  1.00 25.36 ? 195 HOH A O   1 
HETATM 743 O  O   . HOH D 4 .  ? 7.070   -7.761  -8.625  1.00 28.42 ? 196 HOH A O   1 
HETATM 744 O  O   . HOH D 4 .  ? 7.190   -12.542 -4.604  0.50 18.57 ? 197 HOH A O   1 
HETATM 745 O  O   . HOH D 4 .  ? 9.337   -7.167  -7.313  1.00 22.03 ? 198 HOH A O   1 
HETATM 746 O  O   . HOH D 4 .  ? 6.366   -22.704 0.602   1.00 27.62 ? 199 HOH A O   1 
HETATM 747 O  O   . HOH D 4 .  ? -1.687  -14.211 -13.669 1.00 26.12 ? 200 HOH A O   1 
HETATM 748 O  O   . HOH D 4 .  ? 5.552   11.948  2.775   1.00 25.47 ? 201 HOH A O   1 
HETATM 749 O  O   . HOH D 4 .  ? 5.992   12.315  7.819   0.50 29.36 ? 202 HOH A O   1 
HETATM 750 O  O   . HOH D 4 .  ? 1.031   -8.411  10.900  0.50 14.24 ? 203 HOH A O   1 
HETATM 751 O  O   . HOH D 4 .  ? -13.613 12.111  2.785   1.00 20.08 ? 204 HOH A O   1 
HETATM 752 O  O   . HOH D 4 .  ? -15.696 11.299  4.156   1.00 12.00 ? 205 HOH A O   1 
HETATM 753 O  O   . HOH D 4 .  ? 4.125   -10.715 -9.188  1.00 22.85 ? 206 HOH A O   1 
HETATM 754 O  O   . HOH D 4 .  ? -3.099  -10.608 9.192   1.00 19.74 ? 207 HOH A O   1 
HETATM 755 O  O   . HOH D 4 .  ? -9.872  3.356   13.415  1.00 26.20 ? 208 HOH A O   1 
HETATM 756 O  O   . HOH D 4 .  ? 10.546  -12.400 1.899   1.00 32.38 ? 209 HOH A O   1 
HETATM 757 O  O   . HOH D 4 .  ? -5.008  5.534   -14.765 1.00 27.69 ? 210 HOH A O   1 
HETATM 758 O  O   . HOH D 4 .  ? -7.912  -0.295  -13.716 1.00 23.72 ? 211 HOH A O   1 
HETATM 759 O  O   . HOH D 4 .  ? 11.871  2.372   11.602  0.50 23.24 ? 212 HOH A O   1 
HETATM 760 O  O   . HOH D 4 .  ? 10.075  -11.119 -2.592  1.00 30.09 ? 213 HOH A O   1 
HETATM 761 O  O   . HOH D 4 .  ? -4.031  7.954   -13.841 1.00 33.12 ? 214 HOH A O   1 
HETATM 762 O  O   . HOH D 4 .  ? -16.908 -8.538  -3.483  1.00 24.97 ? 215 HOH A O   1 
HETATM 763 O  O   . HOH D 4 .  ? 4.812   -9.146  -10.901 1.00 42.60 ? 216 HOH A O   1 
HETATM 764 O  O   . HOH D 4 .  ? 11.742  -4.505  1.931   1.00 31.81 ? 217 HOH A O   1 
HETATM 765 O  O   . HOH D 4 .  ? -8.396  -0.714  12.417  0.50 26.49 ? 218 HOH A O   1 
HETATM 766 O  O   . HOH D 4 .  ? 0.486   -19.028 -3.742  1.00 26.67 ? 219 HOH A O   1 
HETATM 767 O  O   . HOH D 4 .  ? -8.926  -11.622 2.451   0.50 22.85 ? 220 HOH A O   1 
HETATM 768 O  O   . HOH D 4 .  ? 13.414  -6.636  0.254   0.50 21.33 ? 221 HOH A O   1 
HETATM 769 O  O   . HOH D 4 .  ? -3.699  8.851   -10.701 1.00 49.51 ? 222 HOH A O   1 
HETATM 770 O  O   . HOH D 4 .  ? 7.646   7.833   -2.489  0.50 20.00 ? 223 HOH A O   1 
HETATM 771 O  O   . HOH D 4 .  ? 0.132   -17.069 0.661   0.50 21.73 ? 224 HOH A O   1 
HETATM 772 O  O   . HOH D 4 .  ? 12.792  -9.609  -1.099  0.50 26.84 ? 225 HOH A O   1 
HETATM 773 O  O   . HOH D 4 .  ? 14.348  1.563   0.842   1.00 28.74 ? 226 HOH A O   1 
HETATM 774 O  O   . HOH D 4 .  ? -10.754 1.004   -14.011 0.50 22.71 ? 227 HOH A O   1 
HETATM 775 O  O   . HOH D 4 .  ? -13.713 10.432  -3.300  0.50 23.50 ? 228 HOH A O   1 
HETATM 776 O  O   . HOH D 4 .  ? 1.703   -14.828 5.997   1.00 30.72 ? 229 HOH A O   1 
HETATM 777 O  O   . HOH D 4 .  ? -2.798  5.776   -16.379 1.00 24.48 ? 230 HOH A O   1 
HETATM 778 O  O   . HOH D 4 .  ? 2.437   10.560  11.936  0.50 22.62 ? 231 HOH A O   1 
HETATM 779 O  O   . HOH D 4 .  ? 9.683   -13.350 -5.676  1.00 39.28 ? 232 HOH A O   1 
HETATM 780 O  O   . HOH D 4 .  ? 13.491  9.390   -1.347  0.50 30.86 ? 233 HOH A O   1 
HETATM 781 O  O   . HOH D 4 .  ? 10.933  9.656   14.377  0.50 20.20 ? 234 HOH A O   1 
HETATM 782 O  O   . HOH D 4 .  ? -7.636  -12.168 0.140   1.00 29.84 ? 235 HOH A O   1 
HETATM 783 O  O   . HOH D 4 .  ? -12.352 -8.025  -6.971  1.00 26.29 ? 236 HOH A O   1 
HETATM 784 O  O   . HOH D 4 .  ? -11.349 13.696  -5.486  0.50 23.03 ? 237 HOH A O   1 
HETATM 785 O  O   . HOH D 4 .  ? -10.560 -2.881  -12.159 0.50 28.70 ? 238 HOH A O   1 
HETATM 786 O  O   . HOH D 4 .  ? 1.933   -15.736 -0.710  1.00 25.04 ? 239 HOH A O   1 
HETATM 787 O  O   . HOH D 4 .  ? 1.361   11.517  -0.624  0.50 24.98 ? 240 HOH A O   1 
HETATM 788 O  O   . HOH D 4 .  ? -5.067  -13.313 3.579   0.50 24.00 ? 241 HOH A O   1 
HETATM 789 O  O   . HOH D 4 .  ? 7.095   -11.743 3.473   1.00 13.21 ? 242 HOH A O   1 
HETATM 790 O  O   . HOH D 4 .  ? -12.795 -9.470  -2.100  1.00 24.24 ? 243 HOH A O   1 
HETATM 791 O  O   . HOH D 4 .  ? -4.577  6.596   6.808   1.00 10.51 ? 244 HOH A O   1 
HETATM 792 O  O   . HOH D 4 .  ? -12.922 -12.855 0.814   0.50 23.62 ? 245 HOH A O   1 
HETATM 793 O  O   . HOH D 4 .  ? 6.513   9.003   9.851   0.50 20.22 ? 246 HOH A O   1 
HETATM 794 O  O   . HOH D 4 .  ? -9.312  -11.018 -1.537  0.50 23.34 ? 247 HOH A O   1 
HETATM 795 O  O   . HOH D 4 .  ? 3.071   -13.154 7.897   0.50 20.42 ? 248 HOH A O   1 
HETATM 796 O  O   . HOH D 4 .  ? -13.990 -10.546 -3.863  0.50 25.89 ? 249 HOH A O   1 
HETATM 797 O  O   . HOH D 4 .  ? -1.331  -14.891 5.132   0.50 19.25 ? 250 HOH A O   1 
HETATM 798 O  O   . HOH D 4 .  ? 11.050  -10.541 -6.216  0.50 26.37 ? 251 HOH A O   1 
HETATM 799 O  O   . HOH D 4 .  ? -5.421  -13.086 0.601   0.50 21.09 ? 252 HOH A O   1 
HETATM 800 O  O   . HOH D 4 .  ? 3.661   9.685   -9.517  1.00 22.93 ? 253 HOH A O   1 
HETATM 801 O  O   . HOH D 4 .  ? -11.267 8.594   -8.767  0.50 23.32 ? 254 HOH A O   1 
HETATM 802 O  O   . HOH D 4 .  ? -6.345  -12.602 8.221   0.50 22.68 ? 255 HOH A O   1 
HETATM 803 O  O   . HOH D 4 .  ? 12.746  -1.181  6.253   0.50 30.54 ? 256 HOH A O   1 
HETATM 804 O  O   . HOH D 4 .  ? 11.999  -4.907  -1.934  0.50 20.74 ? 257 HOH A O   1 
HETATM 805 O  O   . HOH D 4 .  ? -0.116  11.329  -6.035  0.50 32.77 ? 258 HOH A O   1 
HETATM 806 O  O   . HOH D 4 .  ? -9.666  13.829  -7.069  0.50 38.97 ? 259 HOH A O   1 
HETATM 807 O  O   . HOH D 4 .  ? 11.003  -0.552  -7.012  1.00 25.62 ? 260 HOH A O   1 
HETATM 808 O  O   . HOH D 4 .  ? -8.082  -8.230  -1.077  1.00 29.89 ? 261 HOH A O   1 
HETATM 809 O  O   . HOH D 4 .  ? 0.334   -16.432 -3.155  1.00 23.74 ? 262 HOH A O   1 
HETATM 810 O  O   . HOH D 4 .  ? -11.879 -11.080 -0.225  1.00 40.55 ? 263 HOH A O   1 
HETATM 811 O  O   . HOH D 4 .  ? 1.263   -11.252 8.376   1.00 33.84 ? 264 HOH A O   1 
HETATM 812 O  O   . HOH D 4 .  ? -13.030 13.699  -1.356  1.00 41.87 ? 265 HOH A O   1 
HETATM 813 O  O   . HOH D 4 .  ? 6.451   11.072  -1.524  1.00 48.21 ? 266 HOH A O   1 
# 
loop_
_atom_site_anisotrop.id 
_atom_site_anisotrop.type_symbol 
_atom_site_anisotrop.pdbx_label_atom_id 
_atom_site_anisotrop.pdbx_label_alt_id 
_atom_site_anisotrop.pdbx_label_comp_id 
_atom_site_anisotrop.pdbx_label_asym_id 
_atom_site_anisotrop.pdbx_label_seq_id 
_atom_site_anisotrop.pdbx_PDB_ins_code 
_atom_site_anisotrop.U[1][1] 
_atom_site_anisotrop.U[2][2] 
_atom_site_anisotrop.U[3][3] 
_atom_site_anisotrop.U[1][2] 
_atom_site_anisotrop.U[1][3] 
_atom_site_anisotrop.U[2][3] 
_atom_site_anisotrop.pdbx_auth_seq_id 
_atom_site_anisotrop.pdbx_auth_comp_id 
_atom_site_anisotrop.pdbx_auth_asym_id 
_atom_site_anisotrop.pdbx_auth_atom_id 
1   N  N   . PRO A 1  ? 0.1477 0.1757 0.2733 0.0175  -0.0872 -0.1103 1   PRO A N   
2   C  CA  . PRO A 1  ? 0.1422 0.1272 0.1815 0.0032  -0.0576 -0.0593 1   PRO A CA  
3   C  C   . PRO A 1  ? 0.0922 0.0817 0.1508 0.0027  -0.0229 -0.0266 1   PRO A C   
4   O  O   . PRO A 1  ? 0.0870 0.1211 0.2442 0.0035  -0.0236 -0.0817 1   PRO A O   
5   C  CB  . PRO A 1  ? 0.3335 0.2478 0.1504 -0.0684 -0.0916 -0.0380 1   PRO A CB  
6   C  CG  . PRO A 1  ? 0.4803 0.4604 0.4199 0.0454  -0.2002 0.1657  1   PRO A CG  
7   C  CD  . PRO A 1  ? 0.2586 0.4671 0.4541 0.1063  -0.1782 0.0139  1   PRO A CD  
8   N  N   . LYS A 2  ? 0.0944 0.0964 0.1043 -0.0192 -0.0134 -0.0262 2   LYS A N   
9   C  CA  . LYS A 2  ? 0.0673 0.0712 0.0830 -0.0157 0.0073  -0.0088 2   LYS A CA  
10  C  C   . LYS A 2  ? 0.0550 0.0629 0.0661 -0.0061 0.0083  -0.0132 2   LYS A C   
11  O  O   . LYS A 2  ? 0.0813 0.0712 0.0978 -0.0071 0.0266  -0.0272 2   LYS A O   
12  C  CB  . LYS A 2  ? 0.1099 0.0805 0.1165 -0.0253 -0.0157 0.0135  2   LYS A CB  
13  C  CG  . LYS A 2  ? 0.0959 0.1353 0.1071 -0.0508 -0.0050 0.0128  2   LYS A CG  
14  C  CD  . LYS A 2  ? 0.1328 0.1049 0.1475 -0.0441 -0.0129 0.0231  2   LYS A CD  
15  C  CE  . LYS A 2  ? 0.1337 0.1155 0.2992 -0.0386 0.0762  0.0418  2   LYS A CE  
16  N  NZ  . LYS A 2  ? 0.1321 0.1691 0.2175 -0.0112 0.0381  0.0240  2   LYS A NZ  
17  N  N   . TYR A 3  ? 0.0491 0.0640 0.0544 -0.0062 0.0040  -0.0126 3   TYR A N   
18  C  CA  . TYR A 3  ? 0.0500 0.0589 0.0481 -0.0050 0.0032  -0.0029 3   TYR A CA  
19  C  C   . TYR A 3  ? 0.0490 0.0484 0.0515 0.0048  0.0024  -0.0060 3   TYR A C   
20  O  O   . TYR A 3  ? 0.0441 0.0742 0.0484 -0.0013 0.0040  -0.0021 3   TYR A O   
21  C  CB  . TYR A 3  ? 0.0648 0.0600 0.0582 0.0032  -0.0028 -0.0060 3   TYR A CB  
22  C  CG  . TYR A 3  ? 0.0599 0.0700 0.0658 0.0053  -0.0067 -0.0006 3   TYR A CG  
23  C  CD1 . TYR A 3  ? 0.0612 0.0757 0.0736 0.0071  -0.0101 0.0022  3   TYR A CD1 
24  C  CD2 . TYR A 3  ? 0.0755 0.0936 0.0639 0.0042  0.0023  -0.0028 3   TYR A CD2 
25  C  CE1 . TYR A 3  ? 0.0841 0.0952 0.0807 -0.0075 -0.0246 0.0005  3   TYR A CE1 
26  C  CE2 . TYR A 3  ? 0.1090 0.1037 0.0651 0.0004  0.0112  -0.0048 3   TYR A CE2 
27  C  CZ  . TYR A 3  ? 0.1060 0.1207 0.0605 0.0039  -0.0277 -0.0078 3   TYR A CZ  
28  O  OH  . TYR A 3  ? 0.1930 0.1653 0.0717 -0.0091 -0.0498 -0.0110 3   TYR A OH  
29  N  N   . THR A 4  ? 0.0457 0.0537 0.0486 -0.0039 0.0057  -0.0069 4   THR A N   
30  C  CA  . THR A 4  ? 0.0474 0.0543 0.0437 -0.0065 0.0040  -0.0033 4   THR A CA  
31  C  C   . THR A 4  ? 0.0424 0.0481 0.0515 -0.0037 0.0085  0.0014  4   THR A C   
32  O  O   . THR A 4  ? 0.0624 0.0579 0.0465 -0.0081 0.0076  0.0005  4   THR A O   
33  C  CB  . THR A 4  ? 0.0527 0.0519 0.0515 0.0002  0.0019  -0.0020 4   THR A CB  
34  O  OG1 . THR A 4  ? 0.0515 0.0544 0.0523 0.0009  -0.0007 0.0003  4   THR A OG1 
35  C  CG2 . THR A 4  ? 0.0577 0.0509 0.0595 -0.0005 0.0034  -0.0032 4   THR A CG2 
36  N  N   . ILE A 5  ? 0.0587 0.0434 0.0432 -0.0074 0.0089  -0.0015 5   ILE A N   
37  C  CA  . ILE A 5  ? 0.0523 0.0461 0.0530 -0.0065 0.0095  -0.0037 5   ILE A CA  
38  C  C   . ILE A 5  ? 0.0603 0.0456 0.0470 -0.0039 0.0056  0.0022  5   ILE A C   
39  O  O   . ILE A 5  ? 0.0680 0.0635 0.0468 -0.0195 0.0112  -0.0047 5   ILE A O   
40  C  CB  . ILE A 5  ? 0.0589 0.0474 0.0584 -0.0048 0.0082  0.0049  5   ILE A CB  
41  C  CG1 . ILE A 5  ? 0.0631 0.0522 0.0728 -0.0092 0.0059  0.0013  5   ILE A CG1 
42  C  CG2 . ILE A 5  ? 0.0547 0.0585 0.0787 -0.0010 0.0128  -0.0026 5   ILE A CG2 
43  C  CD1 . ILE A 5  ? 0.0721 0.0588 0.0827 -0.0034 0.0118  0.0096  5   ILE A CD1 
44  N  N   . VAL A 6  ? 0.0658 0.0456 0.0471 -0.0190 0.0082  -0.0025 6   VAL A N   
45  C  CA  . VAL A 6  ? 0.0621 0.0574 0.0505 -0.0116 0.0103  -0.0086 6   VAL A CA  
46  C  C   . VAL A 6  ? 0.0788 0.0549 0.0449 -0.0076 0.0047  -0.0021 6   VAL A C   
47  O  O   . VAL A 6  ? 0.1019 0.0490 0.0564 -0.0006 0.0087  0.0025  6   VAL A O   
48  C  CB  . VAL A 6  ? 0.0646 0.0598 0.0530 -0.0141 0.0056  0.0005  6   VAL A CB  
49  C  CG1 . VAL A 6  ? 0.0905 0.0786 0.0654 -0.0075 0.0061  -0.0181 6   VAL A CG1 
50  C  CG2 . VAL A 6  ? 0.0638 0.0556 0.0669 -0.0049 -0.0007 -0.0020 6   VAL A CG2 
51  N  N   . ASP A 7  ? 0.0847 0.0488 0.0515 -0.0026 0.0059  -0.0014 7   ASP A N   
52  C  CA  . ASP A 7  ? 0.0937 0.0431 0.0612 -0.0005 0.0080  -0.0001 7   ASP A CA  
53  C  C   . ASP A 7  ? 0.0887 0.0522 0.0640 -0.0017 0.0048  -0.0054 7   ASP A C   
54  O  O   . ASP A 7  ? 0.1066 0.0577 0.0649 -0.0024 -0.0010 -0.0057 7   ASP A O   
55  C  CB  . ASP A 7  ? 0.0923 0.0663 0.0684 -0.0054 0.0042  -0.0226 7   ASP A CB  
56  C  CG  . ASP A 7  ? 0.1070 0.0574 0.0788 0.0052  0.0027  -0.0091 7   ASP A CG  
57  O  OD1 . ASP A 7  ? 0.1007 0.0897 0.0968 0.0124  0.0087  -0.0238 7   ASP A OD1 
58  O  OD2 . ASP A 7  ? 0.1143 0.0604 0.1278 0.0053  0.0019  -0.0260 7   ASP A OD2 
59  N  N   . LYS A 8  ? 0.0994 0.0756 0.0655 -0.0167 -0.0051 0.0021  8   LYS A N   
60  C  CA  . LYS A 8  ? 0.0941 0.0831 0.0950 -0.0216 -0.0107 0.0102  8   LYS A CA  
61  C  C   . LYS A 8  ? 0.1179 0.0927 0.0871 -0.0258 -0.0205 0.0106  8   LYS A C   
62  O  O   . LYS A 8  ? 0.1209 0.1964 0.1109 -0.0342 -0.0324 -0.0202 8   LYS A O   
63  C  CB  . LYS A 8  ? 0.0961 0.1099 0.1136 -0.0265 -0.0029 0.0157  8   LYS A CB  
64  C  CG  . LYS A 8  ? 0.1025 0.1084 0.1224 -0.0143 -0.0008 0.0093  8   LYS A CG  
65  C  CD  . LYS A 8  ? 0.1715 0.1814 0.1772 -0.0098 0.0745  0.0278  8   LYS A CD  
66  C  CE  . LYS A 8  ? 0.1641 0.1777 0.2659 -0.0634 0.0935  -0.0571 8   LYS A CE  
67  N  NZ  . LYS A 8  ? 0.3372 0.4648 0.1857 -0.2290 0.0849  -0.0830 8   LYS A NZ  
68  N  N   . GLU A 9  ? 0.1300 0.0528 0.1024 -0.0121 -0.0196 0.0019  9   GLU A N   
69  C  CA  . GLU A 9  ? 0.1679 0.0563 0.1150 -0.0226 -0.0254 -0.0124 9   GLU A CA  
70  C  C   . GLU A 9  ? 0.1726 0.0643 0.1046 -0.0122 -0.0281 -0.0246 9   GLU A C   
71  O  O   . GLU A 9  ? 0.3390 0.0935 0.1082 -0.0529 -0.0185 -0.0336 9   GLU A O   
72  C  CB  . GLU A 9  ? 0.1940 0.0843 0.1224 0.0189  -0.0333 -0.0244 9   GLU A CB  
73  C  CG  . GLU A 9  ? 0.2273 0.0852 0.2048 0.0021  -0.0241 0.0300  9   GLU A CG  
74  C  CD  . GLU A 9  ? 0.3378 0.1415 0.3619 -0.0773 -0.1141 0.0782  9   GLU A CD  
75  O  OE1 . GLU A 9  ? 0.6040 0.1791 0.4821 -0.1219 -0.1257 -0.1109 9   GLU A OE1 
76  O  OE2 . GLU A 9  ? 0.4568 0.4156 0.4701 -0.2824 -0.1458 0.2527  9   GLU A OE2 
77  N  N   . THR A 10 ? 0.1106 0.0631 0.0885 0.0021  -0.0127 -0.0150 10  THR A N   
78  C  CA  . THR A 10 ? 0.1149 0.0634 0.0902 0.0041  -0.0129 -0.0259 10  THR A CA  
79  C  C   . THR A 10 ? 0.1044 0.0700 0.0682 -0.0082 -0.0022 -0.0129 10  THR A C   
80  O  O   . THR A 10 ? 0.1227 0.1052 0.0656 0.0060  -0.0010 -0.0027 10  THR A O   
81  C  CB  . THR A 10 ? 0.1137 0.0702 0.0796 0.0022  0.0101  -0.0215 10  THR A CB  
82  O  OG1 . THR A 10 ? 0.1103 0.0674 0.0880 0.0006  0.0063  -0.0176 10  THR A OG1 
83  C  CG2 . THR A 10 ? 0.1139 0.0928 0.1304 0.0151  -0.0039 -0.0285 10  THR A CG2 
84  N  N   . CYS A 11 ? 0.0934 0.0764 0.0640 -0.0039 -0.0122 -0.0012 11  CYS A N   
85  C  CA  . CYS A 11 ? 0.0972 0.0545 0.0563 -0.0054 -0.0117 -0.0040 11  CYS A CA  
86  C  C   . CYS A 11 ? 0.0967 0.0717 0.0505 -0.0127 -0.0048 -0.0001 11  CYS A C   
87  O  O   . CYS A 11 ? 0.1446 0.0664 0.0929 -0.0303 -0.0342 -0.0020 11  CYS A O   
88  C  CB  . CYS A 11 ? 0.0987 0.0578 0.0546 -0.0041 -0.0085 -0.0016 11  CYS A CB  
89  S  SG  . CYS A 11 ? 0.0774 0.0681 0.0559 -0.0124 -0.0066 -0.0020 11  CYS A SG  
90  N  N   . ILE A 12 ? 0.0884 0.0648 0.0540 -0.0130 -0.0062 -0.0089 12  ILE A N   
91  C  CA  . ILE A 12 ? 0.0926 0.0748 0.0645 -0.0229 -0.0060 -0.0018 12  ILE A CA  
92  C  C   . ILE A 12 ? 0.0913 0.0904 0.0647 -0.0301 -0.0142 -0.0069 12  ILE A C   
93  O  O   . ILE A 12 ? 0.0999 0.1128 0.0696 -0.0263 -0.0239 -0.0111 12  ILE A O   
94  C  CB  . ILE A 12 ? 0.1065 0.0921 0.0545 -0.0237 -0.0073 -0.0122 12  ILE A CB  
95  C  CG1 . ILE A 12 ? 0.0933 0.0924 0.0612 -0.0270 -0.0100 -0.0046 12  ILE A CG1 
96  C  CG2 . ILE A 12 ? 0.1049 0.1069 0.0657 -0.0129 -0.0046 -0.0198 12  ILE A CG2 
97  C  CD1 . ILE A 12 ? 0.1523 0.1133 0.0649 -0.0523 -0.0341 0.0153  12  ILE A CD1 
98  N  N   . ALA A 13 ? 0.0813 0.0956 0.0622 -0.0170 -0.0189 -0.0074 13  ALA A N   
99  C  CA  . ALA A 13 ? 0.0829 0.1105 0.0718 -0.0188 -0.0183 -0.0142 13  ALA A CA  
100 C  C   . ALA A 13 ? 0.0660 0.1263 0.0611 -0.0161 -0.0128 -0.0099 13  ALA A C   
101 O  O   . ALA A 13 ? 0.0926 0.1583 0.1052 -0.0264 -0.0321 0.0217  13  ALA A O   
102 C  CB  . ALA A 13 ? 0.0996 0.1225 0.0849 -0.0374 -0.0153 -0.0031 13  ALA A CB  
103 N  N   . CYS A 14 ? 0.0906 0.0991 0.0864 -0.0053 -0.0332 -0.0167 14  CYS A N   
104 C  CA  . CYS A 14 ? 0.0940 0.1063 0.0708 0.0051  -0.0336 -0.0076 14  CYS A CA  
105 C  C   . CYS A 14 ? 0.0686 0.1119 0.0781 0.0029  -0.0209 0.0010  14  CYS A C   
106 O  O   . CYS A 14 ? 0.0943 0.1284 0.0861 0.0154  -0.0255 0.0142  14  CYS A O   
107 C  CB  . CYS A 14 ? 0.0982 0.1091 0.0606 0.0082  -0.0246 -0.0153 14  CYS A CB  
108 S  SG  . CYS A 14 ? 0.0784 0.0837 0.0544 0.0062  -0.0105 -0.0027 14  CYS A SG  
109 N  N   . GLY A 15 ? 0.0818 0.1079 0.0811 0.0026  -0.0183 -0.0036 15  GLY A N   
110 C  CA  . GLY A 15 ? 0.0783 0.1277 0.0965 0.0049  -0.0028 -0.0130 15  GLY A CA  
111 C  C   . GLY A 15 ? 0.0937 0.0949 0.0821 0.0289  0.0039  0.0151  15  GLY A C   
112 O  O   . GLY A 15 ? 0.1320 0.1027 0.1352 0.0382  0.0429  0.0186  15  GLY A O   
113 N  N   . ALA A 16 ? 0.0781 0.0822 0.0683 0.0155  -0.0143 -0.0070 16  ALA A N   
114 C  CA  . ALA A 16 ? 0.0971 0.0751 0.0585 0.0271  -0.0071 0.0167  16  ALA A CA  
115 C  C   . ALA A 16 ? 0.0704 0.0681 0.0642 0.0220  -0.0056 0.0097  16  ALA A C   
116 O  O   . ALA A 16 ? 0.0901 0.0763 0.0757 0.0236  -0.0051 0.0062  16  ALA A O   
117 C  CB  . ALA A 16 ? 0.1097 0.1052 0.0608 0.0153  -0.0009 0.0087  16  ALA A CB  
118 N  N   . CYS A 17 ? 0.0612 0.0644 0.0669 0.0136  -0.0041 -0.0015 17  CYS A N   
119 C  CA  . CYS A 17 ? 0.0533 0.0672 0.0541 -0.0008 -0.0040 0.0061  17  CYS A CA  
120 C  C   . CYS A 17 ? 0.0600 0.0582 0.0619 0.0170  -0.0151 -0.0023 17  CYS A C   
121 O  O   . CYS A 17 ? 0.0666 0.0667 0.0725 0.0115  -0.0117 -0.0107 17  CYS A O   
122 C  CB  . CYS A 17 ? 0.0455 0.0678 0.0579 0.0051  -0.0071 -0.0001 17  CYS A CB  
123 S  SG  . CYS A 17 ? 0.0597 0.0608 0.0550 0.0024  0.0030  -0.0016 17  CYS A SG  
124 N  N   . GLY A 18 ? 0.0598 0.0654 0.0744 0.0123  0.0045  -0.0029 18  GLY A N   
125 C  CA  . GLY A 18 ? 0.0747 0.0830 0.0674 0.0163  0.0073  0.0066  18  GLY A CA  
126 C  C   . GLY A 18 ? 0.0663 0.0897 0.0774 0.0187  0.0053  -0.0060 18  GLY A C   
127 O  O   . GLY A 18 ? 0.1276 0.1023 0.0849 0.0443  -0.0034 -0.0111 18  GLY A O   
128 N  N   . ALA A 19 ? 0.0722 0.0606 0.0742 0.0112  -0.0080 -0.0017 19  ALA A N   
129 C  CA  . ALA A 19 ? 0.0600 0.0724 0.0936 0.0148  -0.0133 0.0033  19  ALA A CA  
130 C  C   . ALA A 19 ? 0.0794 0.0665 0.0825 0.0075  -0.0184 -0.0030 19  ALA A C   
131 O  O   . ALA A 19 ? 0.0923 0.0718 0.0960 0.0117  -0.0144 0.0017  19  ALA A O   
132 C  CB  . ALA A 19 ? 0.0869 0.0699 0.1118 0.0080  -0.0429 0.0091  19  ALA A CB  
133 N  N   . ALA A 20 ? 0.0710 0.0606 0.0712 0.0023  -0.0158 0.0061  20  ALA A N   
134 C  CA  . ALA A 20 ? 0.0748 0.0823 0.0708 -0.0094 -0.0114 0.0128  20  ALA A CA  
135 C  C   . ALA A 20 ? 0.0770 0.0713 0.0720 -0.0006 -0.0068 -0.0020 20  ALA A C   
136 O  O   . ALA A 20 ? 0.0992 0.0695 0.0856 -0.0045 -0.0192 0.0053  20  ALA A O   
137 C  CB  . ALA A 20 ? 0.0839 0.1055 0.0750 -0.0206 0.0046  -0.0037 20  ALA A CB  
138 N  N   . ALA A 21 ? 0.0739 0.0648 0.0699 -0.0001 -0.0090 0.0001  21  ALA A N   
139 C  CA  . ALA A 21 ? 0.0715 0.0699 0.0603 0.0147  -0.0119 0.0003  21  ALA A CA  
140 C  C   . ALA A 21 ? 0.0633 0.0698 0.0634 0.0136  -0.0003 -0.0093 21  ALA A C   
141 O  O   . ALA A 21 ? 0.0652 0.0658 0.0661 0.0105  0.0014  -0.0036 21  ALA A O   
142 C  CB  . ALA A 21 ? 0.0652 0.0721 0.0690 0.0117  -0.0062 -0.0046 21  ALA A CB  
143 N  N   . PRO A 22 ? 0.0671 0.0855 0.0715 0.0227  0.0000  -0.0018 22  PRO A N   
144 C  CA  . PRO A 22 ? 0.0606 0.1145 0.0838 0.0232  0.0086  -0.0040 22  PRO A CA  
145 C  C   . PRO A 22 ? 0.0668 0.0966 0.0774 0.0211  0.0023  0.0027  22  PRO A C   
146 O  O   . PRO A 22 ? 0.0774 0.1188 0.0921 0.0031  0.0031  -0.0005 22  PRO A O   
147 C  CB  . PRO A 22 ? 0.0794 0.1728 0.0910 0.0536  0.0049  0.0196  22  PRO A CB  
148 C  CG  . PRO A 22 ? 0.1126 0.1428 0.1173 0.0713  0.0021  -0.0045 22  PRO A CG  
149 C  CD  . PRO A 22 ? 0.0899 0.0960 0.0894 0.0465  -0.0097 -0.0015 22  PRO A CD  
150 N  N   . ASP A 23 ? 0.0703 0.0845 0.0733 0.0185  0.0105  -0.0030 23  ASP A N   
151 C  CA  . ASP A 23 ? 0.0755 0.0988 0.0617 0.0177  0.0112  -0.0075 23  ASP A CA  
152 C  C   . ASP A 23 ? 0.0687 0.0978 0.0620 0.0122  0.0143  0.0003  23  ASP A C   
153 O  O   . ASP A 23 ? 0.1075 0.1030 0.0684 0.0271  0.0159  -0.0036 23  ASP A O   
154 C  CB  . ASP A 23 ? 0.1175 0.1032 0.0884 0.0167  0.0010  -0.0240 23  ASP A CB  
155 C  CG  . ASP A 23 ? 0.1936 0.1116 0.1246 0.0541  0.0346  -0.0055 23  ASP A CG  
156 O  OD1 . ASP A 23 ? 0.2192 0.1233 0.1269 0.0603  0.0118  0.0012  23  ASP A OD1 
157 O  OD2 . ASP A 23 ? 0.1915 0.1937 0.1861 0.1040  0.0771  0.0102  23  ASP A OD2 
158 N  N   . ILE A 24 ? 0.0657 0.0702 0.0660 0.0079  0.0080  -0.0050 24  ILE A N   
159 C  CA  . ILE A 24 ? 0.0574 0.0686 0.0547 0.0023  0.0062  0.0050  24  ILE A CA  
160 C  C   . ILE A 24 ? 0.0526 0.0658 0.0632 -0.0046 0.0113  0.0036  24  ILE A C   
161 O  O   . ILE A 24 ? 0.0667 0.0627 0.0683 -0.0074 0.0025  0.0142  24  ILE A O   
162 C  CB  . ILE A 24 ? 0.0566 0.0697 0.0510 -0.0035 0.0013  -0.0050 24  ILE A CB  
163 C  CG1 . ILE A 24 ? 0.0749 0.0663 0.0774 -0.0010 0.0132  -0.0112 24  ILE A CG1 
164 C  CG2 . ILE A 24 ? 0.0627 0.0639 0.0618 -0.0008 0.0104  -0.0003 24  ILE A CG2 
165 C  CD1 . ILE A 24 ? 0.0715 0.0673 0.0877 -0.0153 0.0004  -0.0139 24  ILE A CD1 
166 N  N   . TYR A 25 ? 0.0544 0.0648 0.0637 0.0043  -0.0013 -0.0013 25  TYR A N   
167 C  CA  . TYR A 25 ? 0.0580 0.0665 0.0676 0.0004  -0.0009 0.0025  25  TYR A CA  
168 C  C   . TYR A 25 ? 0.0596 0.0710 0.0767 0.0024  0.0003  0.0054  25  TYR A C   
169 O  O   . TYR A 25 ? 0.0605 0.0821 0.1172 -0.0015 -0.0059 0.0073  25  TYR A O   
170 C  CB  . TYR A 25 ? 0.0538 0.0632 0.0681 -0.0061 -0.0097 0.0036  25  TYR A CB  
171 C  CG  . TYR A 25 ? 0.0597 0.0546 0.0481 0.0005  -0.0031 0.0009  25  TYR A CG  
172 C  CD1 . TYR A 25 ? 0.0639 0.0542 0.0592 0.0058  -0.0005 0.0028  25  TYR A CD1 
173 C  CD2 . TYR A 25 ? 0.0601 0.0536 0.0653 -0.0011 0.0085  0.0023  25  TYR A CD2 
174 C  CE1 . TYR A 25 ? 0.0552 0.0493 0.0519 0.0006  -0.0002 -0.0010 25  TYR A CE1 
175 C  CE2 . TYR A 25 ? 0.0516 0.0531 0.0518 0.0069  0.0096  0.0030  25  TYR A CE2 
176 C  CZ  . TYR A 25 ? 0.0588 0.0527 0.0402 0.0031  0.0098  0.0059  25  TYR A CZ  
177 O  OH  . TYR A 25 ? 0.0562 0.0549 0.0580 -0.0033 0.0030  0.0025  25  TYR A OH  
178 N  N   . ASP A 26 ? 0.0530 0.0821 0.0754 -0.0144 -0.0024 0.0094  26  ASP A N   
179 C  CA  . ASP A 26 ? 0.0586 0.0887 0.0859 -0.0079 0.0008  0.0050  26  ASP A CA  
180 C  C   . ASP A 26 ? 0.0505 0.0966 0.0677 -0.0171 -0.0084 0.0042  26  ASP A C   
181 O  O   . ASP A 26 ? 0.0626 0.1033 0.0891 -0.0149 -0.0068 -0.0181 26  ASP A O   
182 C  CB  . ASP A 26 ? 0.0648 0.1312 0.1036 -0.0199 0.0161  -0.0082 26  ASP A CB  
183 C  CG  A ASP A 26 ? 0.0653 0.1561 0.1228 -0.0159 0.0156  0.0105  26  ASP A CG  
184 C  CG  B ASP A 26 ? 0.0658 0.1383 0.1522 -0.0131 0.0161  0.0012  26  ASP A CG  
185 O  OD1 A ASP A 26 ? 0.0710 0.1878 0.1602 -0.0048 -0.0106 -0.0298 26  ASP A OD1 
186 O  OD1 B ASP A 26 ? 0.0760 0.1530 0.2555 0.0012  0.0206  0.0357  26  ASP A OD1 
187 O  OD2 A ASP A 26 ? 0.0800 0.3072 0.2052 -0.0049 0.0347  -0.1172 26  ASP A OD2 
188 O  OD2 B ASP A 26 ? 0.0808 0.1324 0.1980 -0.0177 -0.0322 -0.0059 26  ASP A OD2 
189 N  N   . TYR A 27 ? 0.0665 0.1104 0.1009 -0.0234 -0.0009 -0.0055 27  TYR A N   
190 C  CA  . TYR A 27 ? 0.0901 0.1066 0.0805 -0.0356 0.0048  -0.0045 27  TYR A CA  
191 C  C   . TYR A 27 ? 0.0808 0.1126 0.0874 -0.0394 0.0101  0.0049  27  TYR A C   
192 O  O   . TYR A 27 ? 0.1055 0.1288 0.1259 -0.0497 0.0296  -0.0119 27  TYR A O   
193 C  CB  . TYR A 27 ? 0.1109 0.1283 0.1027 -0.0501 -0.0126 0.0131  27  TYR A CB  
194 C  CG  . TYR A 27 ? 0.0816 0.1021 0.0827 -0.0143 -0.0074 -0.0024 27  TYR A CG  
195 C  CD1 . TYR A 27 ? 0.0881 0.1270 0.1676 -0.0016 0.0227  0.0036  27  TYR A CD1 
196 C  CD2 . TYR A 27 ? 0.0804 0.1139 0.0783 0.0007  -0.0057 0.0064  27  TYR A CD2 
197 C  CE1 . TYR A 27 ? 0.1158 0.1164 0.1331 0.0077  0.0150  0.0000  27  TYR A CE1 
198 C  CE2 . TYR A 27 ? 0.0786 0.1333 0.0755 -0.0121 0.0001  0.0115  27  TYR A CE2 
199 C  CZ  . TYR A 27 ? 0.0886 0.0957 0.0980 -0.0134 -0.0230 -0.0053 27  TYR A CZ  
200 O  OH  . TYR A 27 ? 0.0946 0.1272 0.1117 -0.0090 -0.0087 0.0106  27  TYR A OH  
201 N  N   . ASP A 28 ? 0.1101 0.1049 0.0949 -0.0429 0.0033  0.0028  28  ASP A N   
202 C  CA  . ASP A 28 ? 0.1817 0.1231 0.1218 -0.0733 0.0493  0.0042  28  ASP A CA  
203 C  C   . ASP A 28 ? 0.1606 0.1643 0.1670 -0.1111 0.0520  -0.0541 28  ASP A C   
204 O  O   . ASP A 28 ? 0.1154 0.2360 0.1659 -0.0918 0.0154  -0.0360 28  ASP A O   
205 C  CB  A ASP A 28 ? 0.2968 0.1449 0.1655 -0.0066 0.0913  0.0713  28  ASP A CB  
206 C  CB  B ASP A 28 ? 0.2744 0.1004 0.1282 -0.0619 0.0367  -0.0036 28  ASP A CB  
207 C  CG  A ASP A 28 ? 0.1773 0.1269 0.1986 -0.1045 0.0254  -0.0721 28  ASP A CG  
208 C  CG  B ASP A 28 ? 0.1324 0.0960 0.1178 -0.0844 0.0167  -0.0010 28  ASP A CG  
209 O  OD1 A ASP A 28 ? 0.2119 0.2413 0.1868 -0.0523 0.0628  0.0040  28  ASP A OD1 
210 O  OD1 B ASP A 28 ? 0.1834 0.1190 0.1515 -0.0453 0.0410  0.0122  28  ASP A OD1 
211 O  OD2 A ASP A 28 ? 0.2066 0.1421 0.1900 -0.0874 0.0390  -0.0443 28  ASP A OD2 
212 O  OD2 B ASP A 28 ? 0.1222 0.1241 0.1215 -0.0823 0.0083  -0.0068 28  ASP A OD2 
213 N  N   . GLU A 29 ? 0.2143 0.2613 0.2147 -0.1614 0.0756  -0.0209 29  GLU A N   
214 C  CA  . GLU A 29 ? 0.2024 0.3749 0.2535 -0.2117 0.0833  -0.0657 29  GLU A CA  
215 C  C   . GLU A 29 ? 0.2155 0.4547 0.2741 -0.2186 0.0662  -0.1675 29  GLU A C   
216 O  O   . GLU A 29 ? 0.2211 0.6033 0.2912 -0.2318 0.0442  -0.1750 29  GLU A O   
217 C  CB  . GLU A 29 ? 0.4153 0.5077 0.4381 -0.4056 0.1271  -0.1001 29  GLU A CB  
218 C  CG  . GLU A 29 ? 0.7596 0.4066 0.5295 -0.4321 0.0579  -0.0568 29  GLU A CG  
219 C  CD  . GLU A 29 ? 0.7527 0.5301 0.7826 -0.4241 0.0761  0.1542  29  GLU A CD  
220 O  OE1 . GLU A 29 ? 0.6641 0.6806 1.1956 -0.5149 -0.0233 0.2898  29  GLU A OE1 
221 O  OE2 . GLU A 29 ? 0.8668 0.3381 1.0968 -0.1181 0.0812  0.3140  29  GLU A OE2 
222 N  N   . ASP A 30 ? 0.2317 0.3676 0.2586 -0.2133 0.0731  -0.1368 30  ASP A N   
223 C  CA  . ASP A 30 ? 0.2498 0.3136 0.2750 -0.1710 0.0647  -0.1507 30  ASP A CA  
224 C  C   . ASP A 30 ? 0.1538 0.3180 0.1752 -0.1100 0.0073  -0.1091 30  ASP A C   
225 O  O   . ASP A 30 ? 0.1858 0.3757 0.1925 -0.1270 0.0227  -0.1455 30  ASP A O   
226 C  CB  . ASP A 30 ? 0.2908 0.2841 0.4201 -0.1802 0.0911  -0.1460 30  ASP A CB  
227 C  CG  . ASP A 30 ? 0.4346 0.3124 0.3599 -0.2498 0.0322  -0.1303 30  ASP A CG  
228 O  OD1 . ASP A 30 ? 0.4576 0.4803 0.5325 -0.3739 -0.0125 -0.0348 30  ASP A OD1 
229 O  OD2 . ASP A 30 ? 0.5226 0.6165 0.5135 -0.2635 0.1055  0.2275  30  ASP A OD2 
230 N  N   . GLY A 31 ? 0.1022 0.2520 0.1320 -0.0727 -0.0146 -0.0526 31  GLY A N   
231 C  CA  . GLY A 31 ? 0.0918 0.2449 0.1127 -0.0285 -0.0355 -0.0202 31  GLY A CA  
232 C  C   . GLY A 31 ? 0.0809 0.1287 0.0748 -0.0139 -0.0169 -0.0151 31  GLY A C   
233 O  O   . GLY A 31 ? 0.1127 0.1163 0.0931 -0.0125 -0.0109 0.0131  31  GLY A O   
234 N  N   . ILE A 32 ? 0.0973 0.1116 0.1052 -0.0433 -0.0232 0.0048  32  ILE A N   
235 C  CA  . ILE A 32 ? 0.0919 0.0832 0.0829 -0.0390 -0.0221 0.0083  32  ILE A CA  
236 C  C   . ILE A 32 ? 0.0754 0.0807 0.0692 -0.0222 -0.0019 0.0009  32  ILE A C   
237 O  O   . ILE A 32 ? 0.0836 0.1091 0.0770 -0.0410 -0.0011 0.0086  32  ILE A O   
238 C  CB  . ILE A 32 ? 0.1383 0.0769 0.1231 -0.0269 -0.0236 0.0068  32  ILE A CB  
239 C  CG1 . ILE A 32 ? 0.1569 0.1085 0.1568 -0.0020 -0.0460 -0.0265 32  ILE A CG1 
240 C  CG2 . ILE A 32 ? 0.1396 0.0932 0.1535 -0.0027 -0.0395 0.0030  32  ILE A CG2 
241 C  CD1 . ILE A 32 ? 0.2781 0.1375 0.1524 -0.0194 -0.0010 -0.0366 32  ILE A CD1 
242 N  N   . ALA A 33 ? 0.0711 0.0827 0.0618 -0.0220 -0.0066 0.0019  33  ALA A N   
243 C  CA  . ALA A 33 ? 0.0668 0.0662 0.0672 -0.0145 0.0020  0.0053  33  ALA A CA  
244 C  C   . ALA A 33 ? 0.0739 0.0778 0.0536 -0.0220 0.0008  -0.0028 33  ALA A C   
245 O  O   . ALA A 33 ? 0.0765 0.0802 0.0690 -0.0109 -0.0036 -0.0034 33  ALA A O   
246 C  CB  . ALA A 33 ? 0.0764 0.0764 0.0697 -0.0175 0.0010  0.0078  33  ALA A CB  
247 N  N   . TYR A 34 ? 0.0693 0.0710 0.0598 -0.0181 -0.0031 0.0023  34  TYR A N   
248 C  CA  . TYR A 34 ? 0.0695 0.0667 0.0592 -0.0093 -0.0050 0.0037  34  TYR A CA  
249 C  C   . TYR A 34 ? 0.0606 0.0691 0.0578 -0.0168 0.0059  0.0080  34  TYR A C   
250 O  O   . TYR A 34 ? 0.0614 0.0785 0.0647 -0.0115 -0.0063 0.0114  34  TYR A O   
251 C  CB  . TYR A 34 ? 0.0884 0.0685 0.0723 -0.0192 -0.0043 0.0111  34  TYR A CB  
252 C  CG  . TYR A 34 ? 0.0864 0.0806 0.0728 -0.0267 0.0013  0.0145  34  TYR A CG  
253 C  CD1 . TYR A 34 ? 0.0874 0.1121 0.0718 -0.0335 -0.0030 0.0133  34  TYR A CD1 
254 C  CD2 . TYR A 34 ? 0.0837 0.1067 0.0665 -0.0344 -0.0011 0.0189  34  TYR A CD2 
255 C  CE1 . TYR A 34 ? 0.0761 0.1572 0.0874 -0.0280 0.0019  0.0360  34  TYR A CE1 
256 C  CE2 . TYR A 34 ? 0.0965 0.1445 0.0730 -0.0461 0.0057  0.0062  34  TYR A CE2 
257 C  CZ  . TYR A 34 ? 0.0811 0.1494 0.0965 -0.0285 0.0158  0.0196  34  TYR A CZ  
258 O  OH  . TYR A 34 ? 0.0946 0.2004 0.1160 -0.0341 0.0382  0.0170  34  TYR A OH  
259 N  N   . VAL A 35 ? 0.0546 0.0600 0.0516 -0.0081 0.0039  0.0016  35  VAL A N   
260 C  CA  . VAL A 35 ? 0.0613 0.0608 0.0429 -0.0058 0.0048  0.0088  35  VAL A CA  
261 C  C   . VAL A 35 ? 0.0604 0.0574 0.0538 -0.0066 0.0021  0.0046  35  VAL A C   
262 O  O   . VAL A 35 ? 0.0672 0.0637 0.0614 -0.0097 0.0096  0.0121  35  VAL A O   
263 C  CB  . VAL A 35 ? 0.0599 0.0539 0.0543 -0.0053 0.0074  0.0034  35  VAL A CB  
264 C  CG1 . VAL A 35 ? 0.0683 0.0644 0.0545 -0.0109 0.0048  0.0025  35  VAL A CG1 
265 C  CG2 . VAL A 35 ? 0.0584 0.0577 0.0615 -0.0072 0.0059  0.0024  35  VAL A CG2 
266 N  N   . THR A 36 ? 0.0646 0.0747 0.0545 -0.0055 0.0146  0.0095  36  THR A N   
267 C  CA  . THR A 36 ? 0.0617 0.0955 0.0597 0.0014  0.0150  0.0103  36  THR A CA  
268 C  C   . THR A 36 ? 0.0629 0.0773 0.0656 -0.0006 0.0187  0.0031  36  THR A C   
269 O  O   . THR A 36 ? 0.0730 0.1055 0.0613 -0.0124 0.0244  0.0102  36  THR A O   
270 C  CB  . THR A 36 ? 0.0692 0.1255 0.0662 0.0070  0.0133  0.0057  36  THR A CB  
271 O  OG1 . THR A 36 ? 0.0878 0.1121 0.0978 0.0199  0.0259  0.0326  36  THR A OG1 
272 C  CG2 . THR A 36 ? 0.0742 0.1612 0.0787 0.0155  -0.0056 0.0036  36  THR A CG2 
273 N  N   . LEU A 37 ? 0.0635 0.0701 0.0530 -0.0091 0.0145  0.0077  37  LEU A N   
274 C  CA  . LEU A 37 ? 0.0713 0.0625 0.0631 -0.0022 0.0149  0.0097  37  LEU A CA  
275 C  C   . LEU A 37 ? 0.0693 0.0623 0.0474 -0.0103 0.0195  0.0081  37  LEU A C   
276 O  O   . LEU A 37 ? 0.0817 0.0668 0.0511 -0.0032 0.0175  0.0096  37  LEU A O   
277 C  CB  . LEU A 37 ? 0.0726 0.0674 0.0623 -0.0151 0.0068  0.0063  37  LEU A CB  
278 C  CG  . LEU A 37 ? 0.1015 0.0775 0.0700 -0.0198 0.0013  0.0192  37  LEU A CG  
279 C  CD1 . LEU A 37 ? 0.1168 0.0929 0.0758 -0.0452 0.0039  0.0217  37  LEU A CD1 
280 C  CD2 . LEU A 37 ? 0.1469 0.0653 0.1380 -0.0055 0.0274  0.0309  37  LEU A CD2 
281 N  N   . ASP A 38 ? 0.0742 0.0637 0.0506 0.0016  0.0112  0.0045  38  ASP A N   
282 C  CA  . ASP A 38 ? 0.0733 0.0623 0.0466 -0.0008 0.0124  0.0088  38  ASP A CA  
283 C  C   . ASP A 38 ? 0.0670 0.0664 0.0488 -0.0107 0.0168  0.0081  38  ASP A C   
284 O  O   . ASP A 38 ? 0.0833 0.0609 0.0572 -0.0005 0.0138  0.0096  38  ASP A O   
285 C  CB  . ASP A 38 ? 0.0702 0.0702 0.0508 -0.0007 0.0097  0.0053  38  ASP A CB  
286 C  CG  . ASP A 38 ? 0.0639 0.0584 0.0574 0.0083  0.0066  0.0026  38  ASP A CG  
287 O  OD1 . ASP A 38 ? 0.0613 0.0682 0.0638 -0.0007 0.0099  0.0007  38  ASP A OD1 
288 O  OD2 . ASP A 38 ? 0.0648 0.0878 0.0542 -0.0097 0.0099  0.0035  38  ASP A OD2 
289 N  N   . ASP A 39 ? 0.0693 0.0719 0.0556 -0.0017 0.0202  0.0076  39  ASP A N   
290 C  CA  . ASP A 39 ? 0.0735 0.0730 0.0697 -0.0201 0.0138  0.0018  39  ASP A CA  
291 C  C   . ASP A 39 ? 0.0765 0.0650 0.0568 -0.0119 0.0065  0.0068  39  ASP A C   
292 O  O   . ASP A 39 ? 0.0868 0.0648 0.0710 -0.0150 0.0218  0.0074  39  ASP A O   
293 C  CB  . ASP A 39 ? 0.0889 0.0845 0.0710 -0.0216 0.0323  0.0004  39  ASP A CB  
294 C  CG  . ASP A 39 ? 0.1312 0.0975 0.1184 -0.0493 0.0217  0.0060  39  ASP A CG  
295 O  OD1 . ASP A 39 ? 0.1778 0.0985 0.1327 -0.0566 0.0452  -0.0004 39  ASP A OD1 
296 O  OD2 . ASP A 39 ? 0.1433 0.1446 0.1631 -0.0773 -0.0281 0.0132  39  ASP A OD2 
297 N  N   . ASN A 40 ? 0.0670 0.0642 0.0456 -0.0091 0.0059  0.0087  40  ASN A N   
298 C  CA  . ASN A 40 ? 0.0782 0.0578 0.0509 -0.0125 0.0083  0.0026  40  ASN A CA  
299 C  C   . ASN A 40 ? 0.0743 0.0610 0.0524 -0.0139 0.0161  0.0036  40  ASN A C   
300 O  O   . ASN A 40 ? 0.0851 0.0930 0.0672 -0.0014 0.0157  -0.0154 40  ASN A O   
301 C  CB  . ASN A 40 ? 0.0845 0.0657 0.0552 -0.0154 0.0027  0.0038  40  ASN A CB  
302 C  CG  . ASN A 40 ? 0.0858 0.0619 0.0498 -0.0138 0.0012  0.0003  40  ASN A CG  
303 O  OD1 . ASN A 40 ? 0.0673 0.0553 0.0499 -0.0103 0.0076  0.0035  40  ASN A OD1 
304 N  ND2 . ASN A 40 ? 0.1624 0.0598 0.0600 -0.0014 0.0310  0.0075  40  ASN A ND2 
305 N  N   . GLN A 41 ? 0.0701 0.0537 0.0603 -0.0048 0.0095  0.0053  41  GLN A N   
306 C  CA  . GLN A 41 ? 0.0791 0.0554 0.0606 0.0040  0.0096  0.0059  41  GLN A CA  
307 C  C   . GLN A 41 ? 0.0756 0.0611 0.0599 0.0001  0.0077  -0.0001 41  GLN A C   
308 O  O   . GLN A 41 ? 0.0720 0.0654 0.0917 0.0057  -0.0025 0.0024  41  GLN A O   
309 C  CB  . GLN A 41 ? 0.0899 0.0814 0.0608 0.0101  0.0136  0.0179  41  GLN A CB  
310 C  CG  . GLN A 41 ? 0.1131 0.0951 0.0860 0.0065  0.0258  0.0264  41  GLN A CG  
311 C  CD  . GLN A 41 ? 0.1731 0.0689 0.2053 -0.0076 0.0858  0.0169  41  GLN A CD  
312 O  OE1 . GLN A 41 ? 0.2198 0.1066 0.2888 0.0577  0.1289  0.0768  41  GLN A OE1 
313 N  NE2 . GLN A 41 ? 0.2105 0.1320 0.2432 -0.0295 0.0729  -0.0682 41  GLN A NE2 
314 N  N   . GLY A 42 ? 0.0605 0.0564 0.0601 0.0011  0.0069  0.0071  42  GLY A N   
315 C  CA  . GLY A 42 ? 0.0675 0.0716 0.0598 -0.0050 0.0094  0.0037  42  GLY A CA  
316 C  C   . GLY A 42 ? 0.0672 0.0616 0.0563 -0.0005 0.0055  0.0043  42  GLY A C   
317 O  O   . GLY A 42 ? 0.0619 0.0978 0.0736 -0.0006 0.0089  -0.0104 42  GLY A O   
318 N  N   . ILE A 43 ? 0.0620 0.0648 0.0520 0.0025  0.0025  0.0072  43  ILE A N   
319 C  CA  . ILE A 43 ? 0.0630 0.0736 0.0526 0.0058  0.0029  0.0064  43  ILE A CA  
320 C  C   . ILE A 43 ? 0.0754 0.0667 0.0585 -0.0082 0.0035  0.0034  43  ILE A C   
321 O  O   . ILE A 43 ? 0.0941 0.0875 0.0801 0.0103  -0.0194 -0.0096 43  ILE A O   
322 C  CB  . ILE A 43 ? 0.0759 0.0750 0.0682 0.0017  0.0004  0.0194  43  ILE A CB  
323 C  CG1 . ILE A 43 ? 0.0764 0.0768 0.0657 0.0005  0.0086  0.0129  43  ILE A CG1 
324 C  CG2 . ILE A 43 ? 0.0791 0.0776 0.0794 0.0123  0.0048  0.0122  43  ILE A CG2 
325 C  CD1 . ILE A 43 ? 0.1007 0.1130 0.0958 -0.0043 0.0201  0.0323  43  ILE A CD1 
326 N  N   . VAL A 44 ? 0.0716 0.0631 0.0500 -0.0068 0.0020  -0.0007 44  VAL A N   
327 C  CA  . VAL A 44 ? 0.0772 0.0598 0.0544 -0.0078 0.0012  0.0045  44  VAL A CA  
328 C  C   . VAL A 44 ? 0.0781 0.0548 0.0568 -0.0031 0.0162  -0.0008 44  VAL A C   
329 O  O   . VAL A 44 ? 0.1100 0.0646 0.0492 -0.0058 0.0186  0.0019  44  VAL A O   
330 C  CB  . VAL A 44 ? 0.0788 0.0694 0.0508 -0.0098 0.0079  0.0061  44  VAL A CB  
331 C  CG1 . VAL A 44 ? 0.0831 0.0857 0.0783 0.0069  0.0156  0.0019  44  VAL A CG1 
332 C  CG2 . VAL A 44 ? 0.1021 0.0828 0.0570 -0.0153 0.0227  0.0025  44  VAL A CG2 
333 N  N   . GLU A 45 ? 0.0798 0.0633 0.0661 -0.0083 0.0080  0.0036  45  GLU A N   
334 C  CA  . GLU A 45 ? 0.0992 0.0592 0.0882 -0.0162 0.0153  0.0064  45  GLU A CA  
335 C  C   . GLU A 45 ? 0.0956 0.0470 0.0864 -0.0078 0.0323  -0.0020 45  GLU A C   
336 O  O   . GLU A 45 ? 0.1195 0.0807 0.0948 0.0148  0.0464  0.0166  45  GLU A O   
337 C  CB  A GLU A 45 ? 0.1789 0.0659 0.1248 -0.0284 -0.0312 0.0187  45  GLU A CB  
338 C  CB  B GLU A 45 ? 0.1005 0.1090 0.1840 -0.0277 -0.0210 -0.0273 45  GLU A CB  
339 C  CG  A GLU A 45 ? 0.1224 0.1070 0.2399 -0.0550 0.0370  -0.0241 45  GLU A CG  
340 C  CG  B GLU A 45 ? 0.1666 0.1076 0.1670 -0.0178 -0.0526 -0.0293 45  GLU A CG  
341 C  CD  A GLU A 45 ? 0.2919 0.2534 0.2644 -0.1829 0.0642  -0.0972 45  GLU A CD  
342 C  CD  B GLU A 45 ? 0.1782 0.1945 0.2502 -0.0041 -0.0943 -0.0834 45  GLU A CD  
343 O  OE1 A GLU A 45 ? 0.5170 0.3541 0.2634 0.0025  0.0395  -0.1478 45  GLU A OE1 
344 O  OE1 B GLU A 45 ? 0.3295 0.2002 0.4228 -0.1417 -0.1924 -0.0622 45  GLU A OE1 
345 O  OE2 A GLU A 45 ? 0.1334 0.1066 0.4553 -0.0538 -0.0652 0.0269  45  GLU A OE2 
346 O  OE2 B GLU A 45 ? 0.3933 0.3174 0.1607 -0.0829 -0.0985 -0.0449 45  GLU A OE2 
347 N  N   . VAL A 46 ? 0.0758 0.0506 0.0795 -0.0023 0.0216  -0.0058 46  VAL A N   
348 C  CA  . VAL A 46 ? 0.0675 0.0534 0.0789 -0.0043 0.0152  -0.0128 46  VAL A CA  
349 C  C   . VAL A 46 ? 0.0691 0.0491 0.0793 -0.0078 0.0031  -0.0050 46  VAL A C   
350 O  O   . VAL A 46 ? 0.0772 0.0508 0.1073 -0.0115 -0.0003 -0.0059 46  VAL A O   
351 C  CB  . VAL A 46 ? 0.0911 0.0514 0.0787 -0.0107 0.0184  -0.0063 46  VAL A CB  
352 C  CG1 . VAL A 46 ? 0.1079 0.0573 0.0714 -0.0140 0.0048  -0.0083 46  VAL A CG1 
353 C  CG2 . VAL A 46 ? 0.1314 0.0707 0.0841 -0.0110 0.0231  -0.0178 46  VAL A CG2 
354 N  N   . PRO A 47 ? 0.0793 0.0502 0.0707 -0.0046 0.0080  -0.0139 47  PRO A N   
355 C  CA  . PRO A 47 ? 0.0999 0.0540 0.0776 0.0003  0.0107  -0.0176 47  PRO A CA  
356 C  C   . PRO A 47 ? 0.0856 0.0430 0.0774 0.0010  0.0043  -0.0191 47  PRO A C   
357 O  O   . PRO A 47 ? 0.0835 0.0520 0.0723 -0.0019 -0.0001 -0.0161 47  PRO A O   
358 C  CB  . PRO A 47 ? 0.0949 0.0774 0.0904 0.0086  0.0162  -0.0149 47  PRO A CB  
359 C  CG  . PRO A 47 ? 0.1002 0.0795 0.1117 0.0061  0.0304  -0.0116 47  PRO A CG  
360 C  CD  . PRO A 47 ? 0.0672 0.0777 0.0953 -0.0064 0.0098  -0.0091 47  PRO A CD  
361 N  N   . ASP A 48 ? 0.0906 0.0553 0.0856 -0.0109 -0.0035 -0.0165 48  ASP A N   
362 C  CA  . ASP A 48 ? 0.0869 0.0527 0.0793 -0.0086 -0.0026 -0.0070 48  ASP A CA  
363 C  C   . ASP A 48 ? 0.0745 0.0406 0.0841 -0.0004 -0.0035 -0.0168 48  ASP A C   
364 O  O   . ASP A 48 ? 0.0850 0.0515 0.0786 -0.0055 -0.0012 -0.0151 48  ASP A O   
365 C  CB  . ASP A 48 ? 0.0910 0.0690 0.1002 -0.0187 -0.0190 -0.0059 48  ASP A CB  
366 C  CG  . ASP A 48 ? 0.1013 0.0730 0.1196 0.0002  -0.0290 -0.0105 48  ASP A CG  
367 O  OD1 . ASP A 48 ? 0.1139 0.0913 0.1059 -0.0270 -0.0348 -0.0071 48  ASP A OD1 
368 O  OD2 . ASP A 48 ? 0.1369 0.1115 0.1944 0.0256  -0.0573 -0.0485 48  ASP A OD2 
369 N  N   . ILE A 49 ? 0.0825 0.0507 0.0832 -0.0003 -0.0060 -0.0170 49  ILE A N   
370 C  CA  . ILE A 49 ? 0.0792 0.0608 0.1036 0.0108  -0.0151 -0.0358 49  ILE A CA  
371 C  C   . ILE A 49 ? 0.0696 0.0562 0.0847 0.0101  -0.0047 -0.0203 49  ILE A C   
372 O  O   . ILE A 49 ? 0.1047 0.0638 0.0962 0.0156  -0.0100 -0.0261 49  ILE A O   
373 C  CB  . ILE A 49 ? 0.1038 0.0855 0.1043 0.0176  -0.0047 -0.0480 49  ILE A CB  
374 C  CG1 . ILE A 49 ? 0.1039 0.0956 0.1386 0.0275  -0.0168 -0.0598 49  ILE A CG1 
375 C  CG2 . ILE A 49 ? 0.1006 0.1145 0.1409 0.0014  0.0239  -0.0535 49  ILE A CG2 
376 C  CD1 . ILE A 49 ? 0.1324 0.0996 0.2056 0.0075  -0.0133 -0.0102 49  ILE A CD1 
377 N  N   . LEU A 50 ? 0.0687 0.0542 0.0710 0.0064  -0.0058 -0.0280 50  LEU A N   
378 C  CA  . LEU A 50 ? 0.0730 0.0527 0.0713 0.0031  0.0016  -0.0215 50  LEU A CA  
379 C  C   . LEU A 50 ? 0.0762 0.0505 0.0713 -0.0025 0.0043  -0.0150 50  LEU A C   
380 O  O   . LEU A 50 ? 0.0738 0.0593 0.0721 -0.0019 0.0012  -0.0209 50  LEU A O   
381 C  CB  . LEU A 50 ? 0.0712 0.0612 0.0876 -0.0091 0.0013  -0.0247 50  LEU A CB  
382 C  CG  . LEU A 50 ? 0.0855 0.0861 0.0924 0.0034  0.0201  -0.0253 50  LEU A CG  
383 C  CD1 . LEU A 50 ? 0.0770 0.1166 0.1011 -0.0166 0.0165  -0.0221 50  LEU A CD1 
384 C  CD2 . LEU A 50 ? 0.0688 0.1555 0.2181 0.0036  0.0078  0.0602  50  LEU A CD2 
385 N  N   . ILE A 51 ? 0.0714 0.0569 0.0625 0.0019  -0.0013 -0.0207 51  ILE A N   
386 C  CA  . ILE A 51 ? 0.0656 0.0553 0.0716 -0.0060 0.0014  -0.0146 51  ILE A CA  
387 C  C   . ILE A 51 ? 0.0785 0.0533 0.0747 -0.0117 -0.0009 -0.0179 51  ILE A C   
388 O  O   . ILE A 51 ? 0.0768 0.0565 0.0678 -0.0062 0.0048  -0.0189 51  ILE A O   
389 C  CB  . ILE A 51 ? 0.0736 0.0685 0.0935 -0.0072 -0.0019 -0.0327 51  ILE A CB  
390 C  CG1 . ILE A 51 ? 0.0751 0.1387 0.0776 0.0180  -0.0087 -0.0265 51  ILE A CG1 
391 C  CG2 . ILE A 51 ? 0.0769 0.1054 0.0955 -0.0150 0.0030  -0.0307 51  ILE A CG2 
392 C  CD1 . ILE A 51 ? 0.2624 0.1515 0.1610 0.0605  0.0048  0.0096  51  ILE A CD1 
393 N  N   . ASP A 52 ? 0.0902 0.0503 0.0727 -0.0017 0.0046  -0.0120 52  ASP A N   
394 C  CA  . ASP A 52 ? 0.0934 0.0523 0.0854 -0.0078 0.0000  -0.0092 52  ASP A CA  
395 C  C   . ASP A 52 ? 0.0927 0.0421 0.0758 0.0064  0.0009  -0.0076 52  ASP A C   
396 O  O   . ASP A 52 ? 0.1025 0.0546 0.0769 -0.0057 0.0048  -0.0047 52  ASP A O   
397 C  CB  A ASP A 52 ? 0.1236 0.0455 0.1163 -0.0296 0.0041  0.0085  52  ASP A CB  
398 C  CB  B ASP A 52 ? 0.1474 0.0510 0.0865 -0.0119 -0.0050 -0.0074 52  ASP A CB  
399 C  CG  A ASP A 52 ? 0.0995 0.0551 0.0913 -0.0182 -0.0148 -0.0067 52  ASP A CG  
400 C  CG  B ASP A 52 ? 0.1657 0.0598 0.1171 -0.0207 0.0070  -0.0142 52  ASP A CG  
401 O  OD1 A ASP A 52 ? 0.1177 0.0889 0.1207 0.0164  -0.0167 0.0087  52  ASP A OD1 
402 O  OD1 B ASP A 52 ? 0.2335 0.0644 0.1577 -0.0171 -0.0276 -0.0257 52  ASP A OD1 
403 O  OD2 A ASP A 52 ? 0.1008 0.1054 0.1462 -0.0163 0.0073  0.0065  52  ASP A OD2 
404 O  OD2 B ASP A 52 ? 0.1402 0.1041 0.1549 -0.0406 0.0186  -0.0265 52  ASP A OD2 
405 N  N   . ASP A 53 ? 0.0853 0.0532 0.0703 0.0031  -0.0033 -0.0139 53  ASP A N   
406 C  CA  . ASP A 53 ? 0.0832 0.0565 0.0652 0.0065  -0.0046 -0.0086 53  ASP A CA  
407 C  C   . ASP A 53 ? 0.0688 0.0487 0.0623 -0.0015 0.0022  -0.0058 53  ASP A C   
408 O  O   . ASP A 53 ? 0.0676 0.0586 0.0685 -0.0006 -0.0017 -0.0139 53  ASP A O   
409 C  CB  . ASP A 53 ? 0.0820 0.0590 0.0837 0.0095  0.0000  -0.0131 53  ASP A CB  
410 C  CG  . ASP A 53 ? 0.0920 0.0623 0.1069 0.0180  -0.0099 -0.0096 53  ASP A CG  
411 O  OD1 . ASP A 53 ? 0.0925 0.0842 0.1215 0.0223  0.0060  -0.0096 53  ASP A OD1 
412 O  OD2 . ASP A 53 ? 0.1138 0.0821 0.1376 0.0257  0.0058  0.0088  53  ASP A OD2 
413 N  N   . MET A 54 ? 0.0682 0.0490 0.0617 -0.0059 0.0004  -0.0130 54  MET A N   
414 C  CA  . MET A 54 ? 0.0595 0.0411 0.0610 -0.0072 0.0032  -0.0069 54  MET A CA  
415 C  C   . MET A 54 ? 0.0641 0.0456 0.0548 -0.0031 -0.0058 -0.0059 54  MET A C   
416 O  O   . MET A 54 ? 0.0677 0.0510 0.0527 -0.0062 0.0013  -0.0121 54  MET A O   
417 C  CB  . MET A 54 ? 0.0724 0.0470 0.0554 -0.0030 -0.0067 -0.0039 54  MET A CB  
418 C  CG  . MET A 54 ? 0.0750 0.0483 0.0694 -0.0021 0.0028  -0.0109 54  MET A CG  
419 S  SD  . MET A 54 ? 0.0905 0.0596 0.0701 0.0080  -0.0068 -0.0014 54  MET A SD  
420 C  CE  . MET A 54 ? 0.0697 0.0628 0.1263 -0.0024 -0.0201 -0.0092 54  MET A CE  
421 N  N   . MET A 55 ? 0.0743 0.0459 0.0673 -0.0108 0.0104  -0.0140 55  MET A N   
422 C  CA  . MET A 55 ? 0.0782 0.0454 0.0692 -0.0127 0.0076  -0.0058 55  MET A CA  
423 C  C   . MET A 55 ? 0.0804 0.0408 0.0644 -0.0097 0.0103  -0.0064 55  MET A C   
424 O  O   . MET A 55 ? 0.0810 0.0639 0.0677 -0.0075 0.0159  -0.0053 55  MET A O   
425 C  CB  . MET A 55 ? 0.0791 0.0674 0.0879 -0.0237 0.0074  -0.0140 55  MET A CB  
426 C  CG  . MET A 55 ? 0.0849 0.0880 0.0878 -0.0275 0.0054  -0.0171 55  MET A CG  
427 S  SD  . MET A 55 ? 0.0985 0.1128 0.1009 -0.0022 -0.0134 -0.0028 55  MET A SD  
428 C  CE  . MET A 55 ? 0.0797 0.1428 0.1507 0.0084  0.0095  -0.0096 55  MET A CE  
429 N  N   . ASP A 56 ? 0.0807 0.0509 0.0694 -0.0068 0.0057  -0.0031 56  ASP A N   
430 C  CA  . ASP A 56 ? 0.0912 0.0559 0.0621 0.0044  0.0045  0.0063  56  ASP A CA  
431 C  C   . ASP A 56 ? 0.0697 0.0548 0.0616 0.0089  -0.0039 0.0014  56  ASP A C   
432 O  O   . ASP A 56 ? 0.0996 0.0544 0.0585 0.0044  0.0011  0.0045  56  ASP A O   
433 C  CB  . ASP A 56 ? 0.0977 0.0601 0.0761 0.0097  -0.0035 0.0009  56  ASP A CB  
434 C  CG  . ASP A 56 ? 0.1144 0.0583 0.1202 0.0151  -0.0129 0.0011  56  ASP A CG  
435 O  OD1 . ASP A 56 ? 0.1198 0.0597 0.1379 0.0114  -0.0165 -0.0038 56  ASP A OD1 
436 O  OD2 . ASP A 56 ? 0.1212 0.0648 0.1646 -0.0011 0.0083  0.0177  56  ASP A OD2 
437 N  N   . ALA A 57 ? 0.0604 0.0500 0.0554 0.0009  0.0008  -0.0041 57  ALA A N   
438 C  CA  . ALA A 57 ? 0.0567 0.0480 0.0615 0.0054  -0.0056 -0.0033 57  ALA A CA  
439 C  C   . ALA A 57 ? 0.0628 0.0438 0.0470 0.0034  -0.0053 0.0013  57  ALA A C   
440 O  O   . ALA A 57 ? 0.0608 0.0594 0.0555 -0.0009 -0.0068 -0.0096 57  ALA A O   
441 C  CB  . ALA A 57 ? 0.0559 0.0654 0.0694 -0.0006 0.0071  -0.0101 57  ALA A CB  
442 N  N   . PHE A 58 ? 0.0565 0.0474 0.0541 0.0052  -0.0012 -0.0078 58  PHE A N   
443 C  CA  . PHE A 58 ? 0.0538 0.0459 0.0540 -0.0042 0.0011  -0.0027 58  PHE A CA  
444 C  C   . PHE A 58 ? 0.0572 0.0597 0.0498 0.0071  -0.0065 -0.0050 58  PHE A C   
445 O  O   . PHE A 58 ? 0.0724 0.0562 0.0576 0.0083  0.0015  -0.0041 58  PHE A O   
446 C  CB  . PHE A 58 ? 0.0581 0.0539 0.0599 0.0032  -0.0051 -0.0090 58  PHE A CB  
447 C  CG  . PHE A 58 ? 0.0579 0.0604 0.0610 -0.0029 -0.0127 -0.0011 58  PHE A CG  
448 C  CD1 . PHE A 58 ? 0.0597 0.0632 0.0664 0.0012  -0.0042 -0.0031 58  PHE A CD1 
449 C  CD2 . PHE A 58 ? 0.0546 0.0785 0.1294 -0.0057 -0.0174 0.0057  58  PHE A CD2 
450 C  CE1 . PHE A 58 ? 0.0690 0.0676 0.0843 0.0003  0.0014  -0.0075 58  PHE A CE1 
451 C  CE2 . PHE A 58 ? 0.0538 0.0945 0.1423 -0.0221 -0.0140 0.0294  58  PHE A CE2 
452 C  CZ  . PHE A 58 ? 0.0534 0.1105 0.1023 0.0071  -0.0077 -0.0084 58  PHE A CZ  
453 N  N   . GLU A 59 ? 0.0574 0.0558 0.0607 0.0028  0.0021  -0.0027 59  GLU A N   
454 C  CA  . GLU A 59 ? 0.0690 0.0683 0.0697 0.0017  0.0157  0.0035  59  GLU A CA  
455 C  C   . GLU A 59 ? 0.0862 0.0512 0.0616 0.0040  0.0154  0.0051  59  GLU A C   
456 O  O   . GLU A 59 ? 0.1068 0.1212 0.0600 0.0122  0.0116  0.0039  59  GLU A O   
457 C  CB  . GLU A 59 ? 0.0857 0.0755 0.0842 -0.0163 0.0176  0.0085  59  GLU A CB  
458 C  CG  . GLU A 59 ? 0.0752 0.0852 0.1201 -0.0213 0.0086  0.0078  59  GLU A CG  
459 C  CD  . GLU A 59 ? 0.1011 0.0839 0.1907 -0.0309 -0.0271 0.0179  59  GLU A CD  
460 O  OE1 . GLU A 59 ? 0.1830 0.1118 0.2954 -0.0587 -0.1132 0.0287  59  GLU A OE1 
461 O  OE2 . GLU A 59 ? 0.1504 0.0911 0.1864 -0.0116 -0.0300 0.0214  59  GLU A OE2 
462 N  N   . GLY A 60 ? 0.0798 0.0504 0.0527 0.0021  -0.0025 0.0005  60  GLY A N   
463 C  CA  . GLY A 60 ? 0.1026 0.0620 0.0708 0.0081  -0.0323 0.0016  60  GLY A CA  
464 C  C   . GLY A 60 ? 0.1068 0.0739 0.0583 -0.0042 -0.0231 -0.0044 60  GLY A C   
465 O  O   . GLY A 60 ? 0.1898 0.0952 0.0873 -0.0221 -0.0672 0.0078  60  GLY A O   
466 N  N   . CYS A 61 ? 0.0713 0.0643 0.0459 0.0069  -0.0046 -0.0064 61  CYS A N   
467 C  CA  . CYS A 61 ? 0.0555 0.0648 0.0473 -0.0041 0.0035  -0.0136 61  CYS A CA  
468 C  C   . CYS A 61 ? 0.0593 0.0595 0.0530 0.0013  0.0048  -0.0099 61  CYS A C   
469 O  O   . CYS A 61 ? 0.0620 0.0724 0.0548 -0.0001 0.0035  -0.0140 61  CYS A O   
470 C  CB  . CYS A 61 ? 0.0574 0.0589 0.0485 -0.0044 0.0000  -0.0068 61  CYS A CB  
471 S  SG  . CYS A 61 ? 0.0608 0.0566 0.0697 0.0023  0.0074  -0.0049 61  CYS A SG  
472 N  N   . PRO A 62 ? 0.0647 0.0659 0.0446 0.0020  -0.0048 -0.0083 62  PRO A N   
473 C  CA  . PRO A 62 ? 0.0714 0.0607 0.0481 -0.0037 0.0051  -0.0084 62  PRO A CA  
474 C  C   . PRO A 62 ? 0.0681 0.0687 0.0435 -0.0087 0.0023  -0.0158 62  PRO A C   
475 O  O   . PRO A 62 ? 0.0766 0.0788 0.0503 0.0040  0.0030  -0.0094 62  PRO A O   
476 C  CB  . PRO A 62 ? 0.0852 0.0805 0.0464 0.0054  -0.0127 -0.0095 62  PRO A CB  
477 C  CG  . PRO A 62 ? 0.0606 0.0763 0.0553 0.0011  -0.0141 -0.0141 62  PRO A CG  
478 C  CD  . PRO A 62 ? 0.0668 0.0721 0.0536 -0.0029 -0.0020 -0.0104 62  PRO A CD  
479 N  N   . THR A 63 ? 0.0684 0.0639 0.0502 0.0027  0.0040  -0.0149 63  THR A N   
480 C  CA  . THR A 63 ? 0.0782 0.0617 0.0551 0.0002  -0.0004 -0.0128 63  THR A CA  
481 C  C   . THR A 63 ? 0.0776 0.0631 0.0534 0.0026  0.0084  -0.0003 63  THR A C   
482 O  O   . THR A 63 ? 0.1010 0.0705 0.0609 0.0134  -0.0016 -0.0142 63  THR A O   
483 C  CB  . THR A 63 ? 0.0806 0.0673 0.0852 -0.0018 0.0075  -0.0133 63  THR A CB  
484 O  OG1 . THR A 63 ? 0.1074 0.0777 0.0977 -0.0128 0.0270  -0.0126 63  THR A OG1 
485 C  CG2 . THR A 63 ? 0.0887 0.0959 0.0944 -0.0104 -0.0140 -0.0259 63  THR A CG2 
486 N  N   . ASP A 64 ? 0.0615 0.0669 0.0517 0.0051  0.0035  -0.0041 64  ASP A N   
487 C  CA  . ASP A 64 ? 0.0518 0.0794 0.0568 0.0017  0.0024  -0.0018 64  ASP A CA  
488 C  C   . ASP A 64 ? 0.0663 0.0649 0.0619 0.0105  0.0088  -0.0058 64  ASP A C   
489 O  O   . ASP A 64 ? 0.0620 0.0988 0.0752 0.0151  0.0003  0.0074  64  ASP A O   
490 C  CB  . ASP A 64 ? 0.0544 0.1044 0.0706 0.0090  0.0107  0.0129  64  ASP A CB  
491 C  CG  . ASP A 64 ? 0.0675 0.0965 0.0789 -0.0018 0.0050  0.0179  64  ASP A CG  
492 O  OD1 . ASP A 64 ? 0.1543 0.1797 0.0813 -0.0462 0.0159  -0.0078 64  ASP A OD1 
493 O  OD2 . ASP A 64 ? 0.1695 0.1166 0.1622 0.0288  0.0769  0.0607  64  ASP A OD2 
494 N  N   . SER A 65 ? 0.0597 0.0595 0.0505 0.0017  0.0017  -0.0039 65  SER A N   
495 C  CA  . SER A 65 ? 0.0691 0.0530 0.0595 -0.0007 0.0035  -0.0095 65  SER A CA  
496 C  C   . SER A 65 ? 0.0606 0.0561 0.0523 -0.0008 0.0025  0.0025  65  SER A C   
497 O  O   . SER A 65 ? 0.1057 0.0549 0.0557 -0.0060 0.0112  0.0049  65  SER A O   
498 C  CB  . SER A 65 ? 0.0706 0.0530 0.0571 -0.0036 0.0047  -0.0051 65  SER A CB  
499 O  OG  . SER A 65 ? 0.0909 0.0694 0.0744 -0.0097 -0.0025 -0.0170 65  SER A OG  
500 N  N   . ILE A 66 ? 0.0521 0.0584 0.0418 -0.0033 0.0018  0.0011  66  ILE A N   
501 C  CA  . ILE A 66 ? 0.0466 0.0525 0.0496 -0.0001 -0.0003 0.0026  66  ILE A CA  
502 C  C   . ILE A 66 ? 0.0517 0.0553 0.0445 0.0041  0.0052  -0.0044 66  ILE A C   
503 O  O   . ILE A 66 ? 0.0492 0.0750 0.0536 -0.0042 0.0031  0.0104  66  ILE A O   
504 C  CB  . ILE A 66 ? 0.0470 0.0533 0.0403 -0.0022 0.0019  0.0032  66  ILE A CB  
505 C  CG1 . ILE A 66 ? 0.0504 0.0633 0.0841 0.0028  -0.0117 -0.0123 66  ILE A CG1 
506 C  CG2 . ILE A 66 ? 0.0512 0.0590 0.0609 -0.0075 0.0006  -0.0076 66  ILE A CG2 
507 C  CD1 . ILE A 66 ? 0.0655 0.0741 0.0726 0.0209  -0.0079 -0.0113 66  ILE A CD1 
508 N  N   . LYS A 67 ? 0.0496 0.0590 0.0398 -0.0001 0.0018  0.0005  67  LYS A N   
509 C  CA  . LYS A 67 ? 0.0482 0.0519 0.0484 -0.0030 0.0035  0.0028  67  LYS A CA  
510 C  C   . LYS A 67 ? 0.0494 0.0523 0.0484 -0.0014 0.0027  0.0082  67  LYS A C   
511 O  O   . LYS A 67 ? 0.0484 0.0612 0.0522 -0.0041 0.0049  -0.0039 67  LYS A O   
512 C  CB  . LYS A 67 ? 0.0710 0.0638 0.0607 0.0109  -0.0093 0.0109  67  LYS A CB  
513 C  CG  . LYS A 67 ? 0.0849 0.0587 0.0912 0.0046  -0.0046 0.0063  67  LYS A CG  
514 C  CD  . LYS A 67 ? 0.1091 0.0856 0.0928 0.0120  0.0164  -0.0099 67  LYS A CD  
515 C  CE  . LYS A 67 ? 0.1070 0.0981 0.0864 0.0299  -0.0025 -0.0172 67  LYS A CE  
516 N  NZ  . LYS A 67 ? 0.1286 0.1012 0.0902 0.0307  -0.0020 -0.0246 67  LYS A NZ  
517 N  N   . VAL A 68 ? 0.0401 0.0641 0.0442 -0.0070 0.0027  0.0007  68  VAL A N   
518 C  CA  . VAL A 68 ? 0.0517 0.0549 0.0414 0.0004  -0.0015 0.0036  68  VAL A CA  
519 C  C   . VAL A 68 ? 0.0470 0.0525 0.0502 -0.0014 0.0023  0.0026  68  VAL A C   
520 O  O   . VAL A 68 ? 0.0441 0.0861 0.0474 0.0045  0.0009  -0.0010 68  VAL A O   
521 C  CB  . VAL A 68 ? 0.0665 0.0545 0.0704 -0.0005 -0.0106 0.0022  68  VAL A CB  
522 C  CG1 . VAL A 68 ? 0.1105 0.0906 0.1242 -0.0096 -0.0293 -0.0127 68  VAL A CG1 
523 C  CG2 . VAL A 68 ? 0.0719 0.0754 0.0672 0.0070  -0.0148 0.0046  68  VAL A CG2 
524 N  N   . ALA A 69 ? 0.0431 0.0612 0.0515 -0.0058 -0.0017 -0.0027 69  ALA A N   
525 C  CA  . ALA A 69 ? 0.0312 0.0675 0.0583 -0.0034 0.0048  -0.0072 69  ALA A CA  
526 C  C   . ALA A 69 ? 0.0439 0.0738 0.0548 -0.0024 -0.0020 -0.0048 69  ALA A C   
527 O  O   . ALA A 69 ? 0.0483 0.0944 0.0601 0.0024  0.0021  -0.0200 69  ALA A O   
528 C  CB  . ALA A 69 ? 0.0472 0.0631 0.0634 0.0000  -0.0043 0.0037  69  ALA A CB  
529 N  N   . ASP A 70 ? 0.0455 0.0805 0.0552 -0.0060 -0.0035 -0.0125 70  ASP A N   
530 C  CA  . ASP A 70 ? 0.0570 0.0846 0.0631 -0.0049 -0.0065 -0.0181 70  ASP A CA  
531 C  C   . ASP A 70 ? 0.0694 0.0981 0.0615 -0.0069 -0.0108 -0.0115 70  ASP A C   
532 O  O   . ASP A 70 ? 0.1356 0.1088 0.0686 -0.0286 -0.0172 -0.0121 70  ASP A O   
533 C  CB  . ASP A 70 ? 0.0685 0.1043 0.0848 -0.0202 -0.0077 -0.0185 70  ASP A CB  
534 C  CG  . ASP A 70 ? 0.1095 0.0991 0.0790 -0.0268 0.0048  -0.0168 70  ASP A CG  
535 O  OD1 . ASP A 70 ? 0.1748 0.1101 0.0985 -0.0141 -0.0249 -0.0057 70  ASP A OD1 
536 O  OD2 . ASP A 70 ? 0.1454 0.1077 0.1336 -0.0341 -0.0066 -0.0127 70  ASP A OD2 
537 N  N   . GLU A 71 ? 0.0677 0.0975 0.0609 -0.0045 -0.0055 -0.0048 71  GLU A N   
538 C  CA  . GLU A 71 ? 0.0644 0.1172 0.0601 -0.0052 -0.0069 0.0011  71  GLU A CA  
539 C  C   . GLU A 71 ? 0.0650 0.0863 0.0653 0.0053  0.0027  0.0016  71  GLU A C   
540 O  O   . GLU A 71 ? 0.0673 0.0884 0.0625 -0.0035 -0.0090 0.0043  71  GLU A O   
541 C  CB  . GLU A 71 ? 0.0788 0.1242 0.1408 -0.0046 -0.0223 0.0505  71  GLU A CB  
542 C  CG  . GLU A 71 ? 0.0693 0.2610 0.1555 -0.0056 -0.0432 0.0479  71  GLU A CG  
543 C  CD  . GLU A 71 ? 0.1682 0.5245 0.1380 -0.1533 -0.0502 0.0275  71  GLU A CD  
544 O  OE1 . GLU A 71 ? 0.2167 0.4296 0.1730 -0.1134 -0.0489 0.0069  71  GLU A OE1 
545 O  OE2 . GLU A 71 ? 0.2312 0.8057 0.1373 -0.2673 -0.0450 0.0549  71  GLU A OE2 
546 N  N   . PRO A 72 ? 0.0702 0.0959 0.0656 -0.0025 -0.0074 0.0073  72  PRO A N   
547 C  CA  . PRO A 72 ? 0.0644 0.0730 0.0686 0.0036  0.0012  0.0067  72  PRO A CA  
548 C  C   . PRO A 72 ? 0.0725 0.0787 0.0712 0.0142  -0.0001 0.0057  72  PRO A C   
549 O  O   . PRO A 72 ? 0.0800 0.0943 0.0974 0.0243  -0.0086 -0.0050 72  PRO A O   
550 C  CB  A PRO A 72 ? 0.1023 0.1215 0.0588 -0.0196 -0.0060 0.0050  72  PRO A CB  
551 C  CB  B PRO A 72 ? 0.1185 0.1188 0.0691 -0.0218 0.0084  0.0088  72  PRO A CB  
552 C  CG  A PRO A 72 ? 0.0944 0.1210 0.0654 -0.0219 -0.0102 0.0218  72  PRO A CG  
553 C  CG  B PRO A 72 ? 0.0960 0.1029 0.0678 -0.0134 -0.0074 0.0256  72  PRO A CG  
554 C  CD  A PRO A 72 ? 0.1574 0.1124 0.0699 -0.0536 -0.0399 0.0346  72  PRO A CD  
555 C  CD  B PRO A 72 ? 0.0634 0.1273 0.0586 0.0136  0.0020  0.0022  72  PRO A CD  
556 N  N   . PHE A 73 ? 0.0782 0.0677 0.0637 0.0197  -0.0047 0.0050  73  PHE A N   
557 C  CA  . PHE A 73 ? 0.0721 0.0656 0.0608 0.0114  0.0051  0.0118  73  PHE A CA  
558 C  C   . PHE A 73 ? 0.0810 0.0689 0.0838 0.0166  -0.0037 0.0172  73  PHE A C   
559 O  O   . PHE A 73 ? 0.1079 0.0552 0.0947 0.0230  0.0067  0.0116  73  PHE A O   
560 C  CB  . PHE A 73 ? 0.0716 0.0618 0.0629 0.0074  0.0058  0.0050  73  PHE A CB  
561 C  CG  . PHE A 73 ? 0.0565 0.0502 0.0693 0.0040  0.0012  0.0098  73  PHE A CG  
562 C  CD1 . PHE A 73 ? 0.0683 0.0546 0.0667 0.0007  0.0071  0.0045  73  PHE A CD1 
563 C  CD2 . PHE A 73 ? 0.0627 0.0537 0.0673 0.0129  -0.0003 -0.0012 73  PHE A CD2 
564 C  CE1 . PHE A 73 ? 0.0700 0.0466 0.0662 0.0026  0.0001  0.0024  73  PHE A CE1 
565 C  CE2 . PHE A 73 ? 0.0557 0.0730 0.0631 0.0034  0.0001  -0.0003 73  PHE A CE2 
566 C  CZ  . PHE A 73 ? 0.0561 0.0630 0.0621 -0.0038 -0.0050 0.0038  73  PHE A CZ  
567 N  N   . ASP A 74 ? 0.1100 0.0712 0.0751 0.0123  0.0121  0.0195  74  ASP A N   
568 C  CA  . ASP A 74 ? 0.1386 0.0729 0.0894 0.0349  0.0197  0.0350  74  ASP A CA  
569 C  C   . ASP A 74 ? 0.1330 0.0697 0.0993 0.0208  0.0324  0.0308  74  ASP A C   
570 O  O   . ASP A 74 ? 0.1662 0.0676 0.1219 0.0321  0.0231  0.0385  74  ASP A O   
571 C  CB  . ASP A 74 ? 0.1606 0.1166 0.0998 0.0442  -0.0046 0.0458  74  ASP A CB  
572 C  CG  . ASP A 74 ? 0.1929 0.1186 0.1273 0.0500  -0.0378 0.0394  74  ASP A CG  
573 O  OD1 . ASP A 74 ? 0.2436 0.2896 0.4431 0.1373  -0.1789 -0.1473 74  ASP A OD1 
574 O  OD2 . ASP A 74 ? 0.1586 0.1828 0.1205 0.0376  -0.0101 -0.0077 74  ASP A OD2 
575 N  N   . GLY A 75 ? 0.1153 0.0584 0.1065 0.0130  0.0360  0.0241  75  GLY A N   
576 C  CA  . GLY A 75 ? 0.1155 0.0610 0.1321 0.0023  0.0452  0.0145  75  GLY A CA  
577 C  C   . GLY A 75 ? 0.1056 0.0695 0.1197 0.0076  0.0312  0.0165  75  GLY A C   
578 O  O   . GLY A 75 ? 0.1167 0.1324 0.1614 -0.0393 0.0371  -0.0188 75  GLY A O   
579 N  N   . ASP A 76 ? 0.0904 0.0599 0.0939 0.0086  0.0197  0.0084  76  ASP A N   
580 C  CA  . ASP A 76 ? 0.0952 0.0489 0.0954 0.0009  0.0221  0.0094  76  ASP A CA  
581 C  C   . ASP A 76 ? 0.0868 0.0527 0.0784 0.0099  0.0108  0.0087  76  ASP A C   
582 O  O   . ASP A 76 ? 0.0827 0.0526 0.0751 -0.0007 0.0077  0.0075  76  ASP A O   
583 C  CB  . ASP A 76 ? 0.1160 0.0733 0.1008 0.0295  0.0254  0.0225  76  ASP A CB  
584 C  CG  . ASP A 76 ? 0.1227 0.0597 0.1198 0.0222  0.0382  0.0278  76  ASP A CG  
585 O  OD1 . ASP A 76 ? 0.1503 0.1316 0.1483 0.0704  0.0498  0.0196  76  ASP A OD1 
586 O  OD2 . ASP A 76 ? 0.1664 0.0494 0.1081 0.0253  0.0333  0.0099  76  ASP A OD2 
587 N  N   . PRO A 77 ? 0.0888 0.0466 0.0879 -0.0031 0.0065  0.0094  77  PRO A N   
588 C  CA  . PRO A 77 ? 0.0776 0.0548 0.0894 0.0003  0.0059  0.0101  77  PRO A CA  
589 C  C   . PRO A 77 ? 0.0855 0.0482 0.0797 0.0066  0.0079  0.0056  77  PRO A C   
590 O  O   . PRO A 77 ? 0.0948 0.0623 0.0999 0.0089  0.0056  0.0168  77  PRO A O   
591 C  CB  A PRO A 77 ? 0.0761 0.1106 0.0748 0.0149  0.0170  0.0000  77  PRO A CB  
592 C  CB  B PRO A 77 ? 0.0878 0.0541 0.1276 0.0021  -0.0107 -0.0053 77  PRO A CB  
593 C  CG  A PRO A 77 ? 0.0893 0.0844 0.0915 -0.0128 -0.0073 0.0075  77  PRO A CG  
594 C  CG  B PRO A 77 ? 0.0932 0.0625 0.1066 -0.0156 -0.0026 0.0076  77  PRO A CG  
595 C  CD  A PRO A 77 ? 0.1106 0.0437 0.1640 -0.0121 -0.0288 0.0188  77  PRO A CD  
596 C  CD  B PRO A 77 ? 0.1190 0.0808 0.1032 -0.0320 -0.0069 0.0120  77  PRO A CD  
597 N  N   . ASN A 78 ? 0.0901 0.0488 0.0807 0.0040  0.0075  -0.0011 78  ASN A N   
598 C  CA  . ASN A 78 ? 0.0899 0.0607 0.0812 0.0083  0.0171  -0.0034 78  ASN A CA  
599 C  C   . ASN A 78 ? 0.0918 0.0568 0.0870 0.0284  0.0095  -0.0032 78  ASN A C   
600 O  O   . ASN A 78 ? 0.0979 0.0830 0.0947 0.0277  0.0003  -0.0071 78  ASN A O   
601 C  CB  . ASN A 78 ? 0.1097 0.0695 0.0896 0.0047  0.0185  -0.0013 78  ASN A CB  
602 C  CG  . ASN A 78 ? 0.1120 0.0696 0.1014 0.0008  0.0161  -0.0198 78  ASN A CG  
603 O  OD1 . ASN A 78 ? 0.1301 0.0972 0.1315 -0.0246 0.0008  0.0070  78  ASN A OD1 
604 N  ND2 . ASN A 78 ? 0.0957 0.0912 0.0910 -0.0023 0.0018  0.0016  78  ASN A ND2 
605 N  N   . LYS A 79 ? 0.0893 0.0445 0.0863 0.0138  0.0105  0.0116  79  LYS A N   
606 C  CA  . LYS A 79 ? 0.0808 0.0634 0.0914 0.0121  0.0111  0.0070  79  LYS A CA  
607 C  C   . LYS A 79 ? 0.0776 0.0659 0.0831 0.0175  0.0066  0.0133  79  LYS A C   
608 O  O   . LYS A 79 ? 0.0812 0.1004 0.1318 0.0296  0.0144  0.0305  79  LYS A O   
609 C  CB  . LYS A 79 ? 0.0894 0.0807 0.0827 0.0108  0.0133  0.0082  79  LYS A CB  
610 C  CG  . LYS A 79 ? 0.0967 0.1230 0.0907 0.0287  -0.0027 0.0040  79  LYS A CG  
611 C  CD  . LYS A 79 ? 0.1071 0.1827 0.1207 0.0482  -0.0141 -0.0236 79  LYS A CD  
612 C  CE  . LYS A 79 ? 0.1357 0.1911 0.1692 0.0433  -0.0409 -0.0609 79  LYS A CE  
613 N  NZ  . LYS A 79 ? 0.1990 0.3001 0.1884 0.1251  -0.0673 -0.0836 79  LYS A NZ  
614 N  N   . PHE A 80 ? 0.0720 0.0675 0.0946 0.0156  0.0088  0.0095  80  PHE A N   
615 C  CA  . PHE A 80 ? 0.0721 0.0777 0.0883 0.0086  -0.0037 0.0091  80  PHE A CA  
616 C  C   . PHE A 80 ? 0.1034 0.0764 0.1017 0.0054  0.0208  -0.0016 80  PHE A C   
617 O  O   . PHE A 80 ? 0.1349 0.1172 0.1212 -0.0337 0.0439  -0.0322 80  PHE A O   
618 C  CB  . PHE A 80 ? 0.0578 0.0639 0.0983 -0.0003 -0.0011 0.0062  80  PHE A CB  
619 C  CG  . PHE A 80 ? 0.0810 0.0740 0.1049 0.0058  -0.0066 -0.0098 80  PHE A CG  
620 C  CD1 . PHE A 80 ? 0.0757 0.0708 0.1024 0.0108  0.0014  0.0135  80  PHE A CD1 
621 C  CD2 . PHE A 80 ? 0.0888 0.1069 0.0879 -0.0025 -0.0030 -0.0107 80  PHE A CD2 
622 C  CE1 . PHE A 80 ? 0.1123 0.0830 0.0990 0.0141  0.0000  -0.0129 80  PHE A CE1 
623 C  CE2 . PHE A 80 ? 0.1137 0.1214 0.1175 0.0035  -0.0057 -0.0350 80  PHE A CE2 
624 C  CZ  . PHE A 80 ? 0.1144 0.0999 0.1013 0.0033  0.0047  -0.0181 80  PHE A CZ  
625 N  N   . GLU A 81 ? 0.1049 0.0898 0.1037 -0.0066 0.0235  -0.0210 81  GLU A N   
626 C  CA  . GLU A 81 ? 0.1252 0.1296 0.0861 0.0058  0.0305  -0.0015 81  GLU A CA  
627 C  C   . GLU A 81 ? 0.1514 0.1217 0.1103 0.0225  0.0165  -0.0519 81  GLU A C   
628 O  O   . GLU A 81 ? 0.1384 0.1056 0.1564 -0.0097 0.0626  -0.0469 81  GLU A O   
629 C  CB  . GLU A 81 ? 0.1437 0.1412 0.1144 0.0105  0.0091  -0.0343 81  GLU A CB  
630 C  CG  . GLU A 81 ? 0.1446 0.1309 0.1108 0.0190  0.0016  -0.0317 81  GLU A CG  
631 C  CD  . GLU A 81 ? 0.1165 0.1083 0.2211 -0.0046 0.0329  -0.0251 81  GLU A CD  
632 O  OE1 . GLU A 81 ? 0.1206 0.1569 0.1788 -0.0059 0.0114  0.0266  81  GLU A OE1 
633 O  OE2 . GLU A 81 ? 0.1511 0.1495 0.2325 -0.0022 -0.0079 -0.0367 81  GLU A OE2 
634 O  OXT . GLU A 81 ? 0.2641 0.2170 0.1299 0.1331  0.0114  -0.0358 81  GLU A OXT 
635 S  S   . SO4 B .  ? 0.1399 0.1362 0.2153 0.0430  -0.0567 -0.0385 83  SO4 A S   
636 O  O1  . SO4 B .  ? 0.1991 0.1264 0.5884 0.0326  0.0417  -0.1235 83  SO4 A O1  
637 O  O2  . SO4 B .  ? 0.1447 0.1519 0.2776 0.0422  -0.0785 0.0672  83  SO4 A O2  
638 O  O3  . SO4 B .  ? 0.2272 0.2573 0.2468 0.1733  -0.1009 -0.1098 83  SO4 A O3  
639 O  O4  . SO4 B .  ? 0.2084 0.3785 0.2513 0.1679  -0.1054 -0.0203 83  SO4 A O4  
640 FE FE1 . SF4 C .  ? 0.0549 0.0553 0.0493 -0.0018 -0.0013 -0.0047 82  SF4 A FE1 
641 FE FE2 . SF4 C .  ? 0.0599 0.0713 0.0474 -0.0029 -0.0054 -0.0022 82  SF4 A FE2 
642 FE FE3 . SF4 C .  ? 0.0541 0.0600 0.0478 -0.0005 -0.0035 -0.0041 82  SF4 A FE3 
643 FE FE4 . SF4 C .  ? 0.0632 0.0593 0.0503 -0.0088 -0.0044 -0.0062 82  SF4 A FE4 
644 S  S1  . SF4 C .  ? 0.0548 0.0809 0.0546 -0.0082 -0.0061 -0.0044 82  SF4 A S1  
645 S  S2  . SF4 C .  ? 0.0576 0.0593 0.0506 -0.0016 -0.0042 -0.0037 82  SF4 A S2  
646 S  S3  . SF4 C .  ? 0.0671 0.0632 0.0503 -0.0058 -0.0024 -0.0071 82  SF4 A S3  
647 S  S4  . SF4 C .  ? 0.0602 0.0584 0.0514 0.0015  -0.0002 -0.0012 82  SF4 A S4  
648 O  O   . HOH D .  ? 0.0627 0.0555 0.0547 -0.0057 0.0027  0.0078  101 HOH A O   
649 O  O   . HOH D .  ? 0.1364 0.0640 0.0625 0.0247  -0.0150 -0.0078 102 HOH A O   
650 O  O   . HOH D .  ? 0.0722 0.1027 0.0904 -0.0106 -0.0112 -0.0088 103 HOH A O   
651 O  O   . HOH D .  ? 0.0713 0.1098 0.0704 -0.0155 0.0100  -0.0124 104 HOH A O   
652 O  O   . HOH D .  ? 0.1393 0.0762 0.0907 0.0296  0.0007  -0.0126 105 HOH A O   
653 O  O   . HOH D .  ? 0.1028 0.0882 0.1227 -0.0355 0.0494  -0.0312 106 HOH A O   
654 O  O   . HOH D .  ? 0.2405 0.0577 0.0864 -0.0003 0.0140  -0.0164 107 HOH A O   
655 O  O   . HOH D .  ? 0.0932 0.0595 0.0939 0.0088  0.0013  0.0134  108 HOH A O   
656 O  O   . HOH D .  ? 0.1683 0.1535 0.1302 -0.0184 -0.0254 0.0525  109 HOH A O   
657 O  O   . HOH D .  ? 0.1029 0.1627 0.1349 -0.0120 0.0225  0.0239  110 HOH A O   
658 O  O   . HOH D .  ? 0.1345 0.1595 0.1360 0.0199  -0.0431 0.0080  111 HOH A O   
659 O  O   . HOH D .  ? 0.1265 0.0955 0.1019 0.0006  0.0127  -0.0164 112 HOH A O   
660 O  O   . HOH D .  ? 0.0995 0.1324 0.1404 -0.0154 0.0054  -0.0198 113 HOH A O   
661 O  O   . HOH D .  ? 0.1012 0.1498 0.1079 -0.0092 -0.0094 -0.0168 114 HOH A O   
662 O  O   . HOH D .  ? 0.0889 0.1115 0.1246 -0.0009 -0.0034 0.0368  115 HOH A O   
663 O  O   . HOH D .  ? 0.1713 0.1297 0.0843 0.0018  0.0293  -0.0020 116 HOH A O   
664 O  O   . HOH D .  ? 0.1339 0.1133 0.2149 0.0190  -0.0295 -0.0640 117 HOH A O   
665 O  O   . HOH D .  ? 0.1321 0.0929 0.1308 -0.0146 0.0174  0.0013  118 HOH A O   
666 O  O   . HOH D .  ? 0.1471 0.1358 0.1550 0.0238  -0.0164 0.0180  119 HOH A O   
667 O  O   . HOH D .  ? 0.0976 0.2569 0.1463 0.0222  0.0181  0.0007  120 HOH A O   
668 O  O   . HOH D .  ? 0.2384 0.1367 0.1921 0.0051  0.0629  -0.0235 121 HOH A O   
669 O  O   . HOH D .  ? 0.1212 0.1767 0.0974 -0.0419 -0.0096 0.0161  122 HOH A O   
670 O  O   . HOH D .  ? 0.3946 0.1802 0.2397 -0.1011 0.0189  -0.0566 123 HOH A O   
671 O  O   . HOH D .  ? 0.1940 0.1324 0.1099 -0.0121 -0.0007 0.0228  124 HOH A O   
672 O  O   . HOH D .  ? 0.1692 0.1323 0.1983 -0.0148 0.0592  -0.0349 125 HOH A O   
673 O  O   . HOH D .  ? 0.1119 0.1962 0.1809 0.0253  0.0109  0.0976  126 HOH A O   
674 O  O   . HOH D .  ? 0.1489 0.1435 0.1092 0.0043  0.0123  0.0184  127 HOH A O   
675 O  O   . HOH D .  ? 0.1619 0.1722 0.1347 -0.0454 0.0194  0.0151  128 HOH A O   
676 O  O   . HOH D .  ? 0.1663 0.0840 0.2900 -0.0156 -0.0546 0.0073  129 HOH A O   
677 O  O   . HOH D .  ? 0.1352 0.2565 0.1963 0.0060  0.0065  0.0663  130 HOH A O   
678 O  O   . HOH D .  ? 0.1552 0.2019 0.1306 0.0415  -0.0272 -0.0284 131 HOH A O   
679 O  O   . HOH D .  ? 0.2119 0.1879 0.1489 -0.0492 -0.0334 -0.0217 132 HOH A O   
680 O  O   . HOH D .  ? 0.2192 0.1694 0.2473 0.1039  -0.0178 0.0009  133 HOH A O   
681 O  O   . HOH D .  ? 0.4972 0.1934 0.0969 -0.0796 -0.0760 0.0161  134 HOH A O   
682 O  O   . HOH D .  ? 0.1793 0.1895 0.2644 0.0815  -0.0586 -0.0956 135 HOH A O   
683 O  O   . HOH D .  ? 0.1646 0.0980 0.1669 -0.0126 -0.0373 0.0226  136 HOH A O   
684 O  O   . HOH D .  ? 0.1504 0.2487 0.4460 0.1119  0.0222  0.0653  137 HOH A O   
685 O  O   . HOH D .  ? 0.2192 0.1732 0.2086 0.1210  -0.0099 0.0486  138 HOH A O   
686 O  O   . HOH D .  ? 0.3929 0.1153 0.1550 -0.0610 -0.0444 -0.0087 139 HOH A O   
687 O  O   . HOH D .  ? 0.1255 0.1381 0.3616 0.0226  -0.0369 0.0298  140 HOH A O   
688 O  O   . HOH D .  ? 0.1378 0.2240 0.1714 0.0000  -0.0386 -0.0193 141 HOH A O   
689 O  O   . HOH D .  ? 0.1526 0.1069 0.1903 -0.0016 0.0358  0.0044  142 HOH A O   
690 O  O   . HOH D .  ? 0.2181 0.2279 0.3405 0.1154  -0.1255 -0.1387 143 HOH A O   
691 O  O   . HOH D .  ? 0.5464 0.1289 0.1304 -0.0966 -0.0768 0.0478  144 HOH A O   
692 O  O   . HOH D .  ? 0.4444 0.3503 0.1628 0.1965  0.0980  -0.0296 145 HOH A O   
693 O  O   . HOH D .  ? 0.1292 0.3613 0.5284 0.0216  0.0622  -0.1161 146 HOH A O   
694 O  O   . HOH D .  ? 0.1224 0.2432 0.2334 0.0132  0.0029  -0.0577 147 HOH A O   
695 O  O   . HOH D .  ? 0.4200 0.3272 0.0925 0.2133  0.0223  -0.0282 148 HOH A O   
696 O  O   . HOH D .  ? 0.3374 0.2318 0.2562 -0.1009 -0.0390 0.0526  149 HOH A O   
697 O  O   . HOH D .  ? 0.2569 0.1528 0.1332 0.0182  -0.0046 0.0360  150 HOH A O   
698 O  O   . HOH D .  ? 0.2683 0.1410 0.2461 -0.0587 0.0564  0.0057  151 HOH A O   
699 O  O   . HOH D .  ? 0.1767 0.1268 0.2921 -0.0178 0.0465  -0.0737 152 HOH A O   
700 O  O   . HOH D .  ? 0.2286 0.2131 0.2951 -0.0406 0.0046  -0.0251 153 HOH A O   
701 O  O   . HOH D .  ? 0.3861 0.1915 0.2565 0.0980  -0.0181 -0.1003 154 HOH A O   
702 O  O   . HOH D .  ? 0.4034 0.4321 0.1483 -0.0970 -0.0904 0.0726  155 HOH A O   
703 O  O   . HOH D .  ? 0.4844 0.2093 0.1721 0.0326  0.0245  -0.0473 156 HOH A O   
704 O  O   . HOH D .  ? 0.4019 0.2986 0.2539 -0.0033 0.0448  -0.0203 157 HOH A O   
705 O  O   . HOH D .  ? 0.1278 0.2745 0.4732 -0.0088 -0.0269 0.1573  158 HOH A O   
706 O  O   . HOH D .  ? 0.1282 0.4027 0.3170 0.0267  0.0226  0.1984  159 HOH A O   
707 O  O   . HOH D .  ? 0.1541 0.4299 0.1875 0.0265  -0.0386 0.0966  160 HOH A O   
708 O  O   . HOH D .  ? 0.4015 0.1128 0.1970 -0.0125 -0.0085 0.0218  161 HOH A O   
709 O  O   . HOH D .  ? 0.1235 0.1739 0.5194 0.0400  0.0702  0.0647  162 HOH A O   
710 O  O   . HOH D .  ? 0.1774 0.5303 0.2076 -0.0224 0.0638  0.0224  163 HOH A O   
711 O  O   . HOH D .  ? 0.1260 0.1941 0.1227 0.0087  -0.0166 -0.0400 164 HOH A O   
712 O  O   . HOH D .  ? 0.1959 0.1828 0.1693 -0.0493 -0.0082 0.0157  165 HOH A O   
713 O  O   . HOH D .  ? 0.2203 0.2358 0.2994 -0.0367 0.0207  0.1482  166 HOH A O   
714 O  O   . HOH D .  ? 0.1918 0.2993 0.2862 0.1002  -0.0881 -0.1525 167 HOH A O   
715 O  O   . HOH D .  ? 0.1456 0.2989 0.4712 0.0688  -0.1018 -0.2857 168 HOH A O   
716 O  O   . HOH D .  ? 0.2342 0.1911 0.1670 0.0899  -0.0534 -0.0366 169 HOH A O   
717 O  O   . HOH D .  ? 0.5412 0.0749 0.1186 0.0461  -0.0545 -0.0028 170 HOH A O   
718 O  O   . HOH D .  ? 0.3655 0.1521 0.1626 -0.0884 0.0503  0.0095  171 HOH A O   
719 O  O   . HOH D .  ? 0.1862 0.1045 0.1405 0.0335  0.0022  0.0258  172 HOH A O   
720 O  O   . HOH D .  ? 0.1461 0.6666 0.4485 0.1258  -0.0652 -0.1109 173 HOH A O   
721 O  O   . HOH D .  ? 0.3807 0.4608 0.1966 0.1440  -0.0847 -0.0320 174 HOH A O   
722 O  O   . HOH D .  ? 0.2296 0.3365 0.2312 -0.1760 -0.1305 0.1779  175 HOH A O   
723 O  O   . HOH D .  ? 0.1817 0.1979 0.1659 0.0263  -0.0407 -0.0069 176 HOH A O   
724 O  O   . HOH D .  ? 0.0729 0.1243 0.0736 0.0022  0.0019  0.0023  177 HOH A O   
725 O  O   . HOH D .  ? 0.1868 0.1802 0.1868 0.0560  0.0460  -0.0295 178 HOH A O   
726 O  O   . HOH D .  ? 0.3250 0.3003 0.2895 0.1421  0.0226  -0.0148 179 HOH A O   
727 O  O   . HOH D .  ? 0.1952 0.2432 0.1686 -0.0566 0.0124  0.0168  180 HOH A O   
728 O  O   . HOH D .  ? 0.2076 0.1596 0.3186 -0.0031 0.0295  0.0598  181 HOH A O   
729 O  O   . HOH D .  ? 0.2301 0.1791 0.1454 -0.0427 -0.0072 -0.0117 182 HOH A O   
730 O  O   . HOH D .  ? 0.2128 0.2803 0.2733 -0.0381 -0.1135 -0.0030 183 HOH A O   
731 O  O   . HOH D .  ? 0.3293 0.3141 0.2417 0.1551  -0.0275 -0.0372 184 HOH A O   
732 O  O   . HOH D .  ? 0.1617 0.2046 0.2271 0.0212  -0.0444 -0.0160 185 HOH A O   
733 O  O   . HOH D .  ? 0.2000 0.4646 0.2539 0.0149  -0.0181 -0.0761 186 HOH A O   
734 O  O   . HOH D .  ? 0.1714 0.3149 0.2459 0.0276  -0.0294 -0.0043 187 HOH A O   
735 O  O   . HOH D .  ? 0.2228 0.1576 0.5543 -0.0232 0.0645  -0.0534 188 HOH A O   
736 O  O   . HOH D .  ? 0.0927 0.0893 0.0643 -0.0287 0.0241  -0.0156 189 HOH A O   
737 O  O   . HOH D .  ? 0.1880 0.1727 0.2884 -0.1171 -0.0008 -0.0294 190 HOH A O   
738 O  O   . HOH D .  ? 0.2204 0.1473 0.0380 -0.0691 0.0020  -0.0285 191 HOH A O   
739 O  O   . HOH D .  ? 0.2693 0.2963 0.5026 -0.0505 0.0552  0.0621  192 HOH A O   
740 O  O   . HOH D .  ? 0.3882 0.2005 0.2768 -0.0932 0.0408  -0.0584 193 HOH A O   
741 O  O   . HOH D .  ? 0.2728 0.3903 0.3014 0.0660  -0.0370 -0.1422 194 HOH A O   
742 O  O   . HOH D .  ? 0.3338 0.2737 0.3559 0.0275  -0.0334 -0.0882 195 HOH A O   
743 O  O   . HOH D .  ? 0.5977 0.2967 0.1853 -0.1583 -0.0596 -0.0555 196 HOH A O   
744 O  O   . HOH D .  ? 0.2260 0.1200 0.3595 0.0502  -0.0279 -0.0980 197 HOH A O   
745 O  O   . HOH D .  ? 0.3163 0.3508 0.1700 0.1058  0.0795  0.0563  198 HOH A O   
746 O  O   . HOH D .  ? 0.1946 0.5092 0.3457 0.1290  -0.0979 -0.0083 199 HOH A O   
747 O  O   . HOH D .  ? 0.2672 0.3314 0.3938 0.0144  -0.0810 0.1953  200 HOH A O   
748 O  O   . HOH D .  ? 0.2867 0.2054 0.4759 -0.0768 -0.0513 0.0225  201 HOH A O   
749 O  O   . HOH D .  ? 0.3844 0.2189 0.5123 0.0122  -0.0716 -0.2104 202 HOH A O   
750 O  O   . HOH D .  ? 0.1878 0.1117 0.2418 0.0501  -0.0884 -0.0024 203 HOH A O   
751 O  O   . HOH D .  ? 0.2640 0.1453 0.3537 0.0276  0.1518  -0.0160 204 HOH A O   
752 O  O   . HOH D .  ? 0.2505 0.1063 0.0991 0.0128  0.0452  -0.0348 205 HOH A O   
753 O  O   . HOH D .  ? 0.3675 0.2073 0.2933 -0.0182 0.1226  -0.1008 206 HOH A O   
754 O  O   . HOH D .  ? 0.1884 0.1738 0.3877 -0.0223 -0.0659 0.1026  207 HOH A O   
755 O  O   . HOH D .  ? 0.2457 0.3504 0.3993 0.0217  0.0813  -0.0270 208 HOH A O   
756 O  O   . HOH D .  ? 0.3677 0.3375 0.5251 0.1054  -0.2590 0.0375  209 HOH A O   
757 O  O   . HOH D .  ? 0.2185 0.5225 0.3110 0.0473  0.0586  0.1572  210 HOH A O   
758 O  O   . HOH D .  ? 0.3423 0.4147 0.1445 -0.2194 -0.0490 0.0410  211 HOH A O   
759 O  O   . HOH D .  ? 0.2662 0.3785 0.2383 -0.1396 -0.1806 0.1109  212 HOH A O   
760 O  O   . HOH D .  ? 0.3811 0.4278 0.3342 0.2510  -0.0999 -0.0919 213 HOH A O   
761 O  O   . HOH D .  ? 0.6039 0.2722 0.3822 0.1063  0.1696  0.0984  214 HOH A O   
762 O  O   . HOH D .  ? 0.1805 0.5495 0.2189 -0.0718 0.0288  0.1606  215 HOH A O   
764 O  O   . HOH D .  ? 0.2840 0.2571 0.6674 -0.0480 -0.1173 0.0658  217 HOH A O   
765 O  O   . HOH D .  ? 0.1289 0.5717 0.3060 -0.2138 -0.1004 0.2995  218 HOH A O   
766 O  O   . HOH D .  ? 0.5205 0.2519 0.2412 -0.0604 -0.0804 -0.0916 219 HOH A O   
767 O  O   . HOH D .  ? 0.1517 0.2827 0.4336 0.0530  -0.0401 -0.1476 220 HOH A O   
768 O  O   . HOH D .  ? 0.1408 0.3406 0.3291 0.0556  0.0744  0.0319  221 HOH A O   
769 O  O   . HOH D .  ? 0.9488 0.1981 0.7342 0.1714  0.5519  0.1827  222 HOH A O   
770 O  O   . HOH D .  ? 0.5073 0.1497 0.1029 -0.1672 -0.0075 0.0378  223 HOH A O   
771 O  O   . HOH D .  ? 0.2436 0.2938 0.2883 0.0855  -0.0479 0.0513  224 HOH A O   
772 O  O   . HOH D .  ? 0.1745 0.2618 0.5834 0.0111  0.0742  -0.1896 225 HOH A O   
773 O  O   . HOH D .  ? 0.2934 0.3138 0.4846 0.0153  -0.1191 -0.0834 226 HOH A O   
774 O  O   . HOH D .  ? 0.3136 0.3305 0.2188 -0.0150 -0.1508 0.0975  227 HOH A O   
775 O  O   . HOH D .  ? 0.2729 0.2152 0.4047 0.1253  -0.0762 0.0804  228 HOH A O   
776 O  O   . HOH D .  ? 0.5990 0.1788 0.3897 -0.1281 0.0861  0.0169  229 HOH A O   
777 O  O   . HOH D .  ? 0.1895 0.2432 0.4976 0.0255  0.0580  -0.0317 230 HOH A O   
778 O  O   . HOH D .  ? 0.3983 0.1883 0.2729 -0.1483 -0.0763 0.0435  231 HOH A O   
779 O  O   . HOH D .  ? 0.4138 0.6288 0.4497 0.3558  -0.2047 -0.3237 232 HOH A O   
780 O  O   . HOH D .  ? 0.2725 0.4376 0.4623 -0.2438 -0.0851 0.2679  233 HOH A O   
781 O  O   . HOH D .  ? 0.1565 0.4682 0.1430 0.0093  0.0166  -0.0580 234 HOH A O   
782 O  O   . HOH D .  ? 0.2011 0.4232 0.5095 0.0037  -0.0117 -0.2546 235 HOH A O   
783 O  O   . HOH D .  ? 0.2378 0.2841 0.4770 -0.0982 0.1130  -0.2125 236 HOH A O   
784 O  O   . HOH D .  ? 0.2300 0.0893 0.5558 0.0286  -0.0609 0.0602  237 HOH A O   
785 O  O   . HOH D .  ? 0.1459 0.7311 0.2136 -0.1498 -0.0138 -0.1702 238 HOH A O   
786 O  O   . HOH D .  ? 0.5140 0.1339 0.3033 0.0728  -0.0656 0.0404  239 HOH A O   
787 O  O   . HOH D .  ? 0.2800 0.3892 0.2800 0.0257  0.0762  0.2342  240 HOH A O   
788 O  O   . HOH D .  ? 0.2472 0.1808 0.4840 -0.0708 0.1732  -0.1704 241 HOH A O   
789 O  O   . HOH D .  ? 0.1616 0.1204 0.2201 0.0334  -0.0443 -0.0332 242 HOH A O   
790 O  O   . HOH D .  ? 0.1937 0.2864 0.4408 0.0062  0.0735  0.2365  243 HOH A O   
791 O  O   . HOH D .  ? 0.1306 0.1438 0.1250 0.0053  -0.0122 -0.0126 244 HOH A O   
792 O  O   . HOH D .  ? 0.2684 0.3088 0.3204 0.1623  0.0036  0.1034  245 HOH A O   
793 O  O   . HOH D .  ? 0.3413 0.2261 0.2009 -0.1014 0.0641  0.0030  246 HOH A O   
794 O  O   . HOH D .  ? 0.2788 0.1961 0.4120 0.0761  -0.0248 -0.1420 247 HOH A O   
795 O  O   . HOH D .  ? 0.4331 0.2131 0.1296 0.0648  -0.0232 0.0244  248 HOH A O   
796 O  O   . HOH D .  ? 0.3462 0.4351 0.2022 0.0334  -0.0265 0.1704  249 HOH A O   
797 O  O   . HOH D .  ? 0.3211 0.0928 0.3176 -0.0670 0.0431  0.0115  250 HOH A O   
798 O  O   . HOH D .  ? 0.2252 0.4770 0.2998 0.1230  0.0865  -0.0248 251 HOH A O   
799 O  O   . HOH D .  ? 0.1117 0.2304 0.4591 0.0216  0.0506  0.0988  252 HOH A O   
800 O  O   . HOH D .  ? 0.2834 0.2663 0.3214 0.0737  0.0553  0.0953  253 HOH A O   
801 O  O   . HOH D .  ? 0.1879 0.4515 0.2466 -0.0178 -0.1047 0.2005  254 HOH A O   
802 O  O   . HOH D .  ? 0.2837 0.1380 0.4400 -0.0561 0.0779  0.1030  255 HOH A O   
803 O  O   . HOH D .  ? 0.2214 0.4852 0.4539 -0.2114 -0.0481 -0.0092 256 HOH A O   
804 O  O   . HOH D .  ? 0.1516 0.2331 0.4032 -0.0337 0.0515  0.0045  257 HOH A O   
805 O  O   . HOH D .  ? 0.7471 0.2118 0.2864 -0.0500 0.1920  -0.1296 258 HOH A O   
806 O  O   . HOH D .  ? 1.0515 0.0733 0.3557 0.1256  0.3114  0.0520  259 HOH A O   
807 O  O   . HOH D .  ? 0.4385 0.3769 0.1579 -0.1491 0.0061  0.0210  260 HOH A O   
808 O  O   . HOH D .  ? 0.4874 0.3852 0.2632 -0.0349 -0.1376 0.0915  261 HOH A O   
809 O  O   . HOH D .  ? 0.5206 0.1327 0.2489 -0.0080 -0.1430 -0.0156 262 HOH A O   
810 O  O   . HOH D .  ? 0.2075 0.8694 0.4638 -0.0172 -0.0881 0.2077  263 HOH A O   
811 O  O   . HOH D .  ? 0.2663 0.2874 0.7320 0.0664  -0.1292 -0.2479 264 HOH A O   
812 O  O   . HOH D .  ? 0.6567 0.4578 0.4761 0.2791  -0.0850 0.1434  265 HOH A O   
813 O  O   . HOH D .  ? 0.6171 0.7511 0.4634 -0.5298 0.1272  0.0174  266 HOH A O   
# 
loop_
_pdbx_poly_seq_scheme.asym_id 
_pdbx_poly_seq_scheme.entity_id 
_pdbx_poly_seq_scheme.seq_id 
_pdbx_poly_seq_scheme.mon_id 
_pdbx_poly_seq_scheme.ndb_seq_num 
_pdbx_poly_seq_scheme.pdb_seq_num 
_pdbx_poly_seq_scheme.auth_seq_num 
_pdbx_poly_seq_scheme.pdb_mon_id 
_pdbx_poly_seq_scheme.auth_mon_id 
_pdbx_poly_seq_scheme.pdb_strand_id 
_pdbx_poly_seq_scheme.pdb_ins_code 
_pdbx_poly_seq_scheme.hetero 
A 1 1  PRO 1  1  1  PRO PRO A . n 
A 1 2  LYS 2  2  2  LYS LYS A . n 
A 1 3  TYR 3  3  3  TYR TYR A . n 
A 1 4  THR 4  4  4  THR THR A . n 
A 1 5  ILE 5  5  5  ILE ILE A . n 
A 1 6  VAL 6  6  6  VAL VAL A . n 
A 1 7  ASP 7  7  7  ASP ASP A . n 
A 1 8  LYS 8  8  8  LYS LYS A . n 
A 1 9  GLU 9  9  9  GLU GLU A . n 
A 1 10 THR 10 10 10 THR THR A . n 
A 1 11 CYS 11 11 11 CYS CYS A . n 
A 1 12 ILE 12 12 12 ILE ILE A . n 
A 1 13 ALA 13 13 13 ALA ALA A . n 
A 1 14 CYS 14 14 14 CYS CYS A . n 
A 1 15 GLY 15 15 15 GLY GLY A . n 
A 1 16 ALA 16 16 16 ALA ALA A . n 
A 1 17 CYS 17 17 17 CYS CYS A . n 
A 1 18 GLY 18 18 18 GLY GLY A . n 
A 1 19 ALA 19 19 19 ALA ALA A . n 
A 1 20 ALA 20 20 20 ALA ALA A . n 
A 1 21 ALA 21 21 21 ALA ALA A . n 
A 1 22 PRO 22 22 22 PRO PRO A . n 
A 1 23 ASP 23 23 23 ASP ASP A . n 
A 1 24 ILE 24 24 24 ILE ILE A . n 
A 1 25 TYR 25 25 25 TYR TYR A . n 
A 1 26 ASP 26 26 26 ASP ASP A . n 
A 1 27 TYR 27 27 27 TYR TYR A . n 
A 1 28 ASP 28 28 28 ASP ASP A . n 
A 1 29 GLU 29 29 29 GLU GLU A . n 
A 1 30 ASP 30 30 30 ASP ASP A . n 
A 1 31 GLY 31 31 31 GLY GLY A . n 
A 1 32 ILE 32 32 32 ILE ILE A . n 
A 1 33 ALA 33 33 33 ALA ALA A . n 
A 1 34 TYR 34 34 34 TYR TYR A . n 
A 1 35 VAL 35 35 35 VAL VAL A . n 
A 1 36 THR 36 36 36 THR THR A . n 
A 1 37 LEU 37 37 37 LEU LEU A . n 
A 1 38 ASP 38 38 38 ASP ASP A . n 
A 1 39 ASP 39 39 39 ASP ASP A . n 
A 1 40 ASN 40 40 40 ASN ASN A . n 
A 1 41 GLN 41 41 41 GLN GLN A . n 
A 1 42 GLY 42 42 42 GLY GLY A . n 
A 1 43 ILE 43 43 43 ILE ILE A . n 
A 1 44 VAL 44 44 44 VAL VAL A . n 
A 1 45 GLU 45 45 45 GLU GLU A . n 
A 1 46 VAL 46 46 46 VAL VAL A . n 
A 1 47 PRO 47 47 47 PRO PRO A . n 
A 1 48 ASP 48 48 48 ASP ASP A . n 
A 1 49 ILE 49 49 49 ILE ILE A . n 
A 1 50 LEU 50 50 50 LEU LEU A . n 
A 1 51 ILE 51 51 51 ILE ILE A . n 
A 1 52 ASP 52 52 52 ASP ASP A . n 
A 1 53 ASP 53 53 53 ASP ASP A . n 
A 1 54 MET 54 54 54 MET MET A . n 
A 1 55 MET 55 55 55 MET MET A . n 
A 1 56 ASP 56 56 56 ASP ASP A . n 
A 1 57 ALA 57 57 57 ALA ALA A . n 
A 1 58 PHE 58 58 58 PHE PHE A . n 
A 1 59 GLU 59 59 59 GLU GLU A . n 
A 1 60 GLY 60 60 60 GLY GLY A . n 
A 1 61 CYS 61 61 61 CYS CYS A . n 
A 1 62 PRO 62 62 62 PRO PRO A . n 
A 1 63 THR 63 63 63 THR THR A . n 
A 1 64 ASP 64 64 64 ASP ASP A . n 
A 1 65 SER 65 65 65 SER SER A . n 
A 1 66 ILE 66 66 66 ILE ILE A . n 
A 1 67 LYS 67 67 67 LYS LYS A . n 
A 1 68 VAL 68 68 68 VAL VAL A . n 
A 1 69 ALA 69 69 69 ALA ALA A . n 
A 1 70 ASP 70 70 70 ASP ASP A . n 
A 1 71 GLU 71 71 71 GLU GLU A . n 
A 1 72 PRO 72 72 72 PRO PRO A . n 
A 1 73 PHE 73 73 73 PHE PHE A . n 
A 1 74 ASP 74 74 74 ASP ASP A . n 
A 1 75 GLY 75 75 75 GLY GLY A . n 
A 1 76 ASP 76 76 76 ASP ASP A . n 
A 1 77 PRO 77 77 77 PRO PRO A . n 
A 1 78 ASN 78 78 78 ASN ASN A . n 
A 1 79 LYS 79 79 79 LYS LYS A . n 
A 1 80 PHE 80 80 80 PHE PHE A . n 
A 1 81 GLU 81 81 81 GLU GLU A . n 
# 
loop_
_pdbx_nonpoly_scheme.asym_id 
_pdbx_nonpoly_scheme.entity_id 
_pdbx_nonpoly_scheme.mon_id 
_pdbx_nonpoly_scheme.ndb_seq_num 
_pdbx_nonpoly_scheme.pdb_seq_num 
_pdbx_nonpoly_scheme.auth_seq_num 
_pdbx_nonpoly_scheme.pdb_mon_id 
_pdbx_nonpoly_scheme.auth_mon_id 
_pdbx_nonpoly_scheme.pdb_strand_id 
_pdbx_nonpoly_scheme.pdb_ins_code 
B 2 SO4 1   83  83  SO4 SUL A . 
C 3 SF4 1   82  82  SF4 FS4 A . 
D 4 HOH 1   101 101 HOH HOH A . 
D 4 HOH 2   102 102 HOH HOH A . 
D 4 HOH 3   103 103 HOH HOH A . 
D 4 HOH 4   104 104 HOH HOH A . 
D 4 HOH 5   105 105 HOH HOH A . 
D 4 HOH 6   106 106 HOH HOH A . 
D 4 HOH 7   107 107 HOH HOH A . 
D 4 HOH 8   108 108 HOH HOH A . 
D 4 HOH 9   109 109 HOH HOH A . 
D 4 HOH 10  110 110 HOH HOH A . 
D 4 HOH 11  111 111 HOH HOH A . 
D 4 HOH 12  112 112 HOH HOH A . 
D 4 HOH 13  113 113 HOH HOH A . 
D 4 HOH 14  114 114 HOH HOH A . 
D 4 HOH 15  115 115 HOH HOH A . 
D 4 HOH 16  116 116 HOH HOH A . 
D 4 HOH 17  117 117 HOH HOH A . 
D 4 HOH 18  118 118 HOH HOH A . 
D 4 HOH 19  119 119 HOH HOH A . 
D 4 HOH 20  120 120 HOH HOH A . 
D 4 HOH 21  121 121 HOH HOH A . 
D 4 HOH 22  122 122 HOH HOH A . 
D 4 HOH 23  123 123 HOH HOH A . 
D 4 HOH 24  124 124 HOH HOH A . 
D 4 HOH 25  125 125 HOH HOH A . 
D 4 HOH 26  126 126 HOH HOH A . 
D 4 HOH 27  127 127 HOH HOH A . 
D 4 HOH 28  128 128 HOH HOH A . 
D 4 HOH 29  129 129 HOH HOH A . 
D 4 HOH 30  130 130 HOH HOH A . 
D 4 HOH 31  131 131 HOH HOH A . 
D 4 HOH 32  132 132 HOH HOH A . 
D 4 HOH 33  133 133 HOH HOH A . 
D 4 HOH 34  134 134 HOH HOH A . 
D 4 HOH 35  135 135 HOH HOH A . 
D 4 HOH 36  136 136 HOH HOH A . 
D 4 HOH 37  137 137 HOH HOH A . 
D 4 HOH 38  138 138 HOH HOH A . 
D 4 HOH 39  139 139 HOH HOH A . 
D 4 HOH 40  140 140 HOH HOH A . 
D 4 HOH 41  141 141 HOH HOH A . 
D 4 HOH 42  142 142 HOH HOH A . 
D 4 HOH 43  143 143 HOH HOH A . 
D 4 HOH 44  144 144 HOH HOH A . 
D 4 HOH 45  145 145 HOH HOH A . 
D 4 HOH 46  146 146 HOH HOH A . 
D 4 HOH 47  147 147 HOH HOH A . 
D 4 HOH 48  148 148 HOH HOH A . 
D 4 HOH 49  149 149 HOH HOH A . 
D 4 HOH 50  150 150 HOH HOH A . 
D 4 HOH 51  151 151 HOH HOH A . 
D 4 HOH 52  152 152 HOH HOH A . 
D 4 HOH 53  153 153 HOH HOH A . 
D 4 HOH 54  154 154 HOH HOH A . 
D 4 HOH 55  155 155 HOH HOH A . 
D 4 HOH 56  156 156 HOH HOH A . 
D 4 HOH 57  157 157 HOH HOH A . 
D 4 HOH 58  158 158 HOH HOH A . 
D 4 HOH 59  159 159 HOH HOH A . 
D 4 HOH 60  160 160 HOH HOH A . 
D 4 HOH 61  161 161 HOH HOH A . 
D 4 HOH 62  162 162 HOH HOH A . 
D 4 HOH 63  163 163 HOH HOH A . 
D 4 HOH 64  164 164 HOH HOH A . 
D 4 HOH 65  165 165 HOH HOH A . 
D 4 HOH 66  166 166 HOH HOH A . 
D 4 HOH 67  167 167 HOH HOH A . 
D 4 HOH 68  168 168 HOH HOH A . 
D 4 HOH 69  169 169 HOH HOH A . 
D 4 HOH 70  170 170 HOH HOH A . 
D 4 HOH 71  171 171 HOH HOH A . 
D 4 HOH 72  172 172 HOH HOH A . 
D 4 HOH 73  173 173 HOH HOH A . 
D 4 HOH 74  174 174 HOH HOH A . 
D 4 HOH 75  175 175 HOH HOH A . 
D 4 HOH 76  176 176 HOH HOH A . 
D 4 HOH 77  177 177 HOH HOH A . 
D 4 HOH 78  178 178 HOH HOH A . 
D 4 HOH 79  179 179 HOH HOH A . 
D 4 HOH 80  180 180 HOH HOH A . 
D 4 HOH 81  181 181 HOH HOH A . 
D 4 HOH 82  182 182 HOH HOH A . 
D 4 HOH 83  183 183 HOH HOH A . 
D 4 HOH 84  184 184 HOH HOH A . 
D 4 HOH 85  185 185 HOH HOH A . 
D 4 HOH 86  186 186 HOH HOH A . 
D 4 HOH 87  187 187 HOH HOH A . 
D 4 HOH 88  188 188 HOH HOH A . 
D 4 HOH 89  189 189 HOH HOH A . 
D 4 HOH 90  190 190 HOH HOH A . 
D 4 HOH 91  191 191 HOH HOH A . 
D 4 HOH 92  192 192 HOH HOH A . 
D 4 HOH 93  193 193 HOH HOH A . 
D 4 HOH 94  194 194 HOH HOH A . 
D 4 HOH 95  195 195 HOH HOH A . 
D 4 HOH 96  196 196 HOH HOH A . 
D 4 HOH 97  197 197 HOH HOH A . 
D 4 HOH 98  198 198 HOH HOH A . 
D 4 HOH 99  199 199 HOH HOH A . 
D 4 HOH 100 200 200 HOH HOH A . 
D 4 HOH 101 201 201 HOH HOH A . 
D 4 HOH 102 202 202 HOH HOH A . 
D 4 HOH 103 203 203 HOH HOH A . 
D 4 HOH 104 204 204 HOH HOH A . 
D 4 HOH 105 205 205 HOH HOH A . 
D 4 HOH 106 206 206 HOH HOH A . 
D 4 HOH 107 207 207 HOH HOH A . 
D 4 HOH 108 208 208 HOH HOH A . 
D 4 HOH 109 209 209 HOH HOH A . 
D 4 HOH 110 210 210 HOH HOH A . 
D 4 HOH 111 211 211 HOH HOH A . 
D 4 HOH 112 212 212 HOH HOH A . 
D 4 HOH 113 213 213 HOH HOH A . 
D 4 HOH 114 214 214 HOH HOH A . 
D 4 HOH 115 215 215 HOH HOH A . 
D 4 HOH 116 216 216 HOH HOH A . 
D 4 HOH 117 217 217 HOH HOH A . 
D 4 HOH 118 218 218 HOH HOH A . 
D 4 HOH 119 219 219 HOH HOH A . 
D 4 HOH 120 220 220 HOH HOH A . 
D 4 HOH 121 221 221 HOH HOH A . 
D 4 HOH 122 222 222 HOH HOH A . 
D 4 HOH 123 223 223 HOH HOH A . 
D 4 HOH 124 224 224 HOH HOH A . 
D 4 HOH 125 225 225 HOH HOH A . 
D 4 HOH 126 226 226 HOH HOH A . 
D 4 HOH 127 227 227 HOH HOH A . 
D 4 HOH 128 228 228 HOH HOH A . 
D 4 HOH 129 229 229 HOH HOH A . 
D 4 HOH 130 230 230 HOH HOH A . 
D 4 HOH 131 231 231 HOH HOH A . 
D 4 HOH 132 232 232 HOH HOH A . 
D 4 HOH 133 233 233 HOH HOH A . 
D 4 HOH 134 234 234 HOH HOH A . 
D 4 HOH 135 235 235 HOH HOH A . 
D 4 HOH 136 236 236 HOH HOH A . 
D 4 HOH 137 237 237 HOH HOH A . 
D 4 HOH 138 238 238 HOH HOH A . 
D 4 HOH 139 239 239 HOH HOH A . 
D 4 HOH 140 240 240 HOH HOH A . 
D 4 HOH 141 241 241 HOH HOH A . 
D 4 HOH 142 242 242 HOH HOH A . 
D 4 HOH 143 243 243 HOH HOH A . 
D 4 HOH 144 244 244 HOH HOH A . 
D 4 HOH 145 245 245 HOH HOH A . 
D 4 HOH 146 246 246 HOH HOH A . 
D 4 HOH 147 247 247 HOH HOH A . 
D 4 HOH 148 248 248 HOH HOH A . 
D 4 HOH 149 249 249 HOH HOH A . 
D 4 HOH 150 250 250 HOH HOH A . 
D 4 HOH 151 251 251 HOH HOH A . 
D 4 HOH 152 252 252 HOH HOH A . 
D 4 HOH 153 253 253 HOH HOH A . 
D 4 HOH 154 254 254 HOH HOH A . 
D 4 HOH 155 255 255 HOH HOH A . 
D 4 HOH 156 256 256 HOH HOH A . 
D 4 HOH 157 257 257 HOH HOH A . 
D 4 HOH 158 258 258 HOH HOH A . 
D 4 HOH 159 259 259 HOH HOH A . 
D 4 HOH 160 260 260 HOH HOH A . 
D 4 HOH 161 261 261 HOH HOH A . 
D 4 HOH 162 262 262 HOH HOH A . 
D 4 HOH 163 263 263 HOH HOH A . 
D 4 HOH 164 264 264 HOH HOH A . 
D 4 HOH 165 265 265 HOH HOH A . 
D 4 HOH 166 266 266 HOH HOH A . 
# 
_pdbx_struct_assembly.id                   1 
_pdbx_struct_assembly.details              author_defined_assembly 
_pdbx_struct_assembly.method_details       ? 
_pdbx_struct_assembly.oligomeric_details   monomeric 
_pdbx_struct_assembly.oligomeric_count     1 
# 
_pdbx_struct_assembly_gen.assembly_id       1 
_pdbx_struct_assembly_gen.oper_expression   1 
_pdbx_struct_assembly_gen.asym_id_list      A,B,C,D 
# 
_pdbx_struct_oper_list.id                   1 
_pdbx_struct_oper_list.type                 'identity operation' 
_pdbx_struct_oper_list.name                 1_555 
_pdbx_struct_oper_list.symmetry_operation   x,y,z 
_pdbx_struct_oper_list.matrix[1][1]         1.0000000000 
_pdbx_struct_oper_list.matrix[1][2]         0.0000000000 
_pdbx_struct_oper_list.matrix[1][3]         0.0000000000 
_pdbx_struct_oper_list.vector[1]            0.0000000000 
_pdbx_struct_oper_list.matrix[2][1]         0.0000000000 
_pdbx_struct_oper_list.matrix[2][2]         1.0000000000 
_pdbx_struct_oper_list.matrix[2][3]         0.0000000000 
_pdbx_struct_oper_list.vector[2]            0.0000000000 
_pdbx_struct_oper_list.matrix[3][1]         0.0000000000 
_pdbx_struct_oper_list.matrix[3][2]         0.0000000000 
_pdbx_struct_oper_list.matrix[3][3]         1.0000000000 
_pdbx_struct_oper_list.vector[3]            0.0000000000 
# 
_pdbx_struct_special_symmetry.id              1 
_pdbx_struct_special_symmetry.PDB_model_num   1 
_pdbx_struct_special_symmetry.auth_asym_id    A 
_pdbx_struct_special_symmetry.auth_comp_id    HOH 
_pdbx_struct_special_symmetry.auth_seq_id     175 
_pdbx_struct_special_symmetry.PDB_ins_code    ? 
_pdbx_struct_special_symmetry.label_asym_id   D 
_pdbx_struct_special_symmetry.label_comp_id   HOH 
_pdbx_struct_special_symmetry.label_seq_id    . 
# 
loop_
_pdbx_struct_conn_angle.id 
_pdbx_struct_conn_angle.ptnr1_label_atom_id 
_pdbx_struct_conn_angle.ptnr1_label_alt_id 
_pdbx_struct_conn_angle.ptnr1_label_asym_id 
_pdbx_struct_conn_angle.ptnr1_label_comp_id 
_pdbx_struct_conn_angle.ptnr1_label_seq_id 
_pdbx_struct_conn_angle.ptnr1_auth_atom_id 
_pdbx_struct_conn_angle.ptnr1_auth_asym_id 
_pdbx_struct_conn_angle.ptnr1_auth_comp_id 
_pdbx_struct_conn_angle.ptnr1_auth_seq_id 
_pdbx_struct_conn_angle.ptnr1_PDB_ins_code 
_pdbx_struct_conn_angle.ptnr1_symmetry 
_pdbx_struct_conn_angle.ptnr2_label_atom_id 
_pdbx_struct_conn_angle.ptnr2_label_alt_id 
_pdbx_struct_conn_angle.ptnr2_label_asym_id 
_pdbx_struct_conn_angle.ptnr2_label_comp_id 
_pdbx_struct_conn_angle.ptnr2_label_seq_id 
_pdbx_struct_conn_angle.ptnr2_auth_atom_id 
_pdbx_struct_conn_angle.ptnr2_auth_asym_id 
_pdbx_struct_conn_angle.ptnr2_auth_comp_id 
_pdbx_struct_conn_angle.ptnr2_auth_seq_id 
_pdbx_struct_conn_angle.ptnr2_PDB_ins_code 
_pdbx_struct_conn_angle.ptnr2_symmetry 
_pdbx_struct_conn_angle.ptnr3_label_atom_id 
_pdbx_struct_conn_angle.ptnr3_label_alt_id 
_pdbx_struct_conn_angle.ptnr3_label_asym_id 
_pdbx_struct_conn_angle.ptnr3_label_comp_id 
_pdbx_struct_conn_angle.ptnr3_label_seq_id 
_pdbx_struct_conn_angle.ptnr3_auth_atom_id 
_pdbx_struct_conn_angle.ptnr3_auth_asym_id 
_pdbx_struct_conn_angle.ptnr3_auth_comp_id 
_pdbx_struct_conn_angle.ptnr3_auth_seq_id 
_pdbx_struct_conn_angle.ptnr3_PDB_ins_code 
_pdbx_struct_conn_angle.ptnr3_symmetry 
_pdbx_struct_conn_angle.value 
_pdbx_struct_conn_angle.value_esd 
1  SG ? A CYS 11 ? A CYS 11 ? 1_555 FE4 ? C SF4 . ? A SF4 82 ? 1_555 S1 ? C SF4 . ? A SF4 82 ? 1_555 105.1 ? 
2  SG ? A CYS 11 ? A CYS 11 ? 1_555 FE4 ? C SF4 . ? A SF4 82 ? 1_555 S2 ? C SF4 . ? A SF4 82 ? 1_555 116.2 ? 
3  S1 ? C SF4 .  ? A SF4 82 ? 1_555 FE4 ? C SF4 . ? A SF4 82 ? 1_555 S2 ? C SF4 . ? A SF4 82 ? 1_555 106.4 ? 
4  SG ? A CYS 11 ? A CYS 11 ? 1_555 FE4 ? C SF4 . ? A SF4 82 ? 1_555 S3 ? C SF4 . ? A SF4 82 ? 1_555 119.1 ? 
5  S1 ? C SF4 .  ? A SF4 82 ? 1_555 FE4 ? C SF4 . ? A SF4 82 ? 1_555 S3 ? C SF4 . ? A SF4 82 ? 1_555 104.1 ? 
6  S2 ? C SF4 .  ? A SF4 82 ? 1_555 FE4 ? C SF4 . ? A SF4 82 ? 1_555 S3 ? C SF4 . ? A SF4 82 ? 1_555 104.7 ? 
7  SG ? A CYS 14 ? A CYS 14 ? 1_555 FE2 ? C SF4 . ? A SF4 82 ? 1_555 S1 ? C SF4 . ? A SF4 82 ? 1_555 119.6 ? 
8  SG ? A CYS 14 ? A CYS 14 ? 1_555 FE2 ? C SF4 . ? A SF4 82 ? 1_555 S3 ? C SF4 . ? A SF4 82 ? 1_555 120.7 ? 
9  S1 ? C SF4 .  ? A SF4 82 ? 1_555 FE2 ? C SF4 . ? A SF4 82 ? 1_555 S3 ? C SF4 . ? A SF4 82 ? 1_555 103.7 ? 
10 SG ? A CYS 14 ? A CYS 14 ? 1_555 FE2 ? C SF4 . ? A SF4 82 ? 1_555 S4 ? C SF4 . ? A SF4 82 ? 1_555 101.2 ? 
11 S1 ? C SF4 .  ? A SF4 82 ? 1_555 FE2 ? C SF4 . ? A SF4 82 ? 1_555 S4 ? C SF4 . ? A SF4 82 ? 1_555 104.0 ? 
12 S3 ? C SF4 .  ? A SF4 82 ? 1_555 FE2 ? C SF4 . ? A SF4 82 ? 1_555 S4 ? C SF4 . ? A SF4 82 ? 1_555 105.6 ? 
13 SG ? A CYS 17 ? A CYS 17 ? 1_555 FE3 ? C SF4 . ? A SF4 82 ? 1_555 S1 ? C SF4 . ? A SF4 82 ? 1_555 110.8 ? 
14 SG ? A CYS 17 ? A CYS 17 ? 1_555 FE3 ? C SF4 . ? A SF4 82 ? 1_555 S2 ? C SF4 . ? A SF4 82 ? 1_555 118.8 ? 
15 S1 ? C SF4 .  ? A SF4 82 ? 1_555 FE3 ? C SF4 . ? A SF4 82 ? 1_555 S2 ? C SF4 . ? A SF4 82 ? 1_555 104.8 ? 
16 SG ? A CYS 17 ? A CYS 17 ? 1_555 FE3 ? C SF4 . ? A SF4 82 ? 1_555 S4 ? C SF4 . ? A SF4 82 ? 1_555 112.6 ? 
17 S1 ? C SF4 .  ? A SF4 82 ? 1_555 FE3 ? C SF4 . ? A SF4 82 ? 1_555 S4 ? C SF4 . ? A SF4 82 ? 1_555 104.5 ? 
18 S2 ? C SF4 .  ? A SF4 82 ? 1_555 FE3 ? C SF4 . ? A SF4 82 ? 1_555 S4 ? C SF4 . ? A SF4 82 ? 1_555 104.0 ? 
19 SG ? A CYS 61 ? A CYS 61 ? 1_555 FE1 ? C SF4 . ? A SF4 82 ? 1_555 S2 ? C SF4 . ? A SF4 82 ? 1_555 120.2 ? 
20 SG ? A CYS 61 ? A CYS 61 ? 1_555 FE1 ? C SF4 . ? A SF4 82 ? 1_555 S3 ? C SF4 . ? A SF4 82 ? 1_555 109.1 ? 
21 S2 ? C SF4 .  ? A SF4 82 ? 1_555 FE1 ? C SF4 . ? A SF4 82 ? 1_555 S3 ? C SF4 . ? A SF4 82 ? 1_555 104.0 ? 
22 SG ? A CYS 61 ? A CYS 61 ? 1_555 FE1 ? C SF4 . ? A SF4 82 ? 1_555 S4 ? C SF4 . ? A SF4 82 ? 1_555 112.1 ? 
23 S2 ? C SF4 .  ? A SF4 82 ? 1_555 FE1 ? C SF4 . ? A SF4 82 ? 1_555 S4 ? C SF4 . ? A SF4 82 ? 1_555 104.4 ? 
24 S3 ? C SF4 .  ? A SF4 82 ? 1_555 FE1 ? C SF4 . ? A SF4 82 ? 1_555 S4 ? C SF4 . ? A SF4 82 ? 1_555 106.1 ? 
# 
loop_
_pdbx_audit_revision_history.ordinal 
_pdbx_audit_revision_history.data_content_type 
_pdbx_audit_revision_history.major_revision 
_pdbx_audit_revision_history.minor_revision 
_pdbx_audit_revision_history.revision_date 
1 'Structure model' 1 0 2002-02-13 
2 'Structure model' 1 1 2008-04-27 
3 'Structure model' 1 2 2011-07-13 
4 'Structure model' 1 3 2023-10-25 
# 
_pdbx_audit_revision_details.ordinal             1 
_pdbx_audit_revision_details.revision_ordinal    1 
_pdbx_audit_revision_details.data_content_type   'Structure model' 
_pdbx_audit_revision_details.provider            repository 
_pdbx_audit_revision_details.type                'Initial release' 
_pdbx_audit_revision_details.description         ? 
_pdbx_audit_revision_details.details             ? 
# 
loop_
_pdbx_audit_revision_group.ordinal 
_pdbx_audit_revision_group.revision_ordinal 
_pdbx_audit_revision_group.data_content_type 
_pdbx_audit_revision_group.group 
1 2 'Structure model' 'Version format compliance' 
2 3 'Structure model' 'Version format compliance' 
3 4 'Structure model' 'Data collection'           
4 4 'Structure model' 'Database references'       
5 4 'Structure model' 'Derived calculations'      
6 4 'Structure model' 'Refinement description'    
# 
loop_
_pdbx_audit_revision_category.ordinal 
_pdbx_audit_revision_category.revision_ordinal 
_pdbx_audit_revision_category.data_content_type 
_pdbx_audit_revision_category.category 
1 4 'Structure model' chem_comp_atom                
2 4 'Structure model' chem_comp_bond                
3 4 'Structure model' database_2                    
4 4 'Structure model' pdbx_initial_refinement_model 
5 4 'Structure model' pdbx_struct_conn_angle        
6 4 'Structure model' struct_conn                   
7 4 'Structure model' struct_site                   
# 
loop_
_pdbx_audit_revision_item.ordinal 
_pdbx_audit_revision_item.revision_ordinal 
_pdbx_audit_revision_item.data_content_type 
_pdbx_audit_revision_item.item 
1  4 'Structure model' '_database_2.pdbx_DOI'                        
2  4 'Structure model' '_database_2.pdbx_database_accession'         
3  4 'Structure model' '_pdbx_struct_conn_angle.ptnr1_auth_seq_id'   
4  4 'Structure model' '_pdbx_struct_conn_angle.ptnr1_label_atom_id' 
5  4 'Structure model' '_pdbx_struct_conn_angle.ptnr1_label_seq_id'  
6  4 'Structure model' '_pdbx_struct_conn_angle.ptnr2_label_atom_id' 
7  4 'Structure model' '_pdbx_struct_conn_angle.ptnr3_label_atom_id' 
8  4 'Structure model' '_pdbx_struct_conn_angle.value'               
9  4 'Structure model' '_struct_conn.pdbx_dist_value'                
10 4 'Structure model' '_struct_conn.ptnr1_auth_comp_id'             
11 4 'Structure model' '_struct_conn.ptnr1_auth_seq_id'              
12 4 'Structure model' '_struct_conn.ptnr1_label_asym_id'            
13 4 'Structure model' '_struct_conn.ptnr1_label_atom_id'            
14 4 'Structure model' '_struct_conn.ptnr1_label_comp_id'            
15 4 'Structure model' '_struct_conn.ptnr1_label_seq_id'             
16 4 'Structure model' '_struct_conn.ptnr2_auth_comp_id'             
17 4 'Structure model' '_struct_conn.ptnr2_auth_seq_id'              
18 4 'Structure model' '_struct_conn.ptnr2_label_asym_id'            
19 4 'Structure model' '_struct_conn.ptnr2_label_atom_id'            
20 4 'Structure model' '_struct_conn.ptnr2_label_comp_id'            
21 4 'Structure model' '_struct_conn.ptnr2_label_seq_id'             
22 4 'Structure model' '_struct_site.pdbx_auth_asym_id'              
23 4 'Structure model' '_struct_site.pdbx_auth_comp_id'              
24 4 'Structure model' '_struct_site.pdbx_auth_seq_id'               
# 
loop_
_software.name 
_software.classification 
_software.version 
_software.citation_id 
_software.pdbx_ordinal 
CNS       refinement       .         ? 1 
SHELXL-97 refinement       .         ? 2 
MOSFLM    'data reduction' .         ? 3 
CCP4      'data scaling'   '(SCALA)' ? 4 
CNS       phasing          .         ? 5 
# 
_pdbx_validate_symm_contact.id                1 
_pdbx_validate_symm_contact.PDB_model_num     1 
_pdbx_validate_symm_contact.auth_atom_id_1    O 
_pdbx_validate_symm_contact.auth_asym_id_1    A 
_pdbx_validate_symm_contact.auth_comp_id_1    HOH 
_pdbx_validate_symm_contact.auth_seq_id_1     163 
_pdbx_validate_symm_contact.PDB_ins_code_1    ? 
_pdbx_validate_symm_contact.label_alt_id_1    ? 
_pdbx_validate_symm_contact.site_symmetry_1   1_555 
_pdbx_validate_symm_contact.auth_atom_id_2    O 
_pdbx_validate_symm_contact.auth_asym_id_2    A 
_pdbx_validate_symm_contact.auth_comp_id_2    HOH 
_pdbx_validate_symm_contact.auth_seq_id_2     163 
_pdbx_validate_symm_contact.PDB_ins_code_2    ? 
_pdbx_validate_symm_contact.label_alt_id_2    ? 
_pdbx_validate_symm_contact.site_symmetry_2   2_654 
_pdbx_validate_symm_contact.dist              1.78 
# 
_pdbx_validate_rmsd_angle.id                         1 
_pdbx_validate_rmsd_angle.PDB_model_num              1 
_pdbx_validate_rmsd_angle.auth_atom_id_1             CB 
_pdbx_validate_rmsd_angle.auth_asym_id_1             A 
_pdbx_validate_rmsd_angle.auth_comp_id_1             ASP 
_pdbx_validate_rmsd_angle.auth_seq_id_1              30 
_pdbx_validate_rmsd_angle.PDB_ins_code_1             ? 
_pdbx_validate_rmsd_angle.label_alt_id_1             ? 
_pdbx_validate_rmsd_angle.auth_atom_id_2             CG 
_pdbx_validate_rmsd_angle.auth_asym_id_2             A 
_pdbx_validate_rmsd_angle.auth_comp_id_2             ASP 
_pdbx_validate_rmsd_angle.auth_seq_id_2              30 
_pdbx_validate_rmsd_angle.PDB_ins_code_2             ? 
_pdbx_validate_rmsd_angle.label_alt_id_2             ? 
_pdbx_validate_rmsd_angle.auth_atom_id_3             OD2 
_pdbx_validate_rmsd_angle.auth_asym_id_3             A 
_pdbx_validate_rmsd_angle.auth_comp_id_3             ASP 
_pdbx_validate_rmsd_angle.auth_seq_id_3              30 
_pdbx_validate_rmsd_angle.PDB_ins_code_3             ? 
_pdbx_validate_rmsd_angle.label_alt_id_3             ? 
_pdbx_validate_rmsd_angle.angle_value                112.18 
_pdbx_validate_rmsd_angle.angle_target_value         118.30 
_pdbx_validate_rmsd_angle.angle_deviation            -6.12 
_pdbx_validate_rmsd_angle.angle_standard_deviation   0.90 
_pdbx_validate_rmsd_angle.linker_flag                N 
# 
_pdbx_validate_torsion.id              1 
_pdbx_validate_torsion.PDB_model_num   1 
_pdbx_validate_torsion.auth_comp_id    ASP 
_pdbx_validate_torsion.auth_asym_id    A 
_pdbx_validate_torsion.auth_seq_id     38 
_pdbx_validate_torsion.PDB_ins_code    ? 
_pdbx_validate_torsion.label_alt_id    ? 
_pdbx_validate_torsion.phi             -156.48 
_pdbx_validate_torsion.psi             26.01 
# 
loop_
_chem_comp_atom.comp_id 
_chem_comp_atom.atom_id 
_chem_comp_atom.type_symbol 
_chem_comp_atom.pdbx_aromatic_flag 
_chem_comp_atom.pdbx_stereo_config 
_chem_comp_atom.pdbx_ordinal 
ALA N    N  N N 1   
ALA CA   C  N S 2   
ALA C    C  N N 3   
ALA O    O  N N 4   
ALA CB   C  N N 5   
ALA OXT  O  N N 6   
ALA H    H  N N 7   
ALA H2   H  N N 8   
ALA HA   H  N N 9   
ALA HB1  H  N N 10  
ALA HB2  H  N N 11  
ALA HB3  H  N N 12  
ALA HXT  H  N N 13  
ASN N    N  N N 14  
ASN CA   C  N S 15  
ASN C    C  N N 16  
ASN O    O  N N 17  
ASN CB   C  N N 18  
ASN CG   C  N N 19  
ASN OD1  O  N N 20  
ASN ND2  N  N N 21  
ASN OXT  O  N N 22  
ASN H    H  N N 23  
ASN H2   H  N N 24  
ASN HA   H  N N 25  
ASN HB2  H  N N 26  
ASN HB3  H  N N 27  
ASN HD21 H  N N 28  
ASN HD22 H  N N 29  
ASN HXT  H  N N 30  
ASP N    N  N N 31  
ASP CA   C  N S 32  
ASP C    C  N N 33  
ASP O    O  N N 34  
ASP CB   C  N N 35  
ASP CG   C  N N 36  
ASP OD1  O  N N 37  
ASP OD2  O  N N 38  
ASP OXT  O  N N 39  
ASP H    H  N N 40  
ASP H2   H  N N 41  
ASP HA   H  N N 42  
ASP HB2  H  N N 43  
ASP HB3  H  N N 44  
ASP HD2  H  N N 45  
ASP HXT  H  N N 46  
CYS N    N  N N 47  
CYS CA   C  N R 48  
CYS C    C  N N 49  
CYS O    O  N N 50  
CYS CB   C  N N 51  
CYS SG   S  N N 52  
CYS OXT  O  N N 53  
CYS H    H  N N 54  
CYS H2   H  N N 55  
CYS HA   H  N N 56  
CYS HB2  H  N N 57  
CYS HB3  H  N N 58  
CYS HG   H  N N 59  
CYS HXT  H  N N 60  
GLN N    N  N N 61  
GLN CA   C  N S 62  
GLN C    C  N N 63  
GLN O    O  N N 64  
GLN CB   C  N N 65  
GLN CG   C  N N 66  
GLN CD   C  N N 67  
GLN OE1  O  N N 68  
GLN NE2  N  N N 69  
GLN OXT  O  N N 70  
GLN H    H  N N 71  
GLN H2   H  N N 72  
GLN HA   H  N N 73  
GLN HB2  H  N N 74  
GLN HB3  H  N N 75  
GLN HG2  H  N N 76  
GLN HG3  H  N N 77  
GLN HE21 H  N N 78  
GLN HE22 H  N N 79  
GLN HXT  H  N N 80  
GLU N    N  N N 81  
GLU CA   C  N S 82  
GLU C    C  N N 83  
GLU O    O  N N 84  
GLU CB   C  N N 85  
GLU CG   C  N N 86  
GLU CD   C  N N 87  
GLU OE1  O  N N 88  
GLU OE2  O  N N 89  
GLU OXT  O  N N 90  
GLU H    H  N N 91  
GLU H2   H  N N 92  
GLU HA   H  N N 93  
GLU HB2  H  N N 94  
GLU HB3  H  N N 95  
GLU HG2  H  N N 96  
GLU HG3  H  N N 97  
GLU HE2  H  N N 98  
GLU HXT  H  N N 99  
GLY N    N  N N 100 
GLY CA   C  N N 101 
GLY C    C  N N 102 
GLY O    O  N N 103 
GLY OXT  O  N N 104 
GLY H    H  N N 105 
GLY H2   H  N N 106 
GLY HA2  H  N N 107 
GLY HA3  H  N N 108 
GLY HXT  H  N N 109 
HOH O    O  N N 110 
HOH H1   H  N N 111 
HOH H2   H  N N 112 
ILE N    N  N N 113 
ILE CA   C  N S 114 
ILE C    C  N N 115 
ILE O    O  N N 116 
ILE CB   C  N S 117 
ILE CG1  C  N N 118 
ILE CG2  C  N N 119 
ILE CD1  C  N N 120 
ILE OXT  O  N N 121 
ILE H    H  N N 122 
ILE H2   H  N N 123 
ILE HA   H  N N 124 
ILE HB   H  N N 125 
ILE HG12 H  N N 126 
ILE HG13 H  N N 127 
ILE HG21 H  N N 128 
ILE HG22 H  N N 129 
ILE HG23 H  N N 130 
ILE HD11 H  N N 131 
ILE HD12 H  N N 132 
ILE HD13 H  N N 133 
ILE HXT  H  N N 134 
LEU N    N  N N 135 
LEU CA   C  N S 136 
LEU C    C  N N 137 
LEU O    O  N N 138 
LEU CB   C  N N 139 
LEU CG   C  N N 140 
LEU CD1  C  N N 141 
LEU CD2  C  N N 142 
LEU OXT  O  N N 143 
LEU H    H  N N 144 
LEU H2   H  N N 145 
LEU HA   H  N N 146 
LEU HB2  H  N N 147 
LEU HB3  H  N N 148 
LEU HG   H  N N 149 
LEU HD11 H  N N 150 
LEU HD12 H  N N 151 
LEU HD13 H  N N 152 
LEU HD21 H  N N 153 
LEU HD22 H  N N 154 
LEU HD23 H  N N 155 
LEU HXT  H  N N 156 
LYS N    N  N N 157 
LYS CA   C  N S 158 
LYS C    C  N N 159 
LYS O    O  N N 160 
LYS CB   C  N N 161 
LYS CG   C  N N 162 
LYS CD   C  N N 163 
LYS CE   C  N N 164 
LYS NZ   N  N N 165 
LYS OXT  O  N N 166 
LYS H    H  N N 167 
LYS H2   H  N N 168 
LYS HA   H  N N 169 
LYS HB2  H  N N 170 
LYS HB3  H  N N 171 
LYS HG2  H  N N 172 
LYS HG3  H  N N 173 
LYS HD2  H  N N 174 
LYS HD3  H  N N 175 
LYS HE2  H  N N 176 
LYS HE3  H  N N 177 
LYS HZ1  H  N N 178 
LYS HZ2  H  N N 179 
LYS HZ3  H  N N 180 
LYS HXT  H  N N 181 
MET N    N  N N 182 
MET CA   C  N S 183 
MET C    C  N N 184 
MET O    O  N N 185 
MET CB   C  N N 186 
MET CG   C  N N 187 
MET SD   S  N N 188 
MET CE   C  N N 189 
MET OXT  O  N N 190 
MET H    H  N N 191 
MET H2   H  N N 192 
MET HA   H  N N 193 
MET HB2  H  N N 194 
MET HB3  H  N N 195 
MET HG2  H  N N 196 
MET HG3  H  N N 197 
MET HE1  H  N N 198 
MET HE2  H  N N 199 
MET HE3  H  N N 200 
MET HXT  H  N N 201 
PHE N    N  N N 202 
PHE CA   C  N S 203 
PHE C    C  N N 204 
PHE O    O  N N 205 
PHE CB   C  N N 206 
PHE CG   C  Y N 207 
PHE CD1  C  Y N 208 
PHE CD2  C  Y N 209 
PHE CE1  C  Y N 210 
PHE CE2  C  Y N 211 
PHE CZ   C  Y N 212 
PHE OXT  O  N N 213 
PHE H    H  N N 214 
PHE H2   H  N N 215 
PHE HA   H  N N 216 
PHE HB2  H  N N 217 
PHE HB3  H  N N 218 
PHE HD1  H  N N 219 
PHE HD2  H  N N 220 
PHE HE1  H  N N 221 
PHE HE2  H  N N 222 
PHE HZ   H  N N 223 
PHE HXT  H  N N 224 
PRO N    N  N N 225 
PRO CA   C  N S 226 
PRO C    C  N N 227 
PRO O    O  N N 228 
PRO CB   C  N N 229 
PRO CG   C  N N 230 
PRO CD   C  N N 231 
PRO OXT  O  N N 232 
PRO H    H  N N 233 
PRO HA   H  N N 234 
PRO HB2  H  N N 235 
PRO HB3  H  N N 236 
PRO HG2  H  N N 237 
PRO HG3  H  N N 238 
PRO HD2  H  N N 239 
PRO HD3  H  N N 240 
PRO HXT  H  N N 241 
SER N    N  N N 242 
SER CA   C  N S 243 
SER C    C  N N 244 
SER O    O  N N 245 
SER CB   C  N N 246 
SER OG   O  N N 247 
SER OXT  O  N N 248 
SER H    H  N N 249 
SER H2   H  N N 250 
SER HA   H  N N 251 
SER HB2  H  N N 252 
SER HB3  H  N N 253 
SER HG   H  N N 254 
SER HXT  H  N N 255 
SF4 FE1  FE N N 256 
SF4 FE2  FE N N 257 
SF4 FE3  FE N N 258 
SF4 FE4  FE N N 259 
SF4 S1   S  N N 260 
SF4 S2   S  N N 261 
SF4 S3   S  N N 262 
SF4 S4   S  N N 263 
SO4 S    S  N N 264 
SO4 O1   O  N N 265 
SO4 O2   O  N N 266 
SO4 O3   O  N N 267 
SO4 O4   O  N N 268 
THR N    N  N N 269 
THR CA   C  N S 270 
THR C    C  N N 271 
THR O    O  N N 272 
THR CB   C  N R 273 
THR OG1  O  N N 274 
THR CG2  C  N N 275 
THR OXT  O  N N 276 
THR H    H  N N 277 
THR H2   H  N N 278 
THR HA   H  N N 279 
THR HB   H  N N 280 
THR HG1  H  N N 281 
THR HG21 H  N N 282 
THR HG22 H  N N 283 
THR HG23 H  N N 284 
THR HXT  H  N N 285 
TYR N    N  N N 286 
TYR CA   C  N S 287 
TYR C    C  N N 288 
TYR O    O  N N 289 
TYR CB   C  N N 290 
TYR CG   C  Y N 291 
TYR CD1  C  Y N 292 
TYR CD2  C  Y N 293 
TYR CE1  C  Y N 294 
TYR CE2  C  Y N 295 
TYR CZ   C  Y N 296 
TYR OH   O  N N 297 
TYR OXT  O  N N 298 
TYR H    H  N N 299 
TYR H2   H  N N 300 
TYR HA   H  N N 301 
TYR HB2  H  N N 302 
TYR HB3  H  N N 303 
TYR HD1  H  N N 304 
TYR HD2  H  N N 305 
TYR HE1  H  N N 306 
TYR HE2  H  N N 307 
TYR HH   H  N N 308 
TYR HXT  H  N N 309 
VAL N    N  N N 310 
VAL CA   C  N S 311 
VAL C    C  N N 312 
VAL O    O  N N 313 
VAL CB   C  N N 314 
VAL CG1  C  N N 315 
VAL CG2  C  N N 316 
VAL OXT  O  N N 317 
VAL H    H  N N 318 
VAL H2   H  N N 319 
VAL HA   H  N N 320 
VAL HB   H  N N 321 
VAL HG11 H  N N 322 
VAL HG12 H  N N 323 
VAL HG13 H  N N 324 
VAL HG21 H  N N 325 
VAL HG22 H  N N 326 
VAL HG23 H  N N 327 
VAL HXT  H  N N 328 
# 
loop_
_chem_comp_bond.comp_id 
_chem_comp_bond.atom_id_1 
_chem_comp_bond.atom_id_2 
_chem_comp_bond.value_order 
_chem_comp_bond.pdbx_aromatic_flag 
_chem_comp_bond.pdbx_stereo_config 
_chem_comp_bond.pdbx_ordinal 
ALA N   CA   sing N N 1   
ALA N   H    sing N N 2   
ALA N   H2   sing N N 3   
ALA CA  C    sing N N 4   
ALA CA  CB   sing N N 5   
ALA CA  HA   sing N N 6   
ALA C   O    doub N N 7   
ALA C   OXT  sing N N 8   
ALA CB  HB1  sing N N 9   
ALA CB  HB2  sing N N 10  
ALA CB  HB3  sing N N 11  
ALA OXT HXT  sing N N 12  
ASN N   CA   sing N N 13  
ASN N   H    sing N N 14  
ASN N   H2   sing N N 15  
ASN CA  C    sing N N 16  
ASN CA  CB   sing N N 17  
ASN CA  HA   sing N N 18  
ASN C   O    doub N N 19  
ASN C   OXT  sing N N 20  
ASN CB  CG   sing N N 21  
ASN CB  HB2  sing N N 22  
ASN CB  HB3  sing N N 23  
ASN CG  OD1  doub N N 24  
ASN CG  ND2  sing N N 25  
ASN ND2 HD21 sing N N 26  
ASN ND2 HD22 sing N N 27  
ASN OXT HXT  sing N N 28  
ASP N   CA   sing N N 29  
ASP N   H    sing N N 30  
ASP N   H2   sing N N 31  
ASP CA  C    sing N N 32  
ASP CA  CB   sing N N 33  
ASP CA  HA   sing N N 34  
ASP C   O    doub N N 35  
ASP C   OXT  sing N N 36  
ASP CB  CG   sing N N 37  
ASP CB  HB2  sing N N 38  
ASP CB  HB3  sing N N 39  
ASP CG  OD1  doub N N 40  
ASP CG  OD2  sing N N 41  
ASP OD2 HD2  sing N N 42  
ASP OXT HXT  sing N N 43  
CYS N   CA   sing N N 44  
CYS N   H    sing N N 45  
CYS N   H2   sing N N 46  
CYS CA  C    sing N N 47  
CYS CA  CB   sing N N 48  
CYS CA  HA   sing N N 49  
CYS C   O    doub N N 50  
CYS C   OXT  sing N N 51  
CYS CB  SG   sing N N 52  
CYS CB  HB2  sing N N 53  
CYS CB  HB3  sing N N 54  
CYS SG  HG   sing N N 55  
CYS OXT HXT  sing N N 56  
GLN N   CA   sing N N 57  
GLN N   H    sing N N 58  
GLN N   H2   sing N N 59  
GLN CA  C    sing N N 60  
GLN CA  CB   sing N N 61  
GLN CA  HA   sing N N 62  
GLN C   O    doub N N 63  
GLN C   OXT  sing N N 64  
GLN CB  CG   sing N N 65  
GLN CB  HB2  sing N N 66  
GLN CB  HB3  sing N N 67  
GLN CG  CD   sing N N 68  
GLN CG  HG2  sing N N 69  
GLN CG  HG3  sing N N 70  
GLN CD  OE1  doub N N 71  
GLN CD  NE2  sing N N 72  
GLN NE2 HE21 sing N N 73  
GLN NE2 HE22 sing N N 74  
GLN OXT HXT  sing N N 75  
GLU N   CA   sing N N 76  
GLU N   H    sing N N 77  
GLU N   H2   sing N N 78  
GLU CA  C    sing N N 79  
GLU CA  CB   sing N N 80  
GLU CA  HA   sing N N 81  
GLU C   O    doub N N 82  
GLU C   OXT  sing N N 83  
GLU CB  CG   sing N N 84  
GLU CB  HB2  sing N N 85  
GLU CB  HB3  sing N N 86  
GLU CG  CD   sing N N 87  
GLU CG  HG2  sing N N 88  
GLU CG  HG3  sing N N 89  
GLU CD  OE1  doub N N 90  
GLU CD  OE2  sing N N 91  
GLU OE2 HE2  sing N N 92  
GLU OXT HXT  sing N N 93  
GLY N   CA   sing N N 94  
GLY N   H    sing N N 95  
GLY N   H2   sing N N 96  
GLY CA  C    sing N N 97  
GLY CA  HA2  sing N N 98  
GLY CA  HA3  sing N N 99  
GLY C   O    doub N N 100 
GLY C   OXT  sing N N 101 
GLY OXT HXT  sing N N 102 
HOH O   H1   sing N N 103 
HOH O   H2   sing N N 104 
ILE N   CA   sing N N 105 
ILE N   H    sing N N 106 
ILE N   H2   sing N N 107 
ILE CA  C    sing N N 108 
ILE CA  CB   sing N N 109 
ILE CA  HA   sing N N 110 
ILE C   O    doub N N 111 
ILE C   OXT  sing N N 112 
ILE CB  CG1  sing N N 113 
ILE CB  CG2  sing N N 114 
ILE CB  HB   sing N N 115 
ILE CG1 CD1  sing N N 116 
ILE CG1 HG12 sing N N 117 
ILE CG1 HG13 sing N N 118 
ILE CG2 HG21 sing N N 119 
ILE CG2 HG22 sing N N 120 
ILE CG2 HG23 sing N N 121 
ILE CD1 HD11 sing N N 122 
ILE CD1 HD12 sing N N 123 
ILE CD1 HD13 sing N N 124 
ILE OXT HXT  sing N N 125 
LEU N   CA   sing N N 126 
LEU N   H    sing N N 127 
LEU N   H2   sing N N 128 
LEU CA  C    sing N N 129 
LEU CA  CB   sing N N 130 
LEU CA  HA   sing N N 131 
LEU C   O    doub N N 132 
LEU C   OXT  sing N N 133 
LEU CB  CG   sing N N 134 
LEU CB  HB2  sing N N 135 
LEU CB  HB3  sing N N 136 
LEU CG  CD1  sing N N 137 
LEU CG  CD2  sing N N 138 
LEU CG  HG   sing N N 139 
LEU CD1 HD11 sing N N 140 
LEU CD1 HD12 sing N N 141 
LEU CD1 HD13 sing N N 142 
LEU CD2 HD21 sing N N 143 
LEU CD2 HD22 sing N N 144 
LEU CD2 HD23 sing N N 145 
LEU OXT HXT  sing N N 146 
LYS N   CA   sing N N 147 
LYS N   H    sing N N 148 
LYS N   H2   sing N N 149 
LYS CA  C    sing N N 150 
LYS CA  CB   sing N N 151 
LYS CA  HA   sing N N 152 
LYS C   O    doub N N 153 
LYS C   OXT  sing N N 154 
LYS CB  CG   sing N N 155 
LYS CB  HB2  sing N N 156 
LYS CB  HB3  sing N N 157 
LYS CG  CD   sing N N 158 
LYS CG  HG2  sing N N 159 
LYS CG  HG3  sing N N 160 
LYS CD  CE   sing N N 161 
LYS CD  HD2  sing N N 162 
LYS CD  HD3  sing N N 163 
LYS CE  NZ   sing N N 164 
LYS CE  HE2  sing N N 165 
LYS CE  HE3  sing N N 166 
LYS NZ  HZ1  sing N N 167 
LYS NZ  HZ2  sing N N 168 
LYS NZ  HZ3  sing N N 169 
LYS OXT HXT  sing N N 170 
MET N   CA   sing N N 171 
MET N   H    sing N N 172 
MET N   H2   sing N N 173 
MET CA  C    sing N N 174 
MET CA  CB   sing N N 175 
MET CA  HA   sing N N 176 
MET C   O    doub N N 177 
MET C   OXT  sing N N 178 
MET CB  CG   sing N N 179 
MET CB  HB2  sing N N 180 
MET CB  HB3  sing N N 181 
MET CG  SD   sing N N 182 
MET CG  HG2  sing N N 183 
MET CG  HG3  sing N N 184 
MET SD  CE   sing N N 185 
MET CE  HE1  sing N N 186 
MET CE  HE2  sing N N 187 
MET CE  HE3  sing N N 188 
MET OXT HXT  sing N N 189 
PHE N   CA   sing N N 190 
PHE N   H    sing N N 191 
PHE N   H2   sing N N 192 
PHE CA  C    sing N N 193 
PHE CA  CB   sing N N 194 
PHE CA  HA   sing N N 195 
PHE C   O    doub N N 196 
PHE C   OXT  sing N N 197 
PHE CB  CG   sing N N 198 
PHE CB  HB2  sing N N 199 
PHE CB  HB3  sing N N 200 
PHE CG  CD1  doub Y N 201 
PHE CG  CD2  sing Y N 202 
PHE CD1 CE1  sing Y N 203 
PHE CD1 HD1  sing N N 204 
PHE CD2 CE2  doub Y N 205 
PHE CD2 HD2  sing N N 206 
PHE CE1 CZ   doub Y N 207 
PHE CE1 HE1  sing N N 208 
PHE CE2 CZ   sing Y N 209 
PHE CE2 HE2  sing N N 210 
PHE CZ  HZ   sing N N 211 
PHE OXT HXT  sing N N 212 
PRO N   CA   sing N N 213 
PRO N   CD   sing N N 214 
PRO N   H    sing N N 215 
PRO CA  C    sing N N 216 
PRO CA  CB   sing N N 217 
PRO CA  HA   sing N N 218 
PRO C   O    doub N N 219 
PRO C   OXT  sing N N 220 
PRO CB  CG   sing N N 221 
PRO CB  HB2  sing N N 222 
PRO CB  HB3  sing N N 223 
PRO CG  CD   sing N N 224 
PRO CG  HG2  sing N N 225 
PRO CG  HG3  sing N N 226 
PRO CD  HD2  sing N N 227 
PRO CD  HD3  sing N N 228 
PRO OXT HXT  sing N N 229 
SER N   CA   sing N N 230 
SER N   H    sing N N 231 
SER N   H2   sing N N 232 
SER CA  C    sing N N 233 
SER CA  CB   sing N N 234 
SER CA  HA   sing N N 235 
SER C   O    doub N N 236 
SER C   OXT  sing N N 237 
SER CB  OG   sing N N 238 
SER CB  HB2  sing N N 239 
SER CB  HB3  sing N N 240 
SER OG  HG   sing N N 241 
SER OXT HXT  sing N N 242 
SF4 FE1 S2   sing N N 243 
SF4 FE1 S3   sing N N 244 
SF4 FE1 S4   sing N N 245 
SF4 FE2 S1   sing N N 246 
SF4 FE2 S3   sing N N 247 
SF4 FE2 S4   sing N N 248 
SF4 FE3 S1   sing N N 249 
SF4 FE3 S2   sing N N 250 
SF4 FE3 S4   sing N N 251 
SF4 FE4 S1   sing N N 252 
SF4 FE4 S2   sing N N 253 
SF4 FE4 S3   sing N N 254 
SO4 S   O1   doub N N 255 
SO4 S   O2   doub N N 256 
SO4 S   O3   sing N N 257 
SO4 S   O4   sing N N 258 
THR N   CA   sing N N 259 
THR N   H    sing N N 260 
THR N   H2   sing N N 261 
THR CA  C    sing N N 262 
THR CA  CB   sing N N 263 
THR CA  HA   sing N N 264 
THR C   O    doub N N 265 
THR C   OXT  sing N N 266 
THR CB  OG1  sing N N 267 
THR CB  CG2  sing N N 268 
THR CB  HB   sing N N 269 
THR OG1 HG1  sing N N 270 
THR CG2 HG21 sing N N 271 
THR CG2 HG22 sing N N 272 
THR CG2 HG23 sing N N 273 
THR OXT HXT  sing N N 274 
TYR N   CA   sing N N 275 
TYR N   H    sing N N 276 
TYR N   H2   sing N N 277 
TYR CA  C    sing N N 278 
TYR CA  CB   sing N N 279 
TYR CA  HA   sing N N 280 
TYR C   O    doub N N 281 
TYR C   OXT  sing N N 282 
TYR CB  CG   sing N N 283 
TYR CB  HB2  sing N N 284 
TYR CB  HB3  sing N N 285 
TYR CG  CD1  doub Y N 286 
TYR CG  CD2  sing Y N 287 
TYR CD1 CE1  sing Y N 288 
TYR CD1 HD1  sing N N 289 
TYR CD2 CE2  doub Y N 290 
TYR CD2 HD2  sing N N 291 
TYR CE1 CZ   doub Y N 292 
TYR CE1 HE1  sing N N 293 
TYR CE2 CZ   sing Y N 294 
TYR CE2 HE2  sing N N 295 
TYR CZ  OH   sing N N 296 
TYR OH  HH   sing N N 297 
TYR OXT HXT  sing N N 298 
VAL N   CA   sing N N 299 
VAL N   H    sing N N 300 
VAL N   H2   sing N N 301 
VAL CA  C    sing N N 302 
VAL CA  CB   sing N N 303 
VAL CA  HA   sing N N 304 
VAL C   O    doub N N 305 
VAL C   OXT  sing N N 306 
VAL CB  CG1  sing N N 307 
VAL CB  CG2  sing N N 308 
VAL CB  HB   sing N N 309 
VAL CG1 HG11 sing N N 310 
VAL CG1 HG12 sing N N 311 
VAL CG1 HG13 sing N N 312 
VAL CG2 HG21 sing N N 313 
VAL CG2 HG22 sing N N 314 
VAL CG2 HG23 sing N N 315 
VAL OXT HXT  sing N N 316 
# 
loop_
_pdbx_entity_nonpoly.entity_id 
_pdbx_entity_nonpoly.name 
_pdbx_entity_nonpoly.comp_id 
2 'SULFATE ION'         SO4 
3 'IRON/SULFUR CLUSTER' SF4 
4 water                 HOH 
# 
_pdbx_initial_refinement_model.id               1 
_pdbx_initial_refinement_model.entity_id_list   ? 
_pdbx_initial_refinement_model.type             'experimental model' 
_pdbx_initial_refinement_model.source_name      PDB 
_pdbx_initial_refinement_model.accession_code   2FXB 
_pdbx_initial_refinement_model.details          ? 
# 
